data_2O1I
# 
_entry.id   2O1I 
# 
_audit_conform.dict_name       mmcif_pdbx.dic 
_audit_conform.dict_version    5.383 
_audit_conform.dict_location   http://mmcif.pdb.org/dictionaries/ascii/mmcif_pdbx.dic 
# 
loop_
_database_2.database_id 
_database_2.database_code 
_database_2.pdbx_database_accession 
_database_2.pdbx_DOI 
PDB   2O1I         pdb_00002o1i 10.2210/pdb2o1i/pdb 
NDB   DD0088       ?            ?                   
RCSB  RCSB040568   ?            ?                   
WWPDB D_1000040568 ?            ?                   
# 
loop_
_pdbx_audit_revision_history.ordinal 
_pdbx_audit_revision_history.data_content_type 
_pdbx_audit_revision_history.major_revision 
_pdbx_audit_revision_history.minor_revision 
_pdbx_audit_revision_history.revision_date 
1 'Structure model' 1 0 2007-01-09 
2 'Structure model' 1 1 2008-05-01 
3 'Structure model' 1 2 2011-07-13 
4 'Structure model' 1 3 2023-12-27 
# 
_pdbx_audit_revision_details.ordinal             1 
_pdbx_audit_revision_details.revision_ordinal    1 
_pdbx_audit_revision_details.data_content_type   'Structure model' 
_pdbx_audit_revision_details.provider            repository 
_pdbx_audit_revision_details.type                'Initial release' 
_pdbx_audit_revision_details.description         ? 
_pdbx_audit_revision_details.details             ? 
# 
loop_
_pdbx_audit_revision_group.ordinal 
_pdbx_audit_revision_group.revision_ordinal 
_pdbx_audit_revision_group.data_content_type 
_pdbx_audit_revision_group.group 
1 2 'Structure model' 'Version format compliance' 
2 3 'Structure model' 'Version format compliance' 
3 4 'Structure model' 'Data collection'           
4 4 'Structure model' 'Database references'       
5 4 'Structure model' 'Derived calculations'      
# 
loop_
_pdbx_audit_revision_category.ordinal 
_pdbx_audit_revision_category.revision_ordinal 
_pdbx_audit_revision_category.data_content_type 
_pdbx_audit_revision_category.category 
1 4 'Structure model' chem_comp_atom               
2 4 'Structure model' chem_comp_bond               
3 4 'Structure model' database_2                   
4 4 'Structure model' pdbx_struct_special_symmetry 
5 4 'Structure model' struct_site                  
# 
loop_
_pdbx_audit_revision_item.ordinal 
_pdbx_audit_revision_item.revision_ordinal 
_pdbx_audit_revision_item.data_content_type 
_pdbx_audit_revision_item.item 
1 4 'Structure model' '_database_2.pdbx_DOI'                
2 4 'Structure model' '_database_2.pdbx_database_accession' 
3 4 'Structure model' '_struct_site.pdbx_auth_asym_id'      
4 4 'Structure model' '_struct_site.pdbx_auth_comp_id'      
5 4 'Structure model' '_struct_site.pdbx_auth_seq_id'       
# 
_pdbx_database_status.status_code                     REL 
_pdbx_database_status.entry_id                        2O1I 
_pdbx_database_status.recvd_initial_deposition_date   2006-11-28 
_pdbx_database_status.deposit_site                    RCSB 
_pdbx_database_status.process_site                    RCSB 
_pdbx_database_status.status_code_sf                  REL 
_pdbx_database_status.status_code_mr                  ? 
_pdbx_database_status.SG_entry                        ? 
_pdbx_database_status.pdb_format_compatible           Y 
_pdbx_database_status.status_code_cs                  ? 
_pdbx_database_status.status_code_nmr_data            ? 
_pdbx_database_status.methods_development_category    ? 
# 
loop_
_audit_author.name 
_audit_author.pdbx_ordinal 
'Pierre, V.C.' 1 
'Kaiser, J.T.' 2 
'Barton, J.K.' 3 
# 
_citation.id                        primary 
_citation.title                     
'Insights into finding a mismatch through the structure of a mispaired DNA bound by a rhodium intercalator.' 
_citation.journal_abbrev            Proc.Natl.Acad.Sci.Usa 
_citation.journal_volume            104 
_citation.page_first                429 
_citation.page_last                 434 
_citation.year                      2007 
_citation.journal_id_ASTM           PNASA6 
_citation.country                   US 
_citation.journal_id_ISSN           0027-8424 
_citation.journal_id_CSD            0040 
_citation.book_publisher            ? 
_citation.pdbx_database_id_PubMed   17194756 
_citation.pdbx_database_id_DOI      10.1073/pnas.0610170104 
# 
loop_
_citation_author.citation_id 
_citation_author.name 
_citation_author.ordinal 
_citation_author.identifier_ORCID 
primary 'Pierre, V.C.' 1 ? 
primary 'Kaiser, J.T.' 2 ? 
primary 'Barton, J.K.' 3 ? 
# 
loop_
_entity.id 
_entity.type 
_entity.src_method 
_entity.pdbx_description 
_entity.formula_weight 
_entity.pdbx_number_of_molecules 
_entity.pdbx_ec 
_entity.pdbx_mutation 
_entity.pdbx_fragment 
_entity.details 
1 polymer     syn "5'-D(*CP*GP*GP*AP*AP*AP*TP*TP*CP*CP*CP*G)-3'"                                                3647.393 1  ? ? ? 
? 
2 non-polymer syn "bis(2,2'-bipyridine-kappa~2~N~1~,N~1'~)[chrysene-5,6-diiminato(2-)-kappa~2~N,N']rhodium(4+)" 669.559  3  ? ? ? 
? 
3 water       nat water                                                                                         18.015   75 ? ? ? 
? 
# 
_entity_poly.entity_id                      1 
_entity_poly.type                           polydeoxyribonucleotide 
_entity_poly.nstd_linkage                   no 
_entity_poly.nstd_monomer                   no 
_entity_poly.pdbx_seq_one_letter_code       '(DC)(DG)(DG)(DA)(DA)(DA)(DT)(DT)(DC)(DC)(DC)(DG)' 
_entity_poly.pdbx_seq_one_letter_code_can   CGGAAATTCCCG 
_entity_poly.pdbx_strand_id                 A 
_entity_poly.pdbx_target_identifier         ? 
# 
loop_
_pdbx_entity_nonpoly.entity_id 
_pdbx_entity_nonpoly.name 
_pdbx_entity_nonpoly.comp_id 
2 "bis(2,2'-bipyridine-kappa~2~N~1~,N~1'~)[chrysene-5,6-diiminato(2-)-kappa~2~N,N']rhodium(4+)" R1C 
3 water                                                                                         HOH 
# 
loop_
_entity_poly_seq.entity_id 
_entity_poly_seq.num 
_entity_poly_seq.mon_id 
_entity_poly_seq.hetero 
1 1  DC n 
1 2  DG n 
1 3  DG n 
1 4  DA n 
1 5  DA n 
1 6  DA n 
1 7  DT n 
1 8  DT n 
1 9  DC n 
1 10 DC n 
1 11 DC n 
1 12 DG n 
# 
_pdbx_entity_src_syn.entity_id              1 
_pdbx_entity_src_syn.pdbx_src_id            1 
_pdbx_entity_src_syn.pdbx_alt_source_flag   sample 
_pdbx_entity_src_syn.pdbx_beg_seq_num       ? 
_pdbx_entity_src_syn.pdbx_end_seq_num       ? 
_pdbx_entity_src_syn.organism_scientific    ? 
_pdbx_entity_src_syn.organism_common_name   ? 
_pdbx_entity_src_syn.ncbi_taxonomy_id       ? 
_pdbx_entity_src_syn.details                'solid phase synthesis' 
# 
loop_
_chem_comp.id 
_chem_comp.type 
_chem_comp.mon_nstd_flag 
_chem_comp.name 
_chem_comp.pdbx_synonyms 
_chem_comp.formula 
_chem_comp.formula_weight 
DA  'DNA linking' y "2'-DEOXYADENOSINE-5'-MONOPHOSPHATE"                                                          ? 
'C10 H14 N5 O6 P' 331.222 
DC  'DNA linking' y "2'-DEOXYCYTIDINE-5'-MONOPHOSPHATE"                                                           ? 
'C9 H14 N3 O7 P'  307.197 
DG  'DNA linking' y "2'-DEOXYGUANOSINE-5'-MONOPHOSPHATE"                                                          ? 
'C10 H14 N5 O7 P' 347.221 
DT  'DNA linking' y "THYMIDINE-5'-MONOPHOSPHATE"                                                                  ? 
'C10 H15 N2 O8 P' 322.208 
HOH non-polymer   . WATER                                                                                         ? 'H2 O' 18.015  
R1C non-polymer   . "bis(2,2'-bipyridine-kappa~2~N~1~,N~1'~)[chrysene-5,6-diiminato(2-)-kappa~2~N,N']rhodium(4+)" 
;DELTA-Rhodium(III)- bis-(2,2'-bipyridyl)-5,6-chrysenequinone diimine
;
'C38 H26 N6 Rh 4' 669.559 
# 
loop_
_pdbx_poly_seq_scheme.asym_id 
_pdbx_poly_seq_scheme.entity_id 
_pdbx_poly_seq_scheme.seq_id 
_pdbx_poly_seq_scheme.mon_id 
_pdbx_poly_seq_scheme.ndb_seq_num 
_pdbx_poly_seq_scheme.pdb_seq_num 
_pdbx_poly_seq_scheme.auth_seq_num 
_pdbx_poly_seq_scheme.pdb_mon_id 
_pdbx_poly_seq_scheme.auth_mon_id 
_pdbx_poly_seq_scheme.pdb_strand_id 
_pdbx_poly_seq_scheme.pdb_ins_code 
_pdbx_poly_seq_scheme.hetero 
A 1 1  DC 1  1  1  DC C A . n 
A 1 2  DG 2  2  2  DG G A . n 
A 1 3  DG 3  3  3  DG G A . n 
A 1 4  DA 4  4  4  DA A A . n 
A 1 5  DA 5  5  5  DA A A . n 
A 1 6  DA 6  6  6  DA A A . n 
A 1 7  DT 7  7  7  DT T A . n 
A 1 8  DT 8  8  8  DT T A . n 
A 1 9  DC 9  9  9  DC C A . n 
A 1 10 DC 10 10 10 DC C A . n 
A 1 11 DC 11 11 11 DC C A . n 
A 1 12 DG 12 12 12 DG G A . n 
# 
loop_
_pdbx_nonpoly_scheme.asym_id 
_pdbx_nonpoly_scheme.entity_id 
_pdbx_nonpoly_scheme.mon_id 
_pdbx_nonpoly_scheme.ndb_seq_num 
_pdbx_nonpoly_scheme.pdb_seq_num 
_pdbx_nonpoly_scheme.auth_seq_num 
_pdbx_nonpoly_scheme.pdb_mon_id 
_pdbx_nonpoly_scheme.auth_mon_id 
_pdbx_nonpoly_scheme.pdb_strand_id 
_pdbx_nonpoly_scheme.pdb_ins_code 
B 2 R1C 1  1001 1001 R1C R1C A . 
C 2 R1C 1  2011 2011 R1C R1C A . 
D 2 R1C 1  1002 1002 R1C R1C A . 
E 3 HOH 1  2012 1    HOH HOH A . 
E 3 HOH 2  2013 2    HOH HOH A . 
E 3 HOH 3  2014 3    HOH HOH A . 
E 3 HOH 4  2015 4    HOH HOH A . 
E 3 HOH 5  2016 5    HOH HOH A . 
E 3 HOH 6  2017 6    HOH HOH A . 
E 3 HOH 7  2018 7    HOH HOH A . 
E 3 HOH 8  2019 8    HOH HOH A . 
E 3 HOH 9  2020 9    HOH HOH A . 
E 3 HOH 10 2021 10   HOH HOH A . 
E 3 HOH 11 2022 11   HOH HOH A . 
E 3 HOH 12 2023 12   HOH HOH A . 
E 3 HOH 13 2024 13   HOH HOH A . 
E 3 HOH 14 2025 14   HOH HOH A . 
E 3 HOH 15 2026 15   HOH HOH A . 
E 3 HOH 16 2027 16   HOH HOH A . 
E 3 HOH 17 2028 17   HOH HOH A . 
E 3 HOH 18 2029 18   HOH HOH A . 
E 3 HOH 19 2030 19   HOH HOH A . 
E 3 HOH 20 2031 20   HOH HOH A . 
E 3 HOH 21 2032 21   HOH HOH A . 
E 3 HOH 22 2033 22   HOH HOH A . 
E 3 HOH 23 2034 23   HOH HOH A . 
E 3 HOH 24 2035 24   HOH HOH A . 
E 3 HOH 25 2036 25   HOH HOH A . 
E 3 HOH 26 2037 26   HOH HOH A . 
E 3 HOH 27 2038 27   HOH HOH A . 
E 3 HOH 28 2039 28   HOH HOH A . 
E 3 HOH 29 2040 29   HOH HOH A . 
E 3 HOH 30 2041 30   HOH HOH A . 
E 3 HOH 31 2042 31   HOH HOH A . 
E 3 HOH 32 2043 32   HOH HOH A . 
E 3 HOH 33 2044 33   HOH HOH A . 
E 3 HOH 34 2045 34   HOH HOH A . 
E 3 HOH 35 2046 35   HOH HOH A . 
E 3 HOH 36 2047 36   HOH HOH A . 
E 3 HOH 37 2048 37   HOH HOH A . 
E 3 HOH 38 2049 38   HOH HOH A . 
E 3 HOH 39 2050 39   HOH HOH A . 
E 3 HOH 40 2051 40   HOH HOH A . 
E 3 HOH 41 2052 41   HOH HOH A . 
E 3 HOH 42 2053 42   HOH HOH A . 
E 3 HOH 43 2054 43   HOH HOH A . 
E 3 HOH 44 2055 44   HOH HOH A . 
E 3 HOH 45 2056 45   HOH HOH A . 
E 3 HOH 46 2057 46   HOH HOH A . 
E 3 HOH 47 2058 47   HOH HOH A . 
E 3 HOH 48 2059 48   HOH HOH A . 
E 3 HOH 49 2060 49   HOH HOH A . 
E 3 HOH 50 2061 50   HOH HOH A . 
E 3 HOH 51 2062 51   HOH HOH A . 
E 3 HOH 52 2063 52   HOH HOH A . 
E 3 HOH 53 2064 53   HOH HOH A . 
E 3 HOH 54 2065 54   HOH HOH A . 
E 3 HOH 55 2066 55   HOH HOH A . 
E 3 HOH 56 2067 56   HOH HOH A . 
E 3 HOH 57 2068 57   HOH HOH A . 
E 3 HOH 58 2069 58   HOH HOH A . 
E 3 HOH 59 2070 59   HOH HOH A . 
E 3 HOH 60 2071 60   HOH HOH A . 
E 3 HOH 61 2072 61   HOH HOH A . 
E 3 HOH 62 2073 62   HOH HOH A . 
E 3 HOH 63 2074 64   HOH HOH A . 
E 3 HOH 64 2075 65   HOH HOH A . 
E 3 HOH 65 2076 66   HOH HOH A . 
E 3 HOH 66 2077 67   HOH HOH A . 
E 3 HOH 67 2078 68   HOH HOH A . 
E 3 HOH 68 2079 69   HOH HOH A . 
E 3 HOH 69 2080 70   HOH HOH A . 
E 3 HOH 70 2081 71   HOH HOH A . 
E 3 HOH 71 2082 72   HOH HOH A . 
E 3 HOH 72 2083 73   HOH HOH A . 
E 3 HOH 73 2084 74   HOH HOH A . 
E 3 HOH 74 2085 75   HOH HOH A . 
E 3 HOH 75 2086 76   HOH HOH A . 
# 
loop_
_software.name 
_software.classification 
_software.version 
_software.citation_id 
_software.pdbx_ordinal 
SHELX     'model building'  .         ? 1 
SHELXL-97 refinement        .         ? 2 
Blu-Ice   'data collection' .         ? 3 
MOSFLM    'data reduction'  .         ? 4 
CCP4      'data scaling'    '(SCALA)' ? 5 
SHELXD    phasing           .         ? 6 
# 
_cell.entry_id           2O1I 
_cell.length_a           38.740 
_cell.length_b           38.740 
_cell.length_c           57.560 
_cell.angle_alpha        90.00 
_cell.angle_beta         90.00 
_cell.angle_gamma        90.00 
_cell.Z_PDB              8 
_cell.pdbx_unique_axis   ? 
_cell.length_a_esd       ? 
_cell.length_b_esd       ? 
_cell.length_c_esd       ? 
_cell.angle_alpha_esd    ? 
_cell.angle_beta_esd     ? 
_cell.angle_gamma_esd    ? 
# 
_symmetry.entry_id                         2O1I 
_symmetry.space_group_name_H-M             'P 43 21 2' 
_symmetry.pdbx_full_space_group_name_H-M   ? 
_symmetry.cell_setting                     ? 
_symmetry.Int_Tables_number                96 
_symmetry.space_group_name_Hall            ? 
# 
_exptl.entry_id          2O1I 
_exptl.method            'X-RAY DIFFRACTION' 
_exptl.crystals_number   1 
# 
_exptl_crystal.id                    1 
_exptl_crystal.density_meas          ? 
_exptl_crystal.density_Matthews      2.0 
_exptl_crystal.density_percent_sol   56.63 
_exptl_crystal.description           ? 
_exptl_crystal.F_000                 ? 
_exptl_crystal.preparation           ? 
# 
_exptl_crystal_grow.crystal_id      1 
_exptl_crystal_grow.method          'VAPOR DIFFUSION, SITTING DROP' 
_exptl_crystal_grow.temp            298 
_exptl_crystal_grow.temp_details    ? 
_exptl_crystal_grow.pH              7.0 
_exptl_crystal_grow.pdbx_details    
;SrCl2 40mM, MgCl2 10mM, Na-cacodylate 20mM, spermine-4HCl 6mM, MPD 5%(v/v)equilibrated against 35% MPD, pH 7.0, VAPOR DIFFUSION, SITTING DROP, temperature 298K
;
_exptl_crystal_grow.pdbx_pH_range   . 
# 
loop_
_exptl_crystal_grow_comp.crystal_id 
_exptl_crystal_grow_comp.id 
_exptl_crystal_grow_comp.sol_id 
_exptl_crystal_grow_comp.name 
_exptl_crystal_grow_comp.volume 
_exptl_crystal_grow_comp.conc 
_exptl_crystal_grow_comp.details 
1 1  1 SrCl2         ? ? ? 
1 2  1 MgCl2         ? ? ? 
1 3  1 Na-cacodylate ? ? ? 
1 4  1 spermine-4HCl ? ? ? 
1 5  1 MPD           ? ? ? 
1 6  1 HOH           ? ? ? 
1 7  2 SrCl2         ? ? ? 
1 8  2 MgCl2         ? ? ? 
1 9  2 Na-cacodylate ? ? ? 
1 10 2 MPD           ? ? ? 
1 11 2 HOH           ? ? ? 
# 
loop_
_diffrn.id 
_diffrn.ambient_temp 
_diffrn.ambient_temp_details 
_diffrn.crystal_id 
1 100 ? 1 
2 100 ? 1 
# 
loop_
_diffrn_detector.diffrn_id 
_diffrn_detector.detector 
_diffrn_detector.type 
_diffrn_detector.pdbx_collection_date 
_diffrn_detector.details 
1 'IMAGE PLATE' 'RIGAKU RAXIS IV'  2006-05-05 ? 
2 CCD           'ADSC QUANTUM 315' 2006-05-19 ? 
# 
_diffrn_radiation.diffrn_id                        1 
_diffrn_radiation.wavelength_id                    1 
_diffrn_radiation.pdbx_monochromatic_or_laue_m_l   M 
_diffrn_radiation.monochromator                    ? 
_diffrn_radiation.pdbx_diffrn_protocol             'SINGLE WAVELENGTH' 
_diffrn_radiation.pdbx_scattering_type             x-ray 
# 
loop_
_diffrn_radiation_wavelength.id 
_diffrn_radiation_wavelength.wavelength 
_diffrn_radiation_wavelength.wt 
1 1.5418  1.0 
2 1.03317 1.0 
# 
loop_
_diffrn_source.diffrn_id 
_diffrn_source.source 
_diffrn_source.type 
_diffrn_source.pdbx_synchrotron_site 
_diffrn_source.pdbx_synchrotron_beamline 
_diffrn_source.pdbx_wavelength 
_diffrn_source.pdbx_wavelength_list 
1 'ROTATING ANODE' RIGAKU                 ?    ?      ? 1.5418  
2 SYNCHROTRON      'SSRL BEAMLINE BL11-1' SSRL BL11-1 ? 1.03317 
# 
_reflns.entry_id                     2O1I 
_reflns.observed_criterion_sigma_F   ? 
_reflns.observed_criterion_sigma_I   ? 
_reflns.d_resolution_high            1.10 
_reflns.d_resolution_low             24 
_reflns.number_all                   ? 
_reflns.number_obs                   17269 
_reflns.percent_possible_obs         94.0 
_reflns.pdbx_Rmerge_I_obs            0.107 
_reflns.pdbx_Rsym_value              0.107 
_reflns.pdbx_netI_over_sigmaI        13.4 
_reflns.B_iso_Wilson_estimate        14.85 
_reflns.pdbx_redundancy              8.7 
_reflns.R_free_details               ? 
_reflns.pdbx_chi_squared             ? 
_reflns.pdbx_scaling_rejects         ? 
_reflns.pdbx_diffrn_id               1 
_reflns.pdbx_ordinal                 1 
# 
_reflns_shell.d_res_high             1.07 
_reflns_shell.d_res_low              1.14 
_reflns_shell.percent_possible_all   100 
_reflns_shell.Rmerge_I_obs           0.015 
_reflns_shell.pdbx_Rsym_value        1.5 
_reflns_shell.meanI_over_sigI_obs    .9 
_reflns_shell.pdbx_redundancy        5.8 
_reflns_shell.percent_possible_obs   ? 
_reflns_shell.number_unique_all      ? 
_reflns_shell.number_measured_all    ? 
_reflns_shell.number_measured_obs    ? 
_reflns_shell.number_unique_obs      ? 
_reflns_shell.pdbx_chi_squared       ? 
_reflns_shell.pdbx_diffrn_id         ? 
_reflns_shell.pdbx_ordinal           1 
# 
_refine.entry_id                                 2O1I 
_refine.ls_number_reflns_obs                     17269 
_refine.ls_number_reflns_all                     ? 
_refine.pdbx_ls_sigma_I                          ? 
_refine.pdbx_ls_sigma_F                          0.0 
_refine.pdbx_data_cutoff_high_absF               ? 
_refine.pdbx_data_cutoff_low_absF                ? 
_refine.pdbx_data_cutoff_high_rms_absF           ? 
_refine.ls_d_res_low                             ? 
_refine.ls_d_res_high                            1.10 
_refine.ls_percent_reflns_obs                    94.0 
_refine.ls_R_factor_obs                          ? 
_refine.ls_R_factor_all                          0.1515 
_refine.ls_R_factor_R_work                       ? 
_refine.ls_R_factor_R_free                       0.204 
_refine.ls_R_factor_R_free_error                 ? 
_refine.ls_R_factor_R_free_error_details         ? 
_refine.ls_percent_reflns_R_free                 ? 
_refine.ls_number_reflns_R_free                  ? 
_refine.ls_number_parameters                     4070 
_refine.ls_number_restraints                     5578 
_refine.occupancy_min                            ? 
_refine.occupancy_max                            ? 
_refine.correlation_coeff_Fo_to_Fc               ? 
_refine.correlation_coeff_Fo_to_Fc_free          ? 
_refine.B_iso_mean                               ? 
_refine.aniso_B[1][1]                            ? 
_refine.aniso_B[2][2]                            ? 
_refine.aniso_B[3][3]                            ? 
_refine.aniso_B[1][2]                            ? 
_refine.aniso_B[1][3]                            ? 
_refine.aniso_B[2][3]                            ? 
_refine.solvent_model_details                    ? 
_refine.solvent_model_param_ksol                 ? 
_refine.solvent_model_param_bsol                 ? 
_refine.pdbx_solvent_vdw_probe_radii             ? 
_refine.pdbx_solvent_ion_probe_radii             ? 
_refine.pdbx_solvent_shrinkage_radii             ? 
_refine.pdbx_ls_cross_valid_method               'FREE R' 
_refine.details                                  ? 
_refine.pdbx_starting_model                      ? 
_refine.pdbx_method_to_determine_struct          'AB INITIO' 
_refine.pdbx_isotropic_thermal_model             ? 
_refine.pdbx_stereochemistry_target_values       'ENGH AND HUBER' 
_refine.pdbx_stereochem_target_val_spec_case     ? 
_refine.pdbx_R_Free_selection_details            RANDOM 
_refine.pdbx_overall_ESU_R                       ? 
_refine.pdbx_overall_ESU_R_Free                  ? 
_refine.overall_SU_ML                            ? 
_refine.overall_SU_B                             ? 
_refine.ls_redundancy_reflns_obs                 ? 
_refine.overall_SU_R_Cruickshank_DPI             ? 
_refine.overall_SU_R_free                        ? 
_refine.ls_wR_factor_R_free                      ? 
_refine.ls_wR_factor_R_work                      ? 
_refine.overall_FOM_free_R_set                   ? 
_refine.overall_FOM_work_R_set                   ? 
_refine.pdbx_refine_id                           'X-RAY DIFFRACTION' 
_refine.pdbx_overall_phase_error                 ? 
_refine.pdbx_diffrn_id                           1 
_refine.pdbx_TLS_residual_ADP_flag               ? 
_refine.pdbx_overall_SU_R_free_Cruickshank_DPI   ? 
_refine.pdbx_overall_SU_R_Blow_DPI               ? 
_refine.pdbx_overall_SU_R_free_Blow_DPI          ? 
# 
_refine_analyze.entry_id                        2O1I 
_refine_analyze.Luzzati_coordinate_error_obs    ? 
_refine_analyze.Luzzati_sigma_a_obs             ? 
_refine_analyze.Luzzati_d_res_low_obs           ? 
_refine_analyze.Luzzati_coordinate_error_free   ? 
_refine_analyze.Luzzati_sigma_a_free            ? 
_refine_analyze.Luzzati_d_res_low_free          ? 
_refine_analyze.number_disordered_residues      2 
_refine_analyze.occupancy_sum_hydrogen          178.00 
_refine_analyze.occupancy_sum_non_hydrogen      384.00 
_refine_analyze.pdbx_refine_id                  'X-RAY DIFFRACTION' 
# 
_refine_hist.pdbx_refine_id                   'X-RAY DIFFRACTION' 
_refine_hist.cycle_id                         LAST 
_refine_hist.pdbx_number_atoms_protein        0 
_refine_hist.pdbx_number_atoms_nucleic_acid   242 
_refine_hist.pdbx_number_atoms_ligand         135 
_refine_hist.number_atoms_solvent             75 
_refine_hist.number_atoms_total               452 
_refine_hist.d_res_high                       1.10 
_refine_hist.d_res_low                        . 
# 
loop_
_refine_ls_restr.type 
_refine_ls_restr.dev_ideal 
_refine_ls_restr.dev_ideal_target 
_refine_ls_restr.weight 
_refine_ls_restr.number 
_refine_ls_restr.pdbx_refine_id 
_refine_ls_restr.pdbx_restraint_function 
s_bond_d               0.024  ? ? ? 'X-RAY DIFFRACTION' ? 
s_angle_d              0.041  ? ? ? 'X-RAY DIFFRACTION' ? 
s_similar_dist         0.000  ? ? ? 'X-RAY DIFFRACTION' ? 
s_from_restr_planes    0.0135 ? ? ? 'X-RAY DIFFRACTION' ? 
s_zero_chiral_vol      0.000  ? ? ? 'X-RAY DIFFRACTION' ? 
s_non_zero_chiral_vol  0.022  ? ? ? 'X-RAY DIFFRACTION' ? 
s_anti_bump_dis_restr  0.000  ? ? ? 'X-RAY DIFFRACTION' ? 
s_rigid_bond_adp_cmpnt 0.005  ? ? ? 'X-RAY DIFFRACTION' ? 
s_similar_adp_cmpnt    0.036  ? ? ? 'X-RAY DIFFRACTION' ? 
s_approx_iso_adps      0.109  ? ? ? 'X-RAY DIFFRACTION' ? 
# 
_pdbx_refine.entry_id                                    2O1I 
_pdbx_refine.R_factor_all_no_cutoff                      0.1515 
_pdbx_refine.R_factor_obs_no_cutoff                      ? 
_pdbx_refine.free_R_factor_no_cutoff                     ? 
_pdbx_refine.free_R_val_test_set_size_perc_no_cutoff     ? 
_pdbx_refine.free_R_val_test_set_ct_no_cutoff            ? 
_pdbx_refine.R_factor_all_4sig_cutoff                    0.13 
_pdbx_refine.R_factor_obs_4sig_cutoff                    ? 
_pdbx_refine.free_R_factor_4sig_cutoff                   ? 
_pdbx_refine.free_R_val_test_set_size_perc_4sig_cutoff   ? 
_pdbx_refine.free_R_val_test_set_ct_4sig_cutoff          ? 
_pdbx_refine.number_reflns_obs_4sig_cutoff               12124 
_pdbx_refine.pdbx_refine_id                              'X-RAY DIFFRACTION' 
_pdbx_refine.free_R_error_no_cutoff                      ? 
# 
_struct.entry_id                  2O1I 
_struct.title                     'RH(BPY)2CHRYSI complexed to mismatched DNA' 
_struct.pdbx_model_details        ? 
_struct.pdbx_CASP_flag            ? 
_struct.pdbx_model_type_details   ? 
# 
_struct_keywords.entry_id        2O1I 
_struct_keywords.pdbx_keywords   DNA 
_struct_keywords.text            'DNA mismatch, metallointercalator, DNA recognition, DNA' 
# 
loop_
_struct_asym.id 
_struct_asym.pdbx_blank_PDB_chainid_flag 
_struct_asym.pdbx_modified 
_struct_asym.entity_id 
_struct_asym.details 
A N N 1 ? 
B N N 2 ? 
C N N 2 ? 
D N N 2 ? 
E N N 3 ? 
# 
_struct_ref.id                         1 
_struct_ref.entity_id                  1 
_struct_ref.db_name                    PDB 
_struct_ref.db_code                    2O1I 
_struct_ref.pdbx_db_accession          2O1I 
_struct_ref.pdbx_align_begin           ? 
_struct_ref.pdbx_seq_one_letter_code   ? 
_struct_ref.pdbx_db_isoform            ? 
# 
_struct_ref_seq.align_id                      1 
_struct_ref_seq.ref_id                        1 
_struct_ref_seq.pdbx_PDB_id_code              2O1I 
_struct_ref_seq.pdbx_strand_id                A 
_struct_ref_seq.seq_align_beg                 1 
_struct_ref_seq.pdbx_seq_align_beg_ins_code   ? 
_struct_ref_seq.seq_align_end                 12 
_struct_ref_seq.pdbx_seq_align_end_ins_code   ? 
_struct_ref_seq.pdbx_db_accession             2O1I 
_struct_ref_seq.db_align_beg                  1 
_struct_ref_seq.pdbx_db_align_beg_ins_code    ? 
_struct_ref_seq.db_align_end                  12 
_struct_ref_seq.pdbx_db_align_end_ins_code    ? 
_struct_ref_seq.pdbx_auth_seq_align_beg       1 
_struct_ref_seq.pdbx_auth_seq_align_end       12 
# 
_pdbx_struct_assembly.id                   1 
_pdbx_struct_assembly.details              author_defined_assembly 
_pdbx_struct_assembly.method_details       ? 
_pdbx_struct_assembly.oligomeric_details   dimeric 
_pdbx_struct_assembly.oligomeric_count     2 
# 
_pdbx_struct_assembly_gen.assembly_id       1 
_pdbx_struct_assembly_gen.oper_expression   1,2 
_pdbx_struct_assembly_gen.asym_id_list      A,B,C,D,E 
# 
loop_
_pdbx_struct_oper_list.id 
_pdbx_struct_oper_list.type 
_pdbx_struct_oper_list.name 
_pdbx_struct_oper_list.symmetry_operation 
_pdbx_struct_oper_list.matrix[1][1] 
_pdbx_struct_oper_list.matrix[1][2] 
_pdbx_struct_oper_list.matrix[1][3] 
_pdbx_struct_oper_list.vector[1] 
_pdbx_struct_oper_list.matrix[2][1] 
_pdbx_struct_oper_list.matrix[2][2] 
_pdbx_struct_oper_list.matrix[2][3] 
_pdbx_struct_oper_list.vector[2] 
_pdbx_struct_oper_list.matrix[3][1] 
_pdbx_struct_oper_list.matrix[3][2] 
_pdbx_struct_oper_list.matrix[3][3] 
_pdbx_struct_oper_list.vector[3] 
1 'identity operation'         1_555 x,y,z  1.0000000000 0.0000000000  0.0000000000  0.0000000000  0.0000000000  1.0000000000  0.0000000000 0.0000000000  0.0000000000  0.0000000000 1.0000000000  0.0000000000  
2 'crystal symmetry operation' 7_555 y,x,-z 0.0161745679 -0.2327499288 -0.9724021051 -0.9423839153 -0.2327499288 -0.9466897410 0.2227240554 -1.7455214388 -0.9724021051 0.2227240554 -0.0694848268 -0.5670047138 
# 
loop_
_struct_biol.id 
_struct_biol.details 
_struct_biol.pdbx_parent_biol_id 
1 'The second part of the biological assembly is generated by the two fold axis y,x,-z.' ? 
2 'The second part of the biological assembly is generated by the two fold axis y,x,-z.' ? 
# 
loop_
_struct_conn.id 
_struct_conn.conn_type_id 
_struct_conn.pdbx_leaving_atom_flag 
_struct_conn.pdbx_PDB_id 
_struct_conn.ptnr1_label_asym_id 
_struct_conn.ptnr1_label_comp_id 
_struct_conn.ptnr1_label_seq_id 
_struct_conn.ptnr1_label_atom_id 
_struct_conn.pdbx_ptnr1_label_alt_id 
_struct_conn.pdbx_ptnr1_PDB_ins_code 
_struct_conn.pdbx_ptnr1_standard_comp_id 
_struct_conn.ptnr1_symmetry 
_struct_conn.ptnr2_label_asym_id 
_struct_conn.ptnr2_label_comp_id 
_struct_conn.ptnr2_label_seq_id 
_struct_conn.ptnr2_label_atom_id 
_struct_conn.pdbx_ptnr2_label_alt_id 
_struct_conn.pdbx_ptnr2_PDB_ins_code 
_struct_conn.ptnr1_auth_asym_id 
_struct_conn.ptnr1_auth_comp_id 
_struct_conn.ptnr1_auth_seq_id 
_struct_conn.ptnr2_auth_asym_id 
_struct_conn.ptnr2_auth_comp_id 
_struct_conn.ptnr2_auth_seq_id 
_struct_conn.ptnr2_symmetry 
_struct_conn.pdbx_ptnr3_label_atom_id 
_struct_conn.pdbx_ptnr3_label_seq_id 
_struct_conn.pdbx_ptnr3_label_comp_id 
_struct_conn.pdbx_ptnr3_label_asym_id 
_struct_conn.pdbx_ptnr3_label_alt_id 
_struct_conn.pdbx_ptnr3_PDB_ins_code 
_struct_conn.details 
_struct_conn.pdbx_dist_value 
_struct_conn.pdbx_value_order 
_struct_conn.pdbx_role 
hydrog1  hydrog ? ? A DC 1  N3 ? ? ? 1_555 A DG 12 N1 ? ? A DC 1  A DG 12 7_555 ? ? ? ? ? ? WATSON-CRICK ? ? ? 
hydrog2  hydrog ? ? A DC 1  N4 ? ? ? 1_555 A DG 12 O6 ? ? A DC 1  A DG 12 7_555 ? ? ? ? ? ? WATSON-CRICK ? ? ? 
hydrog3  hydrog ? ? A DC 1  O2 ? ? ? 1_555 A DG 12 N2 ? ? A DC 1  A DG 12 7_555 ? ? ? ? ? ? WATSON-CRICK ? ? ? 
hydrog4  hydrog ? ? A DG 2  N1 ? ? ? 1_555 A DC 11 N3 ? ? A DG 2  A DC 11 7_555 ? ? ? ? ? ? WATSON-CRICK ? ? ? 
hydrog5  hydrog ? ? A DG 2  N2 ? ? ? 1_555 A DC 11 O2 ? ? A DG 2  A DC 11 7_555 ? ? ? ? ? ? WATSON-CRICK ? ? ? 
hydrog6  hydrog ? ? A DG 2  O6 ? ? ? 1_555 A DC 11 N4 ? ? A DG 2  A DC 11 7_555 ? ? ? ? ? ? WATSON-CRICK ? ? ? 
hydrog7  hydrog ? ? A DG 3  N1 ? ? ? 1_555 A DC 10 N3 ? ? A DG 3  A DC 10 7_555 ? ? ? ? ? ? WATSON-CRICK ? ? ? 
hydrog8  hydrog ? ? A DG 3  N2 ? ? ? 1_555 A DC 10 O2 ? ? A DG 3  A DC 10 7_555 ? ? ? ? ? ? WATSON-CRICK ? ? ? 
hydrog9  hydrog ? ? A DG 3  O6 ? ? ? 1_555 A DC 10 N4 ? ? A DG 3  A DC 10 7_555 ? ? ? ? ? ? WATSON-CRICK ? ? ? 
hydrog10 hydrog ? ? A DA 5  N1 ? ? ? 1_555 A DT 8  N3 ? ? A DA 5  A DT 8  7_555 ? ? ? ? ? ? WATSON-CRICK ? ? ? 
hydrog11 hydrog ? ? A DA 5  N6 ? ? ? 1_555 A DT 8  O4 ? ? A DA 5  A DT 8  7_555 ? ? ? ? ? ? WATSON-CRICK ? ? ? 
hydrog12 hydrog ? ? A DA 6  N1 ? ? ? 1_555 A DT 7  N3 ? ? A DA 6  A DT 7  7_555 ? ? ? ? ? ? WATSON-CRICK ? ? ? 
hydrog13 hydrog ? ? A DA 6  N6 ? ? ? 1_555 A DT 7  O4 ? ? A DA 6  A DT 7  7_555 ? ? ? ? ? ? WATSON-CRICK ? ? ? 
hydrog14 hydrog ? ? A DT 7  N3 ? ? ? 1_555 A DA 6  N1 ? ? A DT 7  A DA 6  7_555 ? ? ? ? ? ? WATSON-CRICK ? ? ? 
hydrog15 hydrog ? ? A DT 7  O4 ? ? ? 1_555 A DA 6  N6 ? ? A DT 7  A DA 6  7_555 ? ? ? ? ? ? WATSON-CRICK ? ? ? 
hydrog16 hydrog ? ? A DT 8  N3 ? ? ? 1_555 A DA 5  N1 ? ? A DT 8  A DA 5  7_555 ? ? ? ? ? ? WATSON-CRICK ? ? ? 
hydrog17 hydrog ? ? A DT 8  O4 ? ? ? 1_555 A DA 5  N6 ? ? A DT 8  A DA 5  7_555 ? ? ? ? ? ? WATSON-CRICK ? ? ? 
hydrog18 hydrog ? ? A DC 10 N3 ? ? ? 1_555 A DG 3  N1 ? ? A DC 10 A DG 3  7_555 ? ? ? ? ? ? WATSON-CRICK ? ? ? 
hydrog19 hydrog ? ? A DC 10 N4 ? ? ? 1_555 A DG 3  O6 ? ? A DC 10 A DG 3  7_555 ? ? ? ? ? ? WATSON-CRICK ? ? ? 
hydrog20 hydrog ? ? A DC 10 O2 ? ? ? 1_555 A DG 3  N2 ? ? A DC 10 A DG 3  7_555 ? ? ? ? ? ? WATSON-CRICK ? ? ? 
hydrog21 hydrog ? ? A DC 11 N3 ? ? ? 1_555 A DG 2  N1 ? ? A DC 11 A DG 2  7_555 ? ? ? ? ? ? WATSON-CRICK ? ? ? 
hydrog22 hydrog ? ? A DC 11 N4 ? ? ? 1_555 A DG 2  O6 ? ? A DC 11 A DG 2  7_555 ? ? ? ? ? ? WATSON-CRICK ? ? ? 
hydrog23 hydrog ? ? A DC 11 O2 ? ? ? 1_555 A DG 2  N2 ? ? A DC 11 A DG 2  7_555 ? ? ? ? ? ? WATSON-CRICK ? ? ? 
hydrog24 hydrog ? ? A DG 12 N1 ? ? ? 1_555 A DC 1  N3 ? ? A DG 12 A DC 1  7_555 ? ? ? ? ? ? WATSON-CRICK ? ? ? 
hydrog25 hydrog ? ? A DG 12 N2 ? ? ? 1_555 A DC 1  O2 ? ? A DG 12 A DC 1  7_555 ? ? ? ? ? ? WATSON-CRICK ? ? ? 
hydrog26 hydrog ? ? A DG 12 O6 ? ? ? 1_555 A DC 1  N4 ? ? A DG 12 A DC 1  7_555 ? ? ? ? ? ? WATSON-CRICK ? ? ? 
# 
_struct_conn_type.id          hydrog 
_struct_conn_type.criteria    ? 
_struct_conn_type.reference   ? 
# 
loop_
_struct_site.id 
_struct_site.pdbx_evidence_code 
_struct_site.pdbx_auth_asym_id 
_struct_site.pdbx_auth_comp_id 
_struct_site.pdbx_auth_seq_id 
_struct_site.pdbx_auth_ins_code 
_struct_site.pdbx_num_residues 
_struct_site.details 
AC1 Software A R1C 1001 ? 6 'BINDING SITE FOR RESIDUE R1C A 1001' 
AC2 Software A R1C 2011 ? 7 'BINDING SITE FOR RESIDUE R1C A 2011' 
AC3 Software A R1C 1002 ? 8 'BINDING SITE FOR RESIDUE R1C A 1002' 
1   ?        ? ?   ?    ? ? ?                                     
# 
loop_
_struct_site_gen.id 
_struct_site_gen.site_id 
_struct_site_gen.pdbx_num_res 
_struct_site_gen.label_comp_id 
_struct_site_gen.label_asym_id 
_struct_site_gen.label_seq_id 
_struct_site_gen.pdbx_auth_ins_code 
_struct_site_gen.auth_comp_id 
_struct_site_gen.auth_asym_id 
_struct_site_gen.auth_seq_id 
_struct_site_gen.label_atom_id 
_struct_site_gen.label_alt_id 
_struct_site_gen.symmetry 
_struct_site_gen.details 
1  AC1 6 DC  A 1  ? DC  A 1    . ? 5_444 ? 
2  AC1 6 DA  A 5  ? DA  A 5    . ? 1_555 ? 
3  AC1 6 DA  A 6  ? DA  A 6    . ? 7_555 ? 
4  AC1 6 DT  A 7  ? DT  A 7    . ? 7_555 ? 
5  AC1 6 DG  A 12 ? DG  A 12   . ? 3_444 ? 
6  AC1 6 HOH E .  ? HOH A 2047 . ? 1_555 ? 
7  AC2 7 DC  A 1  ? DC  A 1    . ? 4_445 ? 
8  AC2 7 DA  A 5  ? DA  A 5    . ? 7_555 ? 
9  AC2 7 DA  A 6  ? DA  A 6    . ? 7_555 ? 
10 AC2 7 DT  A 7  ? DT  A 7    . ? 7_555 ? 
11 AC2 7 DG  A 12 ? DG  A 12   . ? 6_445 ? 
12 AC2 7 HOH E .  ? HOH A 2017 . ? 7_555 ? 
13 AC2 7 HOH E .  ? HOH A 2047 . ? 1_555 ? 
14 AC3 8 DG  A 3  ? DG  A 3    . ? 7_555 ? 
15 AC3 8 DA  A 4  ? DA  A 4    . ? 2_555 ? 
16 AC3 8 DA  A 5  ? DA  A 5    . ? 7_555 ? 
17 AC3 8 DT  A 8  ? DT  A 8    . ? 1_555 ? 
18 AC3 8 DC  A 9  ? DC  A 9    . ? 1_555 ? 
19 AC3 8 DC  A 10 ? DC  A 10   . ? 1_555 ? 
20 AC3 8 DC  A 11 ? DC  A 11   . ? 1_555 ? 
21 AC3 8 HOH E .  ? HOH A 2065 . ? 1_555 ? 
# 
loop_
_pdbx_validate_close_contact.id 
_pdbx_validate_close_contact.PDB_model_num 
_pdbx_validate_close_contact.auth_atom_id_1 
_pdbx_validate_close_contact.auth_asym_id_1 
_pdbx_validate_close_contact.auth_comp_id_1 
_pdbx_validate_close_contact.auth_seq_id_1 
_pdbx_validate_close_contact.PDB_ins_code_1 
_pdbx_validate_close_contact.label_alt_id_1 
_pdbx_validate_close_contact.auth_atom_id_2 
_pdbx_validate_close_contact.auth_asym_id_2 
_pdbx_validate_close_contact.auth_comp_id_2 
_pdbx_validate_close_contact.auth_seq_id_2 
_pdbx_validate_close_contact.PDB_ins_code_2 
_pdbx_validate_close_contact.label_alt_id_2 
_pdbx_validate_close_contact.dist 
1 1 "O5'" A DC  10   ? ? O A HOH 2078 ? ? 1.26 
2 1 P     A DC  10   ? ? O A HOH 2078 ? ? 1.41 
3 1 O     A HOH 2059 ? ? O A HOH 2069 ? ? 1.54 
4 1 OP1   A DC  10   ? ? O A HOH 2078 ? ? 1.55 
5 1 O     A HOH 2034 ? ? O A HOH 2073 ? ? 1.59 
6 1 O     A HOH 2036 ? ? O A HOH 2074 ? ? 2.04 
7 1 O     A HOH 2061 ? ? O A HOH 2085 ? ? 2.13 
# 
loop_
_pdbx_validate_rmsd_bond.id 
_pdbx_validate_rmsd_bond.PDB_model_num 
_pdbx_validate_rmsd_bond.auth_atom_id_1 
_pdbx_validate_rmsd_bond.auth_asym_id_1 
_pdbx_validate_rmsd_bond.auth_comp_id_1 
_pdbx_validate_rmsd_bond.auth_seq_id_1 
_pdbx_validate_rmsd_bond.PDB_ins_code_1 
_pdbx_validate_rmsd_bond.label_alt_id_1 
_pdbx_validate_rmsd_bond.auth_atom_id_2 
_pdbx_validate_rmsd_bond.auth_asym_id_2 
_pdbx_validate_rmsd_bond.auth_comp_id_2 
_pdbx_validate_rmsd_bond.auth_seq_id_2 
_pdbx_validate_rmsd_bond.PDB_ins_code_2 
_pdbx_validate_rmsd_bond.label_alt_id_2 
_pdbx_validate_rmsd_bond.bond_value 
_pdbx_validate_rmsd_bond.bond_target_value 
_pdbx_validate_rmsd_bond.bond_deviation 
_pdbx_validate_rmsd_bond.bond_standard_deviation 
_pdbx_validate_rmsd_bond.linker_flag 
1 1 C5    A DG 2  ? ? N7    A DG 2  ? ? 1.429 1.388 0.041 0.006 N 
2 1 "O4'" A DG 12 ? ? "C1'" A DG 12 ? ? 1.546 1.420 0.126 0.011 N 
# 
loop_
_pdbx_validate_rmsd_angle.id 
_pdbx_validate_rmsd_angle.PDB_model_num 
_pdbx_validate_rmsd_angle.auth_atom_id_1 
_pdbx_validate_rmsd_angle.auth_asym_id_1 
_pdbx_validate_rmsd_angle.auth_comp_id_1 
_pdbx_validate_rmsd_angle.auth_seq_id_1 
_pdbx_validate_rmsd_angle.PDB_ins_code_1 
_pdbx_validate_rmsd_angle.label_alt_id_1 
_pdbx_validate_rmsd_angle.auth_atom_id_2 
_pdbx_validate_rmsd_angle.auth_asym_id_2 
_pdbx_validate_rmsd_angle.auth_comp_id_2 
_pdbx_validate_rmsd_angle.auth_seq_id_2 
_pdbx_validate_rmsd_angle.PDB_ins_code_2 
_pdbx_validate_rmsd_angle.label_alt_id_2 
_pdbx_validate_rmsd_angle.auth_atom_id_3 
_pdbx_validate_rmsd_angle.auth_asym_id_3 
_pdbx_validate_rmsd_angle.auth_comp_id_3 
_pdbx_validate_rmsd_angle.auth_seq_id_3 
_pdbx_validate_rmsd_angle.PDB_ins_code_3 
_pdbx_validate_rmsd_angle.label_alt_id_3 
_pdbx_validate_rmsd_angle.angle_value 
_pdbx_validate_rmsd_angle.angle_target_value 
_pdbx_validate_rmsd_angle.angle_deviation 
_pdbx_validate_rmsd_angle.angle_standard_deviation 
_pdbx_validate_rmsd_angle.linker_flag 
1  1 "O4'" A DA 4  ? ? "C4'" A DA 4  ? ? "C3'" A DA 4  ? ? 101.78 104.50 -2.72  0.40 N 
2  1 "O4'" A DA 4  ? ? "C1'" A DA 4  ? ? N9    A DA 4  ? ? 100.21 108.00 -7.79  0.70 N 
3  1 "C3'" A DA 5  ? ? "C2'" A DA 5  ? ? "C1'" A DA 5  ? ? 96.36  102.40 -6.04  0.80 N 
4  1 "O4'" A DA 5  ? ? "C1'" A DA 5  ? ? N9    A DA 5  ? ? 111.57 108.30 3.27   0.30 N 
5  1 C2    A DA 6  ? ? N3    A DA 6  ? ? C4    A DA 6  ? ? 106.70 110.60 -3.90  0.50 N 
6  1 "O4'" A DT 7  ? ? "C4'" A DT 7  ? ? "C3'" A DT 7  ? ? 99.81  104.50 -4.69  0.40 N 
7  1 "C4'" A DT 7  ? ? "C3'" A DT 7  ? ? "C2'" A DT 7  ? ? 110.06 103.10 6.96   0.90 N 
8  1 N1    A DT 7  ? ? "C1'" A DT 7  ? ? "C2'" A DT 7  ? ? 122.79 114.30 8.49   1.40 N 
9  1 "O4'" A DT 7  ? ? "C1'" A DT 7  ? ? N1    A DT 7  ? ? 99.41  108.00 -8.59  0.70 N 
10 1 "O4'" A DT 8  ? ? "C1'" A DT 8  ? ? N1    A DT 8  ? ? 103.64 108.00 -4.36  0.70 N 
11 1 C6    A DT 8  ? ? N1    A DT 8  ? ? C2    A DT 8  ? ? 124.90 121.30 3.60   0.50 N 
12 1 C6    A DC 9  ? ? N1    A DC 9  ? ? C2    A DC 9  ? ? 124.34 120.30 4.04   0.40 N 
13 1 N3    A DC 9  ? ? C4    A DC 9  ? ? C5    A DC 9  ? ? 124.91 121.90 3.01   0.40 N 
14 1 N3    A DC 9  ? ? C2    A DC 9  ? ? O2    A DC 9  ? ? 126.21 121.90 4.31   0.70 N 
15 1 C5    A DC 9  ? ? C4    A DC 9  ? ? N4    A DC 9  ? ? 114.17 120.20 -6.03  0.70 N 
16 1 "O5'" A DC 10 ? ? "C5'" A DC 10 ? ? "C4'" A DC 10 ? ? 103.53 109.40 -5.87  0.80 N 
17 1 "O4'" A DC 11 ? ? "C1'" A DC 11 ? ? N1    A DC 11 ? ? 101.83 108.00 -6.17  0.70 N 
18 1 "O4'" A DG 12 ? ? "C4'" A DG 12 ? ? "C3'" A DG 12 ? ? 101.98 104.50 -2.52  0.40 N 
19 1 N9    A DG 12 ? ? "C1'" A DG 12 ? ? "C2'" A DG 12 ? ? 124.40 114.30 10.10  1.40 N 
20 1 "O4'" A DG 12 ? ? "C1'" A DG 12 ? ? N9    A DG 12 ? ? 93.93  108.00 -14.07 0.70 N 
# 
_struct_site_keywords.site_id   1 
_struct_site_keywords.text      INTERCALATION 
# 
loop_
_pdbx_struct_special_symmetry.id 
_pdbx_struct_special_symmetry.PDB_model_num 
_pdbx_struct_special_symmetry.auth_asym_id 
_pdbx_struct_special_symmetry.auth_comp_id 
_pdbx_struct_special_symmetry.auth_seq_id 
_pdbx_struct_special_symmetry.PDB_ins_code 
_pdbx_struct_special_symmetry.label_asym_id 
_pdbx_struct_special_symmetry.label_comp_id 
_pdbx_struct_special_symmetry.label_seq_id 
1 1 A R1C 1001 ? B R1C . 
2 1 A HOH 2013 ? E HOH . 
# 
loop_
_chem_comp_atom.comp_id 
_chem_comp_atom.atom_id 
_chem_comp_atom.type_symbol 
_chem_comp_atom.pdbx_aromatic_flag 
_chem_comp_atom.pdbx_stereo_config 
_chem_comp_atom.pdbx_ordinal 
DA  OP3    O  N N 1   
DA  P      P  N N 2   
DA  OP1    O  N N 3   
DA  OP2    O  N N 4   
DA  "O5'"  O  N N 5   
DA  "C5'"  C  N N 6   
DA  "C4'"  C  N R 7   
DA  "O4'"  O  N N 8   
DA  "C3'"  C  N S 9   
DA  "O3'"  O  N N 10  
DA  "C2'"  C  N N 11  
DA  "C1'"  C  N R 12  
DA  N9     N  Y N 13  
DA  C8     C  Y N 14  
DA  N7     N  Y N 15  
DA  C5     C  Y N 16  
DA  C6     C  Y N 17  
DA  N6     N  N N 18  
DA  N1     N  Y N 19  
DA  C2     C  Y N 20  
DA  N3     N  Y N 21  
DA  C4     C  Y N 22  
DA  HOP3   H  N N 23  
DA  HOP2   H  N N 24  
DA  "H5'"  H  N N 25  
DA  "H5''" H  N N 26  
DA  "H4'"  H  N N 27  
DA  "H3'"  H  N N 28  
DA  "HO3'" H  N N 29  
DA  "H2'"  H  N N 30  
DA  "H2''" H  N N 31  
DA  "H1'"  H  N N 32  
DA  H8     H  N N 33  
DA  H61    H  N N 34  
DA  H62    H  N N 35  
DA  H2     H  N N 36  
DC  OP3    O  N N 37  
DC  P      P  N N 38  
DC  OP1    O  N N 39  
DC  OP2    O  N N 40  
DC  "O5'"  O  N N 41  
DC  "C5'"  C  N N 42  
DC  "C4'"  C  N R 43  
DC  "O4'"  O  N N 44  
DC  "C3'"  C  N S 45  
DC  "O3'"  O  N N 46  
DC  "C2'"  C  N N 47  
DC  "C1'"  C  N R 48  
DC  N1     N  N N 49  
DC  C2     C  N N 50  
DC  O2     O  N N 51  
DC  N3     N  N N 52  
DC  C4     C  N N 53  
DC  N4     N  N N 54  
DC  C5     C  N N 55  
DC  C6     C  N N 56  
DC  HOP3   H  N N 57  
DC  HOP2   H  N N 58  
DC  "H5'"  H  N N 59  
DC  "H5''" H  N N 60  
DC  "H4'"  H  N N 61  
DC  "H3'"  H  N N 62  
DC  "HO3'" H  N N 63  
DC  "H2'"  H  N N 64  
DC  "H2''" H  N N 65  
DC  "H1'"  H  N N 66  
DC  H41    H  N N 67  
DC  H42    H  N N 68  
DC  H5     H  N N 69  
DC  H6     H  N N 70  
DG  OP3    O  N N 71  
DG  P      P  N N 72  
DG  OP1    O  N N 73  
DG  OP2    O  N N 74  
DG  "O5'"  O  N N 75  
DG  "C5'"  C  N N 76  
DG  "C4'"  C  N R 77  
DG  "O4'"  O  N N 78  
DG  "C3'"  C  N S 79  
DG  "O3'"  O  N N 80  
DG  "C2'"  C  N N 81  
DG  "C1'"  C  N R 82  
DG  N9     N  Y N 83  
DG  C8     C  Y N 84  
DG  N7     N  Y N 85  
DG  C5     C  Y N 86  
DG  C6     C  N N 87  
DG  O6     O  N N 88  
DG  N1     N  N N 89  
DG  C2     C  N N 90  
DG  N2     N  N N 91  
DG  N3     N  N N 92  
DG  C4     C  Y N 93  
DG  HOP3   H  N N 94  
DG  HOP2   H  N N 95  
DG  "H5'"  H  N N 96  
DG  "H5''" H  N N 97  
DG  "H4'"  H  N N 98  
DG  "H3'"  H  N N 99  
DG  "HO3'" H  N N 100 
DG  "H2'"  H  N N 101 
DG  "H2''" H  N N 102 
DG  "H1'"  H  N N 103 
DG  H8     H  N N 104 
DG  H1     H  N N 105 
DG  H21    H  N N 106 
DG  H22    H  N N 107 
DT  OP3    O  N N 108 
DT  P      P  N N 109 
DT  OP1    O  N N 110 
DT  OP2    O  N N 111 
DT  "O5'"  O  N N 112 
DT  "C5'"  C  N N 113 
DT  "C4'"  C  N R 114 
DT  "O4'"  O  N N 115 
DT  "C3'"  C  N S 116 
DT  "O3'"  O  N N 117 
DT  "C2'"  C  N N 118 
DT  "C1'"  C  N R 119 
DT  N1     N  N N 120 
DT  C2     C  N N 121 
DT  O2     O  N N 122 
DT  N3     N  N N 123 
DT  C4     C  N N 124 
DT  O4     O  N N 125 
DT  C5     C  N N 126 
DT  C7     C  N N 127 
DT  C6     C  N N 128 
DT  HOP3   H  N N 129 
DT  HOP2   H  N N 130 
DT  "H5'"  H  N N 131 
DT  "H5''" H  N N 132 
DT  "H4'"  H  N N 133 
DT  "H3'"  H  N N 134 
DT  "HO3'" H  N N 135 
DT  "H2'"  H  N N 136 
DT  "H2''" H  N N 137 
DT  "H1'"  H  N N 138 
DT  H3     H  N N 139 
DT  H71    H  N N 140 
DT  H72    H  N N 141 
DT  H73    H  N N 142 
DT  H6     H  N N 143 
HOH O      O  N N 144 
HOH H1     H  N N 145 
HOH H2     H  N N 146 
R1C RH     RH N N 147 
R1C N5     N  N N 148 
R1C N6     N  N N 149 
R1C C21    C  Y N 150 
R1C C22    C  Y N 151 
R1C C23    C  Y N 152 
R1C C24    C  Y N 153 
R1C C25    C  Y N 154 
R1C C26    C  Y N 155 
R1C C27    C  Y N 156 
R1C C28    C  Y N 157 
R1C C29    C  Y N 158 
R1C C30    C  Y N 159 
R1C C31    C  Y N 160 
R1C C32    C  Y N 161 
R1C C33    C  Y N 162 
R1C C34    C  Y N 163 
R1C C35    C  Y N 164 
R1C C36    C  Y N 165 
R1C C37    C  Y N 166 
R1C C38    C  Y N 167 
R1C N1     N  Y N 168 
R1C N2     N  Y N 169 
R1C N3     N  Y N 170 
R1C N4     N  Y N 171 
R1C C1     C  Y N 172 
R1C C2     C  Y N 173 
R1C C3     C  Y N 174 
R1C C4     C  Y N 175 
R1C C5     C  Y N 176 
R1C C6     C  Y N 177 
R1C C7     C  Y N 178 
R1C C8     C  Y N 179 
R1C C9     C  Y N 180 
R1C C10    C  Y N 181 
R1C C11    C  Y N 182 
R1C C12    C  Y N 183 
R1C C13    C  Y N 184 
R1C C14    C  Y N 185 
R1C C15    C  Y N 186 
R1C C16    C  Y N 187 
R1C C17    C  Y N 188 
R1C C18    C  Y N 189 
R1C C19    C  Y N 190 
R1C C20    C  Y N 191 
R1C H25    H  N N 192 
R1C H26    H  N N 193 
R1C H27    H  N N 194 
R1C H28    H  N N 195 
R1C H30    H  N N 196 
R1C H31    H  N N 197 
R1C H34    H  N N 198 
R1C H35    H  N N 199 
R1C H36    H  N N 200 
R1C H37    H  N N 201 
R1C H1     H  N N 202 
R1C H2     H  N N 203 
R1C H3     H  N N 204 
R1C H4     H  N N 205 
R1C H7     H  N N 206 
R1C H8     H  N N 207 
R1C H9     H  N N 208 
R1C H10    H  N N 209 
R1C H11    H  N N 210 
R1C H12    H  N N 211 
R1C H13    H  N N 212 
R1C H14    H  N N 213 
R1C H17    H  N N 214 
R1C H18    H  N N 215 
R1C H19    H  N N 216 
R1C H20    H  N N 217 
# 
loop_
_chem_comp_bond.comp_id 
_chem_comp_bond.atom_id_1 
_chem_comp_bond.atom_id_2 
_chem_comp_bond.value_order 
_chem_comp_bond.pdbx_aromatic_flag 
_chem_comp_bond.pdbx_stereo_config 
_chem_comp_bond.pdbx_ordinal 
DA  OP3   P      sing N N 1   
DA  OP3   HOP3   sing N N 2   
DA  P     OP1    doub N N 3   
DA  P     OP2    sing N N 4   
DA  P     "O5'"  sing N N 5   
DA  OP2   HOP2   sing N N 6   
DA  "O5'" "C5'"  sing N N 7   
DA  "C5'" "C4'"  sing N N 8   
DA  "C5'" "H5'"  sing N N 9   
DA  "C5'" "H5''" sing N N 10  
DA  "C4'" "O4'"  sing N N 11  
DA  "C4'" "C3'"  sing N N 12  
DA  "C4'" "H4'"  sing N N 13  
DA  "O4'" "C1'"  sing N N 14  
DA  "C3'" "O3'"  sing N N 15  
DA  "C3'" "C2'"  sing N N 16  
DA  "C3'" "H3'"  sing N N 17  
DA  "O3'" "HO3'" sing N N 18  
DA  "C2'" "C1'"  sing N N 19  
DA  "C2'" "H2'"  sing N N 20  
DA  "C2'" "H2''" sing N N 21  
DA  "C1'" N9     sing N N 22  
DA  "C1'" "H1'"  sing N N 23  
DA  N9    C8     sing Y N 24  
DA  N9    C4     sing Y N 25  
DA  C8    N7     doub Y N 26  
DA  C8    H8     sing N N 27  
DA  N7    C5     sing Y N 28  
DA  C5    C6     sing Y N 29  
DA  C5    C4     doub Y N 30  
DA  C6    N6     sing N N 31  
DA  C6    N1     doub Y N 32  
DA  N6    H61    sing N N 33  
DA  N6    H62    sing N N 34  
DA  N1    C2     sing Y N 35  
DA  C2    N3     doub Y N 36  
DA  C2    H2     sing N N 37  
DA  N3    C4     sing Y N 38  
DC  OP3   P      sing N N 39  
DC  OP3   HOP3   sing N N 40  
DC  P     OP1    doub N N 41  
DC  P     OP2    sing N N 42  
DC  P     "O5'"  sing N N 43  
DC  OP2   HOP2   sing N N 44  
DC  "O5'" "C5'"  sing N N 45  
DC  "C5'" "C4'"  sing N N 46  
DC  "C5'" "H5'"  sing N N 47  
DC  "C5'" "H5''" sing N N 48  
DC  "C4'" "O4'"  sing N N 49  
DC  "C4'" "C3'"  sing N N 50  
DC  "C4'" "H4'"  sing N N 51  
DC  "O4'" "C1'"  sing N N 52  
DC  "C3'" "O3'"  sing N N 53  
DC  "C3'" "C2'"  sing N N 54  
DC  "C3'" "H3'"  sing N N 55  
DC  "O3'" "HO3'" sing N N 56  
DC  "C2'" "C1'"  sing N N 57  
DC  "C2'" "H2'"  sing N N 58  
DC  "C2'" "H2''" sing N N 59  
DC  "C1'" N1     sing N N 60  
DC  "C1'" "H1'"  sing N N 61  
DC  N1    C2     sing N N 62  
DC  N1    C6     sing N N 63  
DC  C2    O2     doub N N 64  
DC  C2    N3     sing N N 65  
DC  N3    C4     doub N N 66  
DC  C4    N4     sing N N 67  
DC  C4    C5     sing N N 68  
DC  N4    H41    sing N N 69  
DC  N4    H42    sing N N 70  
DC  C5    C6     doub N N 71  
DC  C5    H5     sing N N 72  
DC  C6    H6     sing N N 73  
DG  OP3   P      sing N N 74  
DG  OP3   HOP3   sing N N 75  
DG  P     OP1    doub N N 76  
DG  P     OP2    sing N N 77  
DG  P     "O5'"  sing N N 78  
DG  OP2   HOP2   sing N N 79  
DG  "O5'" "C5'"  sing N N 80  
DG  "C5'" "C4'"  sing N N 81  
DG  "C5'" "H5'"  sing N N 82  
DG  "C5'" "H5''" sing N N 83  
DG  "C4'" "O4'"  sing N N 84  
DG  "C4'" "C3'"  sing N N 85  
DG  "C4'" "H4'"  sing N N 86  
DG  "O4'" "C1'"  sing N N 87  
DG  "C3'" "O3'"  sing N N 88  
DG  "C3'" "C2'"  sing N N 89  
DG  "C3'" "H3'"  sing N N 90  
DG  "O3'" "HO3'" sing N N 91  
DG  "C2'" "C1'"  sing N N 92  
DG  "C2'" "H2'"  sing N N 93  
DG  "C2'" "H2''" sing N N 94  
DG  "C1'" N9     sing N N 95  
DG  "C1'" "H1'"  sing N N 96  
DG  N9    C8     sing Y N 97  
DG  N9    C4     sing Y N 98  
DG  C8    N7     doub Y N 99  
DG  C8    H8     sing N N 100 
DG  N7    C5     sing Y N 101 
DG  C5    C6     sing N N 102 
DG  C5    C4     doub Y N 103 
DG  C6    O6     doub N N 104 
DG  C6    N1     sing N N 105 
DG  N1    C2     sing N N 106 
DG  N1    H1     sing N N 107 
DG  C2    N2     sing N N 108 
DG  C2    N3     doub N N 109 
DG  N2    H21    sing N N 110 
DG  N2    H22    sing N N 111 
DG  N3    C4     sing N N 112 
DT  OP3   P      sing N N 113 
DT  OP3   HOP3   sing N N 114 
DT  P     OP1    doub N N 115 
DT  P     OP2    sing N N 116 
DT  P     "O5'"  sing N N 117 
DT  OP2   HOP2   sing N N 118 
DT  "O5'" "C5'"  sing N N 119 
DT  "C5'" "C4'"  sing N N 120 
DT  "C5'" "H5'"  sing N N 121 
DT  "C5'" "H5''" sing N N 122 
DT  "C4'" "O4'"  sing N N 123 
DT  "C4'" "C3'"  sing N N 124 
DT  "C4'" "H4'"  sing N N 125 
DT  "O4'" "C1'"  sing N N 126 
DT  "C3'" "O3'"  sing N N 127 
DT  "C3'" "C2'"  sing N N 128 
DT  "C3'" "H3'"  sing N N 129 
DT  "O3'" "HO3'" sing N N 130 
DT  "C2'" "C1'"  sing N N 131 
DT  "C2'" "H2'"  sing N N 132 
DT  "C2'" "H2''" sing N N 133 
DT  "C1'" N1     sing N N 134 
DT  "C1'" "H1'"  sing N N 135 
DT  N1    C2     sing N N 136 
DT  N1    C6     sing N N 137 
DT  C2    O2     doub N N 138 
DT  C2    N3     sing N N 139 
DT  N3    C4     sing N N 140 
DT  N3    H3     sing N N 141 
DT  C4    O4     doub N N 142 
DT  C4    C5     sing N N 143 
DT  C5    C7     sing N N 144 
DT  C5    C6     doub N N 145 
DT  C7    H71    sing N N 146 
DT  C7    H72    sing N N 147 
DT  C7    H73    sing N N 148 
DT  C6    H6     sing N N 149 
HOH O     H1     sing N N 150 
HOH O     H2     sing N N 151 
R1C C27   C26    doub Y N 152 
R1C C27   C28    sing Y N 153 
R1C C2    C3     doub Y N 154 
R1C C2    C1     sing Y N 155 
R1C C26   C25    sing Y N 156 
R1C C28   C29    doub Y N 157 
R1C C3    C4     sing Y N 158 
R1C C12   C11    doub Y N 159 
R1C C12   C13    sing Y N 160 
R1C C1    N1     doub Y N 161 
R1C C25   C24    doub Y N 162 
R1C C29   C24    sing Y N 163 
R1C C29   C30    sing Y N 164 
R1C C11   N3     sing Y N 165 
R1C C4    C5     doub Y N 166 
R1C C13   C14    doub Y N 167 
R1C C24   C23    sing Y N 168 
R1C C30   C31    doub Y N 169 
R1C N1    C5     sing Y N 170 
R1C N1    RH     sing N N 171 
R1C C5    C6     sing Y N 172 
R1C N6    C22    doub N N 173 
R1C N6    RH     sing N N 174 
R1C N3    C15    doub Y N 175 
R1C N3    RH     sing N N 176 
R1C C23   C22    sing Y N 177 
R1C C23   C32    doub Y N 178 
R1C C14   C15    sing Y N 179 
R1C C31   C32    sing Y N 180 
R1C C22   C21    sing Y N 181 
R1C C32   C33    sing Y N 182 
R1C C15   C16    sing Y N 183 
R1C RH    N2     sing N N 184 
R1C RH    N5     sing N N 185 
R1C RH    N4     sing N N 186 
R1C C6    N2     doub Y N 187 
R1C C6    C7     sing Y N 188 
R1C C21   N5     doub N N 189 
R1C C21   C38    sing Y N 190 
R1C N2    C10    sing Y N 191 
R1C C33   C38    doub Y N 192 
R1C C33   C34    sing Y N 193 
R1C C7    C8     doub Y N 194 
R1C C38   C37    sing Y N 195 
R1C C16   N4     doub Y N 196 
R1C C16   C17    sing Y N 197 
R1C C34   C35    doub Y N 198 
R1C N4    C20    sing Y N 199 
R1C C10   C9     doub Y N 200 
R1C C8    C9     sing Y N 201 
R1C C17   C18    doub Y N 202 
R1C C37   C36    doub Y N 203 
R1C C35   C36    sing Y N 204 
R1C C20   C19    doub Y N 205 
R1C C18   C19    sing Y N 206 
R1C C25   H25    sing N N 207 
R1C C26   H26    sing N N 208 
R1C C27   H27    sing N N 209 
R1C C28   H28    sing N N 210 
R1C C30   H30    sing N N 211 
R1C C31   H31    sing N N 212 
R1C C34   H34    sing N N 213 
R1C C35   H35    sing N N 214 
R1C C36   H36    sing N N 215 
R1C C37   H37    sing N N 216 
R1C C1    H1     sing N N 217 
R1C C2    H2     sing N N 218 
R1C C3    H3     sing N N 219 
R1C C4    H4     sing N N 220 
R1C C7    H7     sing N N 221 
R1C C8    H8     sing N N 222 
R1C C9    H9     sing N N 223 
R1C C10   H10    sing N N 224 
R1C C11   H11    sing N N 225 
R1C C12   H12    sing N N 226 
R1C C13   H13    sing N N 227 
R1C C14   H14    sing N N 228 
R1C C17   H17    sing N N 229 
R1C C18   H18    sing N N 230 
R1C C19   H19    sing N N 231 
R1C C20   H20    sing N N 232 
# 
loop_
_ndb_struct_conf_na.entry_id 
_ndb_struct_conf_na.feature 
2O1I 'double helix'         
2O1I 'b-form double helix'  
2O1I 'mismatched base pair' 
# 
loop_
_ndb_struct_na_base_pair.model_number 
_ndb_struct_na_base_pair.i_label_asym_id 
_ndb_struct_na_base_pair.i_label_comp_id 
_ndb_struct_na_base_pair.i_label_seq_id 
_ndb_struct_na_base_pair.i_symmetry 
_ndb_struct_na_base_pair.j_label_asym_id 
_ndb_struct_na_base_pair.j_label_comp_id 
_ndb_struct_na_base_pair.j_label_seq_id 
_ndb_struct_na_base_pair.j_symmetry 
_ndb_struct_na_base_pair.shear 
_ndb_struct_na_base_pair.stretch 
_ndb_struct_na_base_pair.stagger 
_ndb_struct_na_base_pair.buckle 
_ndb_struct_na_base_pair.propeller 
_ndb_struct_na_base_pair.opening 
_ndb_struct_na_base_pair.pair_number 
_ndb_struct_na_base_pair.pair_name 
_ndb_struct_na_base_pair.i_auth_asym_id 
_ndb_struct_na_base_pair.i_auth_seq_id 
_ndb_struct_na_base_pair.i_PDB_ins_code 
_ndb_struct_na_base_pair.j_auth_asym_id 
_ndb_struct_na_base_pair.j_auth_seq_id 
_ndb_struct_na_base_pair.j_PDB_ins_code 
_ndb_struct_na_base_pair.hbond_type_28 
_ndb_struct_na_base_pair.hbond_type_12 
1 A DC 1 1_555 A DG 12 7_555 0.212  -0.238 0.489 -8.306  -8.404 -2.428 1  A_DC1:DG12_A A 1 ? A 12 ? 19 1 
1 A DG 2 1_555 A DC 11 7_555 -0.165 -0.205 0.049 4.494   2.404  -2.532 2  A_DG2:DC11_A A 2 ? A 11 ? 19 1 
1 A DG 3 1_555 A DC 10 7_555 -0.296 -0.104 0.449 17.668  -5.018 -1.038 3  A_DG3:DC10_A A 3 ? A 10 ? 19 1 
1 A DC 1 1_555 A DG 12 1_555 0.212  -0.238 0.489 -8.306  -8.404 -2.428 4  A_DC1:DG12_A A 1 ? A 12 ? 19 1 
1 A DG 2 1_555 A DC 11 1_555 -0.165 -0.205 0.049 4.493   2.404  -2.532 5  A_DG2:DC11_A A 2 ? A 11 ? 19 1 
1 A DG 3 1_555 A DC 10 1_555 -0.296 -0.104 0.449 17.668  -5.018 -1.038 6  A_DG3:DC10_A A 3 ? A 10 ? 19 1 
1 A DA 5 1_555 A DT 8  7_555 0.016  -0.078 0.120 -2.520  5.812  6.029  7  A_DA5:DT8_A  A 5 ? A 8  ? 20 1 
1 A DA 6 1_555 A DT 7  7_555 0.029  -0.123 0.281 10.049  -8.199 0.665  8  A_DA6:DT7_A  A 6 ? A 7  ? 20 1 
1 A DT 7 1_555 A DA 6  7_555 -0.029 -0.123 0.281 -10.049 -8.199 0.665  9  A_DT7:DA6_A  A 7 ? A 6  ? 20 1 
1 A DT 8 1_555 A DA 5  7_555 -0.016 -0.078 0.120 2.520   5.812  6.029  10 A_DT8:DA5_A  A 8 ? A 5  ? 20 1 
# 
loop_
_ndb_struct_na_base_pair_step.model_number 
_ndb_struct_na_base_pair_step.i_label_asym_id_1 
_ndb_struct_na_base_pair_step.i_label_comp_id_1 
_ndb_struct_na_base_pair_step.i_label_seq_id_1 
_ndb_struct_na_base_pair_step.i_symmetry_1 
_ndb_struct_na_base_pair_step.j_label_asym_id_1 
_ndb_struct_na_base_pair_step.j_label_comp_id_1 
_ndb_struct_na_base_pair_step.j_label_seq_id_1 
_ndb_struct_na_base_pair_step.j_symmetry_1 
_ndb_struct_na_base_pair_step.i_label_asym_id_2 
_ndb_struct_na_base_pair_step.i_label_comp_id_2 
_ndb_struct_na_base_pair_step.i_label_seq_id_2 
_ndb_struct_na_base_pair_step.i_symmetry_2 
_ndb_struct_na_base_pair_step.j_label_asym_id_2 
_ndb_struct_na_base_pair_step.j_label_comp_id_2 
_ndb_struct_na_base_pair_step.j_label_seq_id_2 
_ndb_struct_na_base_pair_step.j_symmetry_2 
_ndb_struct_na_base_pair_step.shift 
_ndb_struct_na_base_pair_step.slide 
_ndb_struct_na_base_pair_step.rise 
_ndb_struct_na_base_pair_step.tilt 
_ndb_struct_na_base_pair_step.roll 
_ndb_struct_na_base_pair_step.twist 
_ndb_struct_na_base_pair_step.x_displacement 
_ndb_struct_na_base_pair_step.y_displacement 
_ndb_struct_na_base_pair_step.helical_rise 
_ndb_struct_na_base_pair_step.inclination 
_ndb_struct_na_base_pair_step.tip 
_ndb_struct_na_base_pair_step.helical_twist 
_ndb_struct_na_base_pair_step.step_number 
_ndb_struct_na_base_pair_step.step_name 
_ndb_struct_na_base_pair_step.i_auth_asym_id_1 
_ndb_struct_na_base_pair_step.i_auth_seq_id_1 
_ndb_struct_na_base_pair_step.i_PDB_ins_code_1 
_ndb_struct_na_base_pair_step.j_auth_asym_id_1 
_ndb_struct_na_base_pair_step.j_auth_seq_id_1 
_ndb_struct_na_base_pair_step.j_PDB_ins_code_1 
_ndb_struct_na_base_pair_step.i_auth_asym_id_2 
_ndb_struct_na_base_pair_step.i_auth_seq_id_2 
_ndb_struct_na_base_pair_step.i_PDB_ins_code_2 
_ndb_struct_na_base_pair_step.j_auth_asym_id_2 
_ndb_struct_na_base_pair_step.j_auth_seq_id_2 
_ndb_struct_na_base_pair_step.j_PDB_ins_code_2 
1 A DC 1 1_555 A DG 12 7_555 A DG 2 1_555 A DC 11 7_555 1.076  2.308  3.244 8.295  3.622   37.952 2.995 -0.550 3.589 5.475   
-12.538 38.977 1 AA_DC1DG2:DC11DG12_AA A 1 ? A 12 ? A 2 ? A 11 ? 
1 A DG 2 1_555 A DC 11 7_555 A DG 3 1_555 A DC 10 7_555 -0.355 2.520  3.328 -4.789 7.247   35.368 2.924 -0.166 3.769 11.710  7.739 
36.386 2 AA_DG2DG3:DC10DC11_AA A 2 ? A 11 ? A 3 ? A 10 ? 
1 A DC 1 1_555 A DG 12 1_555 A DG 2 1_555 A DC 11 1_555 1.076  2.308  3.244 8.295  3.622   37.952 2.995 -0.550 3.589 5.475   
-12.538 38.977 3 AA_DC1DG2:DC11DG12_AA A 1 ? A 12 ? A 2 ? A 11 ? 
1 A DG 2 1_555 A DC 11 1_555 A DG 3 1_555 A DC 10 1_555 -0.355 2.520  3.328 -4.789 7.246   35.368 2.924 -0.166 3.769 11.710  7.739 
36.386 4 AA_DG2DG3:DC10DC11_AA A 2 ? A 11 ? A 3 ? A 10 ? 
1 A DA 5 1_555 A DT 8  7_555 A DA 6 1_555 A DT 7  7_555 -1.053 0.687  3.140 -0.242 1.385   32.228 0.998 1.854  3.173 2.494   0.435 
32.258 5 AA_DA5DA6:DT7DT8_AA   A 5 ? A 8  ? A 6 ? A 7  ? 
1 A DA 6 1_555 A DT 7  7_555 A DT 7 1_555 A DA 6  7_555 0.000  -0.151 7.316 0.000  -11.884 30.682 4.316 0.000  6.898 -21.474 0.000 
32.852 6 AA_DA6DT7:DA6DT7_AA   A 6 ? A 7  ? A 7 ? A 6  ? 
1 A DT 7 1_555 A DA 6  7_555 A DT 8 1_555 A DA 5  7_555 1.053  0.687  3.140 0.242  1.385   32.228 0.998 -1.854 3.173 2.494   
-0.435  32.258 7 AA_DT7DT8:DA5DA6_AA   A 7 ? A 6  ? A 8 ? A 5  ? 
# 
_atom_sites.entry_id                    2O1I 
_atom_sites.fract_transf_matrix[1][1]   0.02099348 
_atom_sites.fract_transf_matrix[1][2]   0.01278558 
_atom_sites.fract_transf_matrix[1][3]   -0.00788123 
_atom_sites.fract_transf_matrix[2][1]   0.00502744 
_atom_sites.fract_transf_matrix[2][2]   -0.01874555 
_atom_sites.fract_transf_matrix[2][3]   -0.01701882 
_atom_sites.fract_transf_matrix[3][1]   -0.00952549 
_atom_sites.fract_transf_matrix[3][2]   0.00828253 
_atom_sites.fract_transf_matrix[3][3]   -0.01193675 
_atom_sites.fract_transf_vector[1]      0.036628 
_atom_sites.fract_transf_vector[2]      -0.001005 
_atom_sites.fract_transf_vector[3]      -0.000644 
# 
loop_
_atom_type.symbol 
C  
N  
O  
P  
RH 
# 
loop_
_atom_site.group_PDB 
_atom_site.id 
_atom_site.type_symbol 
_atom_site.label_atom_id 
_atom_site.label_alt_id 
_atom_site.label_comp_id 
_atom_site.label_asym_id 
_atom_site.label_entity_id 
_atom_site.label_seq_id 
_atom_site.pdbx_PDB_ins_code 
_atom_site.Cartn_x 
_atom_site.Cartn_y 
_atom_site.Cartn_z 
_atom_site.occupancy 
_atom_site.B_iso_or_equiv 
_atom_site.pdbx_formal_charge 
_atom_site.auth_seq_id 
_atom_site.auth_comp_id 
_atom_site.auth_asym_id 
_atom_site.auth_atom_id 
_atom_site.pdbx_PDB_model_num 
ATOM   1   O  "O5'" . DC  A 1 1  ? -7.288  -21.975 -2.498  1.00 45.61 ? 1    DC  A "O5'" 1 
ATOM   2   C  "C5'" . DC  A 1 1  ? -7.675  -20.938 -1.571  1.00 31.27 ? 1    DC  A "C5'" 1 
ATOM   3   C  "C4'" . DC  A 1 1  ? -7.825  -21.565 -0.181  1.00 25.71 ? 1    DC  A "C4'" 1 
ATOM   4   O  "O4'" . DC  A 1 1  ? -6.779  -22.526 0.016   1.00 26.24 ? 1    DC  A "O4'" 1 
ATOM   5   C  "C3'" . DC  A 1 1  ? -7.682  -20.671 1.030   1.00 24.82 ? 1    DC  A "C3'" 1 
ATOM   6   O  "O3'" . DC  A 1 1  ? -8.452  -21.214 2.107   1.00 26.85 ? 1    DC  A "O3'" 1 
ATOM   7   C  "C2'" . DC  A 1 1  ? -6.240  -20.668 1.393   1.00 26.79 ? 1    DC  A "C2'" 1 
ATOM   8   C  "C1'" . DC  A 1 1  ? -5.844  -22.046 1.011   1.00 25.18 ? 1    DC  A "C1'" 1 
ATOM   9   N  N1    . DC  A 1 1  ? -4.528  -22.149 0.368   1.00 22.36 ? 1    DC  A N1    1 
ATOM   10  C  C2    . DC  A 1 1  ? -3.428  -22.054 1.217   1.00 19.89 ? 1    DC  A C2    1 
ATOM   11  O  O2    . DC  A 1 1  ? -3.674  -21.923 2.445   1.00 19.82 ? 1    DC  A O2    1 
ATOM   12  N  N3    . DC  A 1 1  ? -2.213  -22.143 0.701   1.00 19.86 ? 1    DC  A N3    1 
ATOM   13  C  C4    . DC  A 1 1  ? -2.068  -22.296 -0.628  1.00 20.81 ? 1    DC  A C4    1 
ATOM   14  N  N4    . DC  A 1 1  ? -0.844  -22.367 -1.082  1.00 21.83 ? 1    DC  A N4    1 
ATOM   15  C  C5    . DC  A 1 1  ? -3.179  -22.368 -1.523  1.00 24.78 ? 1    DC  A C5    1 
ATOM   16  C  C6    . DC  A 1 1  ? -4.397  -22.284 -0.981  1.00 23.58 ? 1    DC  A C6    1 
ATOM   17  P  P     . DG  A 1 2  ? -9.749  -20.354 2.579   1.00 28.75 ? 2    DG  A P     1 
ATOM   18  O  OP1   . DG  A 1 2  ? -10.386 -21.055 3.725   1.00 38.43 ? 2    DG  A OP1   1 
ATOM   19  O  OP2   . DG  A 1 2  ? -10.533 -19.982 1.386   1.00 30.13 ? 2    DG  A OP2   1 
ATOM   20  O  "O5'" . DG  A 1 2  ? -9.075  -19.005 3.128   1.00 23.73 ? 2    DG  A "O5'" 1 
ATOM   21  C  "C5'" . DG  A 1 2  ? -8.421  -18.929 4.405   1.00 22.49 ? 2    DG  A "C5'" 1 
ATOM   22  C  "C4'" . DG  A 1 2  ? -7.438  -17.780 4.366   1.00 20.25 ? 2    DG  A "C4'" 1 
ATOM   23  O  "O4'" . DG  A 1 2  ? -6.400  -18.058 3.413   1.00 18.74 ? 2    DG  A "O4'" 1 
ATOM   24  C  "C3'" . DG  A 1 2  ? -8.020  -16.445 3.924   1.00 19.53 ? 2    DG  A "C3'" 1 
ATOM   25  O  "O3'" . DG  A 1 2  ? -7.516  -15.396 4.734   1.00 19.47 ? 2    DG  A "O3'" 1 
ATOM   26  C  "C2'" . DG  A 1 2  ? -7.531  -16.222 2.551   1.00 19.17 ? 2    DG  A "C2'" 1 
ATOM   27  C  "C1'" . DG  A 1 2  ? -6.161  -16.862 2.614   1.00 17.30 ? 2    DG  A "C1'" 1 
ATOM   28  N  N9    . DG  A 1 2  ? -5.559  -17.320 1.373   1.00 17.47 ? 2    DG  A N9    1 
ATOM   29  C  C8    . DG  A 1 2  ? -6.145  -17.400 0.110   1.00 18.37 ? 2    DG  A C8    1 
ATOM   30  N  N7    . DG  A 1 2  ? -5.368  -17.852 -0.839  1.00 19.45 ? 2    DG  A N7    1 
ATOM   31  C  C5    . DG  A 1 2  ? -4.150  -18.090 -0.131  1.00 17.02 ? 2    DG  A C5    1 
ATOM   32  C  C6    . DG  A 1 2  ? -2.939  -18.588 -0.633  1.00 16.57 ? 2    DG  A C6    1 
ATOM   33  O  O6    . DG  A 1 2  ? -2.610  -18.939 -1.787  1.00 19.02 ? 2    DG  A O6    1 
ATOM   34  N  N1    . DG  A 1 2  ? -1.987  -18.673 0.390   1.00 16.21 ? 2    DG  A N1    1 
ATOM   35  C  C2    . DG  A 1 2  ? -2.190  -18.327 1.705   1.00 14.75 ? 2    DG  A C2    1 
ATOM   36  N  N2    . DG  A 1 2  ? -1.154  -18.489 2.500   1.00 15.59 ? 2    DG  A N2    1 
ATOM   37  N  N3    . DG  A 1 2  ? -3.342  -17.853 2.192   1.00 15.22 ? 2    DG  A N3    1 
ATOM   38  C  C4    . DG  A 1 2  ? -4.285  -17.768 1.194   1.00 16.45 ? 2    DG  A C4    1 
ATOM   39  P  P     . DG  A 1 3  ? -8.507  -14.629 5.680   1.00 20.80 ? 3    DG  A P     1 
ATOM   40  O  OP1   . DG  A 1 3  ? -9.123  -15.631 6.584   1.00 24.27 ? 3    DG  A OP1   1 
ATOM   41  O  OP2   . DG  A 1 3  ? -9.455  -13.776 4.905   1.00 24.00 ? 3    DG  A OP2   1 
ATOM   42  O  "O5'" . DG  A 1 3  ? -7.569  -13.683 6.491   1.00 19.03 ? 3    DG  A "O5'" 1 
ATOM   43  C  "C5'" . DG  A 1 3  ? -6.658  -14.128 7.513   1.00 19.61 ? 3    DG  A "C5'" 1 
ATOM   44  C  "C4'" . DG  A 1 3  ? -5.336  -13.392 7.467   1.00 17.58 ? 3    DG  A "C4'" 1 
ATOM   45  O  "O4'" . DG  A 1 3  ? -4.647  -13.713 6.230   1.00 17.00 ? 3    DG  A "O4'" 1 
ATOM   46  C  "C3'" . DG  A 1 3  ? -5.388  -11.878 7.461   1.00 17.59 ? 3    DG  A "C3'" 1 
ATOM   47  O  "O3'" . DG  A 1 3  ? -4.191  -11.356 7.970   1.00 17.56 ? 3    DG  A "O3'" 1 
ATOM   48  C  "C2'" . DG  A 1 3  ? -5.482  -11.537 6.020   1.00 17.79 ? 3    DG  A "C2'" 1 
ATOM   49  C  "C1'" . DG  A 1 3  ? -4.539  -12.540 5.411   1.00 15.29 ? 3    DG  A "C1'" 1 
ATOM   50  N  N9    . DG  A 1 3  ? -4.855  -12.931 4.030   1.00 15.43 ? 3    DG  A N9    1 
ATOM   51  C  C8    . DG  A 1 3  ? -6.051  -12.805 3.381   1.00 17.48 ? 3    DG  A C8    1 
ATOM   52  N  N7    . DG  A 1 3  ? -5.982  -13.253 2.162   1.00 16.84 ? 3    DG  A N7    1 
ATOM   53  C  C5    . DG  A 1 3  ? -4.669  -13.697 2.018   1.00 15.88 ? 3    DG  A C5    1 
ATOM   54  C  C6    . DG  A 1 3  ? -4.029  -14.281 0.894   1.00 15.74 ? 3    DG  A C6    1 
ATOM   55  O  O6    . DG  A 1 3  ? -4.497  -14.536 -0.226  1.00 17.21 ? 3    DG  A O6    1 
ATOM   56  N  N1    . DG  A 1 3  ? -2.685  -14.577 1.181   1.00 15.04 ? 3    DG  A N1    1 
ATOM   57  C  C2    . DG  A 1 3  ? -2.082  -14.335 2.375   1.00 13.88 ? 3    DG  A C2    1 
ATOM   58  N  N2    . DG  A 1 3  ? -0.790  -14.691 2.451   1.00 14.58 ? 3    DG  A N2    1 
ATOM   59  N  N3    . DG  A 1 3  ? -2.696  -13.788 3.407   1.00 14.67 ? 3    DG  A N3    1 
ATOM   60  C  C4    . DG  A 1 3  ? -3.968  -13.503 3.161   1.00 15.19 ? 3    DG  A C4    1 
ATOM   61  P  P     . DA  A 1 4  ? -4.049  -10.728 9.433   1.00 19.07 ? 4    DA  A P     1 
ATOM   62  O  OP1   . DA  A 1 4  ? -4.845  -11.564 10.341  1.00 21.47 ? 4    DA  A OP1   1 
ATOM   63  O  OP2   . DA  A 1 4  ? -4.351  -9.273  9.370   1.00 20.88 ? 4    DA  A OP2   1 
ATOM   64  O  "O5'" . DA  A 1 4  ? -2.521  -10.852 9.709   1.00 20.00 ? 4    DA  A "O5'" 1 
ATOM   65  C  "C5'" . DA  A 1 4  ? -1.870  -12.120 9.769   1.00 18.22 ? 4    DA  A "C5'" 1 
ATOM   66  C  "C4'" . DA  A 1 4  ? -0.490  -11.861 10.344  1.00 16.37 ? 4    DA  A "C4'" 1 
ATOM   67  O  "O4'" . DA  A 1 4  ? 0.150   -13.144 10.557  1.00 15.75 ? 4    DA  A "O4'" 1 
ATOM   68  C  "C3'" . DA  A 1 4  ? 0.512   -11.158 9.492   1.00 15.79 ? 4    DA  A "C3'" 1 
ATOM   69  O  "O3'" . DA  A 1 4  ? 1.512   -10.526 10.298  1.00 16.24 ? 4    DA  A "O3'" 1 
ATOM   70  C  "C2'" . DA  A 1 4  ? 1.200   -12.219 8.678   1.00 15.69 ? 4    DA  A "C2'" 1 
ATOM   71  C  "C1'" . DA  A 1 4  ? 1.383   -13.232 9.744   1.00 14.77 ? 4    DA  A "C1'" 1 
ATOM   72  N  N9    . DA  A 1 4  ? 1.391   -14.646 9.441   1.00 14.21 ? 4    DA  A N9    1 
ATOM   73  C  C8    . DA  A 1 4  ? 0.484   -15.347 8.708   1.00 15.69 ? 4    DA  A C8    1 
ATOM   74  N  N7    . DA  A 1 4  ? 0.760   -16.628 8.636   1.00 15.24 ? 4    DA  A N7    1 
ATOM   75  C  C5    . DA  A 1 4  ? 1.929   -16.760 9.381   1.00 14.21 ? 4    DA  A C5    1 
ATOM   76  C  C6    . DA  A 1 4  ? 2.724   -17.874 9.683   1.00 14.63 ? 4    DA  A C6    1 
ATOM   77  N  N6    . DA  A 1 4  ? 2.462   -19.086 9.259   1.00 16.24 ? 4    DA  A N6    1 
ATOM   78  N  N1    . DA  A 1 4  ? 3.832   -17.680 10.462  1.00 14.38 ? 4    DA  A N1    1 
ATOM   79  C  C2    . DA  A 1 4  ? 4.064   -16.446 10.864  1.00 15.22 ? 4    DA  A C2    1 
ATOM   80  N  N3    . DA  A 1 4  ? 3.392   -15.299 10.643  1.00 14.68 ? 4    DA  A N3    1 
ATOM   81  C  C4    . DA  A 1 4  ? 2.309   -15.551 9.872   1.00 13.68 ? 4    DA  A C4    1 
ATOM   82  P  P     . DA  A 1 5  ? 1.394   -9.004  10.762  1.00 17.73 ? 5    DA  A P     1 
ATOM   83  O  OP1   . DA  A 1 5  ? 2.592   -8.728  11.572  1.00 20.50 ? 5    DA  A OP1   1 
ATOM   84  O  OP2   . DA  A 1 5  ? 0.030   -8.729  11.272  1.00 19.31 ? 5    DA  A OP2   1 
ATOM   85  O  "O5'" . DA  A 1 5  ? 1.483   -8.190  9.397   1.00 18.43 ? 5    DA  A "O5'" 1 
ATOM   86  C  "C5'" . DA  A 1 5  ? 2.683   -8.210  8.624   1.00 17.63 ? 5    DA  A "C5'" 1 
ATOM   87  C  "C4'" . DA  A 1 5  ? 2.655   -7.026  7.680   1.00 17.92 ? 5    DA  A "C4'" 1 
ATOM   88  O  "O4'" . DA  A 1 5  ? 1.768   -7.366  6.580   1.00 17.85 ? 5    DA  A "O4'" 1 
ATOM   89  C  "C3'" . DA  A 1 5  ? 2.129   -5.738  8.245   1.00 19.48 ? 5    DA  A "C3'" 1 
ATOM   90  O  "O3'" . DA  A 1 5  ? 2.883   -4.615  7.831   1.00 22.80 ? 5    DA  A "O3'" 1 
ATOM   91  C  "C2'" . DA  A 1 5  ? 0.737   -5.555  7.665   1.00 19.76 ? 5    DA  A "C2'" 1 
ATOM   92  C  "C1'" . DA  A 1 5  ? 1.035   -6.209  6.296   1.00 19.66 ? 5    DA  A "C1'" 1 
ATOM   93  N  N9    . DA  A 1 5  ? -0.206  -6.519  5.599   1.00 18.36 ? 5    DA  A N9    1 
ATOM   94  C  C8    . DA  A 1 5  ? -1.496  -6.606  6.050   1.00 19.44 ? 5    DA  A C8    1 
ATOM   95  N  N7    . DA  A 1 5  ? -2.370  -6.918  5.081   1.00 18.62 ? 5    DA  A N7    1 
ATOM   96  C  C5    . DA  A 1 5  ? -1.574  -7.013  3.942   1.00 16.43 ? 5    DA  A C5    1 
ATOM   97  C  C6    . DA  A 1 5  ? -1.876  -7.305  2.591   1.00 16.55 ? 5    DA  A C6    1 
ATOM   98  N  N6    . DA  A 1 5  ? -3.060  -7.568  2.099   1.00 18.76 ? 5    DA  A N6    1 
ATOM   99  N  N1    . DA  A 1 5  ? -0.851  -7.337  1.711   1.00 16.53 ? 5    DA  A N1    1 
ATOM   100 C  C2    . DA  A 1 5  ? 0.386   -7.076  2.167   1.00 17.01 ? 5    DA  A C2    1 
ATOM   101 N  N3    . DA  A 1 5  ? 0.808   -6.780  3.418   1.00 17.27 ? 5    DA  A N3    1 
ATOM   102 C  C4    . DA  A 1 5  ? -0.260  -6.775  4.249   1.00 16.72 ? 5    DA  A C4    1 
ATOM   103 P  P     . DA  A 1 6  ? 4.088   -4.005  8.688   1.00 24.98 ? 6    DA  A P     1 
ATOM   104 O  OP1   . DA  A 1 6  ? 4.866   -5.095  9.290   1.00 34.03 ? 6    DA  A OP1   1 
ATOM   105 O  OP2   . DA  A 1 6  ? 3.481   -2.932  9.545   1.00 30.12 ? 6    DA  A OP2   1 
ATOM   106 O  "O5'" . DA  A 1 6  ? 4.964   -3.284  7.582   1.00 24.19 ? 6    DA  A "O5'" 1 
ATOM   107 C  "C5'" . DA  A 1 6  ? 5.865   -4.087  6.798   1.00 26.04 ? 6    DA  A "C5'" 1 
ATOM   108 C  "C4'" . DA  A 1 6  ? 5.829   -3.609  5.370   1.00 24.16 ? 6    DA  A "C4'" 1 
ATOM   109 O  "O4'" . DA  A 1 6  ? 4.534   -3.919  4.747   1.00 25.01 ? 6    DA  A "O4'" 1 
ATOM   110 C  "C3'" . DA  A 1 6  ? 6.015   -2.106  5.196   1.00 27.47 ? 6    DA  A "C3'" 1 
ATOM   111 O  "O3'" . DA  A 1 6  ? 6.900   -1.847  4.103   1.00 25.97 ? 6    DA  A "O3'" 1 
ATOM   112 C  "C2'" . DA  A 1 6  ? 4.590   -1.611  5.004   1.00 26.81 ? 6    DA  A "C2'" 1 
ATOM   113 C  "C1'" . DA  A 1 6  ? 4.055   -2.758  4.114   1.00 23.66 ? 6    DA  A "C1'" 1 
ATOM   114 N  N9    . DA  A 1 6  ? 2.616   -2.919  4.018   1.00 22.15 ? 6    DA  A N9    1 
ATOM   115 C  C8    . DA  A 1 6  ? 1.673   -2.704  4.968   1.00 22.27 ? 6    DA  A C8    1 
ATOM   116 N  N7    . DA  A 1 6  ? 0.449   -2.933  4.601   1.00 21.71 ? 6    DA  A N7    1 
ATOM   117 C  C5    . DA  A 1 6  ? 0.605   -3.342  3.271   1.00 19.89 ? 6    DA  A C5    1 
ATOM   118 C  C6    . DA  A 1 6  ? -0.341  -3.731  2.319   1.00 19.61 ? 6    DA  A C6    1 
ATOM   119 N  N6    . DA  A 1 6  ? -1.680  -3.800  2.482   1.00 20.36 ? 6    DA  A N6    1 
ATOM   120 N  N1    . DA  A 1 6  ? 0.144   -4.064  1.102   1.00 19.21 ? 6    DA  A N1    1 
ATOM   121 C  C2    . DA  A 1 6  ? 1.494   -4.012  0.896   1.00 20.97 ? 6    DA  A C2    1 
ATOM   122 N  N3    . DA  A 1 6  ? 2.494   -3.657  1.732   1.00 20.93 ? 6    DA  A N3    1 
ATOM   123 C  C4    . DA  A 1 6  ? 1.922   -3.338  2.904   1.00 20.64 ? 6    DA  A C4    1 
ATOM   124 P  P     . DT  A 1 7  ? 7.483   -0.416  3.828   1.00 36.73 ? 7    DT  A P     1 
ATOM   125 O  OP1   . DT  A 1 7  ? 8.806   -0.592  3.173   1.00 52.46 ? 7    DT  A OP1   1 
ATOM   126 O  OP2   . DT  A 1 7  ? 7.269   0.455   4.995   1.00 51.23 ? 7    DT  A OP2   1 
ATOM   127 O  "O5'" . DT  A 1 7  ? 6.537   0.142   2.642   1.00 37.31 ? 7    DT  A "O5'" 1 
ATOM   128 C  "C5'" . DT  A 1 7  ? 6.641   -0.534  1.380   1.00 33.46 ? 7    DT  A "C5'" 1 
ATOM   129 C  "C4'" . DT  A 1 7  ? 6.244   0.329   0.224   1.00 28.57 ? 7    DT  A "C4'" 1 
ATOM   130 O  "O4'" . DT  A 1 7  ? 4.910   0.833   0.346   1.00 28.19 ? 7    DT  A "O4'" 1 
ATOM   131 C  "C3'" . DT  A 1 7  ? 7.014   1.661   0.036   1.00 28.56 ? 7    DT  A "C3'" 1 
ATOM   132 O  "O3'" . DT  A 1 7  ? 7.714   1.505   -1.201  1.00 35.78 ? 7    DT  A "O3'" 1 
ATOM   133 C  "C2'" . DT  A 1 7  ? 6.051   2.821   0.051   1.00 24.70 ? 7    DT  A "C2'" 1 
ATOM   134 C  "C1'" . DT  A 1 7  ? 4.798   2.148   -0.320  1.00 25.40 ? 7    DT  A "C1'" 1 
ATOM   135 N  N1    . DT  A 1 7  ? 3.491   2.567   0.195   1.00 23.28 ? 7    DT  A N1    1 
ATOM   136 C  C2    . DT  A 1 7  ? 2.399   2.435   -0.635  1.00 19.86 ? 7    DT  A C2    1 
ATOM   137 O  O2    . DT  A 1 7  ? 2.421   2.008   -1.748  1.00 24.61 ? 7    DT  A O2    1 
ATOM   138 N  N3    . DT  A 1 7  ? 1.214   2.846   -0.073  1.00 20.71 ? 7    DT  A N3    1 
ATOM   139 C  C4    . DT  A 1 7  ? 0.991   3.343   1.181   1.00 21.15 ? 7    DT  A C4    1 
ATOM   140 O  O4    . DT  A 1 7  ? -0.121  3.671   1.561   1.00 20.48 ? 7    DT  A O4    1 
ATOM   141 C  C5    . DT  A 1 7  ? 2.170   3.466   1.996   1.00 21.33 ? 7    DT  A C5    1 
ATOM   142 C  C7    . DT  A 1 7  ? 1.961   3.999   3.348   1.00 24.08 ? 7    DT  A C7    1 
ATOM   143 C  C6    . DT  A 1 7  ? 3.340   3.073   1.490   1.00 22.31 ? 7    DT  A C6    1 
ATOM   144 P  P     . DT  A 1 8  ? 8.823   2.547   -1.661  1.00 35.17 ? 8    DT  A P     1 
ATOM   145 O  OP1   . DT  A 1 8  ? 9.786   1.845   -2.540  1.00 51.29 ? 8    DT  A OP1   1 
ATOM   146 O  OP2   . DT  A 1 8  ? 9.246   3.389   -0.513  1.00 44.99 ? 8    DT  A OP2   1 
ATOM   147 O  "O5'" . DT  A 1 8  ? 7.948   3.498   -2.584  1.00 31.04 ? 8    DT  A "O5'" 1 
ATOM   148 C  "C5'" . DT  A 1 8  ? 7.362   2.936   -3.756  1.00 28.82 ? 8    DT  A "C5'" 1 
ATOM   149 C  "C4'" . DT  A 1 8  ? 6.360   3.920   -4.280  1.00 24.82 ? 8    DT  A "C4'" 1 
ATOM   150 O  "O4'" . DT  A 1 8  ? 5.338   4.078   -3.291  1.00 22.34 ? 8    DT  A "O4'" 1 
ATOM   151 C  "C3'" . DT  A 1 8  ? 6.833   5.338   -4.486  1.00 23.87 ? 8    DT  A "C3'" 1 
ATOM   152 O  "O3'" . DT  A 1 8  ? 7.136   5.593   -5.858  1.00 28.04 ? 8    DT  A "O3'" 1 
ATOM   153 C  "C2'" . DT  A 1 8  ? 5.696   6.225   -4.085  1.00 23.12 ? 8    DT  A "C2'" 1 
ATOM   154 C  "C1'" . DT  A 1 8  ? 4.641   5.282   -3.670  1.00 20.60 ? 8    DT  A "C1'" 1 
ATOM   155 N  N1    . DT  A 1 8  ? 3.876   5.632   -2.467  1.00 19.83 ? 8    DT  A N1    1 
ATOM   156 C  C2    . DT  A 1 8  ? 2.500   5.613   -2.569  1.00 18.33 ? 8    DT  A C2    1 
ATOM   157 O  O2    . DT  A 1 8  ? 1.889   5.344   -3.602  1.00 19.26 ? 8    DT  A O2    1 
ATOM   158 N  N3    . DT  A 1 8  ? 1.916   5.946   -1.391  1.00 17.21 ? 8    DT  A N3    1 
ATOM   159 C  C4    . DT  A 1 8  ? 2.498   6.266   -0.196  1.00 18.91 ? 8    DT  A C4    1 
ATOM   160 O  O4    . DT  A 1 8  ? 1.778   6.551   0.791   1.00 19.18 ? 8    DT  A O4    1 
ATOM   161 C  C5    . DT  A 1 8  ? 3.933   6.244   -0.204  1.00 18.45 ? 8    DT  A C5    1 
ATOM   162 C  C7    . DT  A 1 8  ? 4.662   6.581   1.059   1.00 25.78 ? 8    DT  A C7    1 
ATOM   163 C  C6    . DT  A 1 8  ? 4.567   5.927   -1.337  1.00 20.68 ? 8    DT  A C6    1 
ATOM   164 P  P     . DC  A 1 9  ? 8.601   5.900   -6.403  1.00 32.93 ? 9    DC  A P     1 
ATOM   165 O  OP1   . DC  A 1 9  ? 8.495   6.009   -7.892  1.00 45.98 ? 9    DC  A OP1   1 
ATOM   166 O  OP2   . DC  A 1 9  ? 9.530   4.920   -5.818  1.00 43.37 ? 9    DC  A OP2   1 
ATOM   167 O  "O5'" . DC  A 1 9  ? 8.888   7.381   -5.867  1.00 29.55 ? 9    DC  A "O5'" 1 
ATOM   168 C  "C5'" . DC  A 1 9  ? 8.087   8.482   -6.398  1.00 22.95 ? 9    DC  A "C5'" 1 
ATOM   169 C  "C4'" . DC  A 1 9  ? 8.259   9.691   -5.506  1.00 26.39 ? 9    DC  A "C4'" 1 
ATOM   170 O  "O4'" . DC  A 1 9  ? 7.870   9.401   -4.167  1.00 27.03 ? 9    DC  A "O4'" 1 
ATOM   171 C  "C3'" . DC  A 1 9  ? 9.711   10.177  -5.402  1.00 27.64 ? 9    DC  A "C3'" 1 
ATOM   172 O  "O3'" . DC  A 1 9  ? 9.788   11.595  -5.415  1.00 32.48 ? 9    DC  A "O3'" 1 
ATOM   173 C  "C2'" . DC  A 1 9  ? 10.210  9.651   -4.096  1.00 29.04 ? 9    DC  A "C2'" 1 
ATOM   174 C  "C1'" . DC  A 1 9  ? 8.931   9.747   -3.273  1.00 30.40 ? 9    DC  A "C1'" 1 
ATOM   175 N  N1    . DC  A 1 9  ? 8.822   8.823   -2.157  1.00 31.79 ? 9    DC  A N1    1 
ATOM   176 C  C2    . DC  A 1 9  ? 8.634   9.303   -0.863  1.00 33.39 ? 9    DC  A C2    1 
ATOM   177 O  O2    . DC  A 1 9  ? 8.564   10.532  -0.702  1.00 38.33 ? 9    DC  A O2    1 
ATOM   178 N  N3    . DC  A 1 9  ? 8.545   8.368   0.103   1.00 38.04 ? 9    DC  A N3    1 
ATOM   179 C  C4    . DC  A 1 9  ? 8.636   7.072   -0.221  1.00 32.33 ? 9    DC  A C4    1 
ATOM   180 N  N4    . DC  A 1 9  ? 8.554   6.131   0.708   1.00 40.08 ? 9    DC  A N4    1 
ATOM   181 C  C5    . DC  A 1 9  ? 8.830   6.578   -1.529  1.00 34.26 ? 9    DC  A C5    1 
ATOM   182 C  C6    . DC  A 1 9  ? 8.915   7.505   -2.480  1.00 32.27 ? 9    DC  A C6    1 
ATOM   183 P  P     . DC  A 1 10 ? 9.872   12.422  -6.771  1.00 29.15 ? 10   DC  A P     1 
ATOM   184 O  OP1   . DC  A 1 10 ? 11.031  11.850  -7.561  1.00 38.48 ? 10   DC  A OP1   1 
ATOM   185 O  OP2   . DC  A 1 10 ? 10.080  13.853  -6.466  1.00 52.77 ? 10   DC  A OP2   1 
ATOM   186 O  "O5'" . DC  A 1 10 ? 8.511   12.195  -7.467  1.00 31.04 ? 10   DC  A "O5'" 1 
ATOM   187 C  "C5'" . DC  A 1 10 ? 7.432   13.129  -7.585  1.00 24.00 ? 10   DC  A "C5'" 1 
ATOM   188 C  "C4'" . DC  A 1 10 ? 6.236   12.252  -7.906  1.00 17.69 ? 10   DC  A "C4'" 1 
ATOM   189 O  "O4'" . DC  A 1 10 ? 5.835   11.505  -6.729  1.00 17.68 ? 10   DC  A "O4'" 1 
ATOM   190 C  "C3'" . DC  A 1 10 ? 5.015   13.011  -8.360  1.00 16.68 ? 10   DC  A "C3'" 1 
ATOM   191 O  "O3'" . DC  A 1 10 ? 4.369   12.193  -9.345  1.00 18.08 ? 10   DC  A "O3'" 1 
ATOM   192 C  "C2'" . DC  A 1 10 ? 4.208   13.224  -7.134  1.00 16.27 ? 10   DC  A "C2'" 1 
ATOM   193 C  "C1'" . DC  A 1 10 ? 4.588   12.081  -6.256  1.00 16.15 ? 10   DC  A "C1'" 1 
ATOM   194 N  N1    . DC  A 1 10 ? 4.812   12.428  -4.824  1.00 15.16 ? 10   DC  A N1    1 
ATOM   195 C  C2    . DC  A 1 10 ? 3.668   12.680  -4.072  1.00 15.08 ? 10   DC  A C2    1 
ATOM   196 O  O2    . DC  A 1 10 ? 2.574   12.610  -4.664  1.00 14.62 ? 10   DC  A O2    1 
ATOM   197 N  N3    . DC  A 1 10 ? 3.761   12.991  -2.758  1.00 14.77 ? 10   DC  A N3    1 
ATOM   198 C  C4    . DC  A 1 10 ? 4.996   13.049  -2.211  1.00 16.26 ? 10   DC  A C4    1 
ATOM   199 N  N4    . DC  A 1 10 ? 5.102   13.351  -0.937  1.00 16.88 ? 10   DC  A N4    1 
ATOM   200 C  C5    . DC  A 1 10 ? 6.204   12.784  -2.962  1.00 17.48 ? 10   DC  A C5    1 
ATOM   201 C  C6    . DC  A 1 10 ? 6.024   12.488  -4.249  1.00 16.95 ? 10   DC  A C6    1 
ATOM   202 P  P     . DC  A 1 11 ? 4.540   12.485  -10.927 1.00 19.87 ? 11   DC  A P     1 
ATOM   203 O  OP1   . DC  A 1 11 ? 3.901   11.358  -11.629 1.00 22.30 ? 11   DC  A OP1   1 
ATOM   204 O  OP2   . DC  A 1 11 ? 5.955   12.914  -11.210 1.00 23.62 ? 11   DC  A OP2   1 
ATOM   205 O  "O5'" . DC  A 1 11 ? 3.631   13.787  -11.075 1.00 19.15 ? 11   DC  A "O5'" 1 
ATOM   206 C  "C5'" . DC  A 1 11 ? 2.213   13.675  -10.846 1.00 18.03 ? 11   DC  A "C5'" 1 
ATOM   207 C  "C4'" . DC  A 1 11 ? 1.730   15.022  -10.323 1.00 16.82 ? 11   DC  A "C4'" 1 
ATOM   208 O  "O4'" . DC  A 1 11 ? 2.295   15.212  -9.005  1.00 16.36 ? 11   DC  A "O4'" 1 
ATOM   209 C  "C3'" . DC  A 1 11 ? 2.122   16.278  -11.092 1.00 18.04 ? 11   DC  A "C3'" 1 
ATOM   210 O  "O3'" . DC  A 1 11 ? 1.013   17.159  -11.155 1.00 18.04 ? 11   DC  A "O3'" 1 
ATOM   211 C  "C2'" . DC  A 1 11 ? 3.222   16.918  -10.309 1.00 18.63 ? 11   DC  A "C2'" 1 
ATOM   212 C  "C1'" . DC  A 1 11 ? 2.752   16.618  -8.918  1.00 16.47 ? 11   DC  A "C1'" 1 
ATOM   213 N  N1    . DC  A 1 11 ? 3.688   16.559  -7.804  1.00 16.38 ? 11   DC  A N1    1 
ATOM   214 C  C2    . DC  A 1 11 ? 3.220   16.593  -6.503  1.00 16.02 ? 11   DC  A C2    1 
ATOM   215 O  O2    . DC  A 1 11 ? 1.997   16.690  -6.356  1.00 15.63 ? 11   DC  A O2    1 
ATOM   216 N  N3    . DC  A 1 11 ? 4.059   16.526  -5.454  1.00 15.89 ? 11   DC  A N3    1 
ATOM   217 C  C4    . DC  A 1 11 ? 5.377   16.429  -5.710  1.00 17.79 ? 11   DC  A C4    1 
ATOM   218 N  N4    . DC  A 1 11 ? 6.175   16.368  -4.638  1.00 19.29 ? 11   DC  A N4    1 
ATOM   219 C  C5    . DC  A 1 11 ? 5.900   16.388  -7.015  1.00 19.71 ? 11   DC  A C5    1 
ATOM   220 C  C6    . DC  A 1 11 ? 5.055   16.454  -8.033  1.00 20.93 ? 11   DC  A C6    1 
ATOM   221 P  P     . DG  A 1 12 ? 0.196   17.446  -12.454 1.00 22.29 ? 12   DG  A P     1 
ATOM   222 O  OP1   . DG  A 1 12 ? -0.126  16.159  -13.064 1.00 23.44 ? 12   DG  A OP1   1 
ATOM   223 O  OP2   . DG  A 1 12 ? 0.887   18.484  -13.273 1.00 30.75 ? 12   DG  A OP2   1 
ATOM   224 O  "O5'" . DG  A 1 12 ? -1.133  18.116  -11.883 1.00 19.11 ? 12   DG  A "O5'" 1 
ATOM   225 C  "C5'" . DG  A 1 12 ? -2.092  17.317  -11.136 1.00 19.00 ? 12   DG  A "C5'" 1 
ATOM   226 C  "C4'" . DG  A 1 12 ? -2.829  18.178  -10.151 1.00 15.71 ? 12   DG  A "C4'" 1 
ATOM   227 O  "O4'" . DG  A 1 12 ? -1.976  18.676  -9.070  1.00 17.58 ? 12   DG  A "O4'" 1 
ATOM   228 C  "C3'" . DG  A 1 12 ? -3.395  19.456  -10.718 1.00 15.15 ? 12   DG  A "C3'" 1 
ATOM   229 O  "O3'" . DG  A 1 12 ? -4.589  19.808  -10.006 1.00 15.02 ? 12   DG  A "O3'" 1 
ATOM   230 C  "C2'" . DG  A 1 12 ? -2.373  20.502  -10.494 1.00 16.77 ? 12   DG  A "C2'" 1 
ATOM   231 C  "C1'" . DG  A 1 12 ? -1.773  20.203  -9.198  1.00 17.33 ? 12   DG  A "C1'" 1 
ATOM   232 N  N9    . DG  A 1 12 ? -0.375  20.136  -8.958  1.00 17.76 ? 12   DG  A N9    1 
ATOM   233 C  C8    . DG  A 1 12 ? 0.649   20.054  -9.887  1.00 19.43 ? 12   DG  A C8    1 
ATOM   234 N  N7    . DG  A 1 12 ? 1.827   20.000  -9.337  1.00 19.72 ? 12   DG  A N7    1 
ATOM   235 C  C5    . DG  A 1 12 ? 1.591   20.039  -7.981  1.00 16.63 ? 12   DG  A C5    1 
ATOM   236 C  C6    . DG  A 1 12 ? 2.465   20.009  -6.886  1.00 17.62 ? 12   DG  A C6    1 
ATOM   237 O  O6    . DG  A 1 12 ? 3.717   19.938  -6.909  1.00 20.48 ? 12   DG  A O6    1 
ATOM   238 N  N1    . DG  A 1 12 ? 1.795   20.068  -5.682  1.00 16.35 ? 12   DG  A N1    1 
ATOM   239 C  C2    . DG  A 1 12 ? 0.436   20.154  -5.510  1.00 15.02 ? 12   DG  A C2    1 
ATOM   240 N  N2    . DG  A 1 12 ? -0.059  20.206  -4.294  1.00 16.71 ? 12   DG  A N2    1 
ATOM   241 N  N3    . DG  A 1 12 ? -0.408  20.184  -6.511  1.00 16.22 ? 12   DG  A N3    1 
ATOM   242 C  C4    . DG  A 1 12 ? 0.227   20.122  -7.715  1.00 15.67 ? 12   DG  A C4    1 
HETATM 243 RH RH    A R1C B 2 .  ? -5.133  -0.096  3.881   0.24 13.51 ? 1001 R1C A RH    1 
HETATM 244 N  N5    A R1C B 2 .  ? -5.077  -0.833  2.218   0.24 15.01 ? 1001 R1C A N5    1 
HETATM 245 N  N6    A R1C B 2 .  ? -3.324  -0.057  3.697   0.24 16.60 ? 1001 R1C A N6    1 
HETATM 246 C  C21   A R1C B 2 .  ? -3.910  -0.805  1.547   0.24 13.44 ? 1001 R1C A C21   1 
HETATM 247 C  C22   A R1C B 2 .  ? -2.847  -0.253  2.448   0.24 13.39 ? 1001 R1C A C22   1 
HETATM 248 C  C23   A R1C B 2 .  ? -1.441  -0.153  1.980   0.24 14.11 ? 1001 R1C A C23   1 
HETATM 249 C  C24   A R1C B 2 .  ? -0.347  0.124   2.808   0.24 15.54 ? 1001 R1C A C24   1 
HETATM 250 C  C25   A R1C B 2 .  ? -0.516  0.403   4.209   0.24 16.78 ? 1001 R1C A C25   1 
HETATM 251 C  C26   A R1C B 2 .  ? 0.590   0.554   5.010   0.24 16.83 ? 1001 R1C A C26   1 
HETATM 252 C  C27   A R1C B 2 .  ? 1.894   0.446   4.545   0.24 19.04 ? 1001 R1C A C27   1 
HETATM 253 C  C28   A R1C B 2 .  ? 2.072   0.201   3.195   0.24 18.57 ? 1001 R1C A C28   1 
HETATM 254 C  C29   A R1C B 2 .  ? 0.966   -0.003  2.375   0.24 15.90 ? 1001 R1C A C29   1 
HETATM 255 C  C30   A R1C B 2 .  ? 1.222   -0.440  1.074   0.24 17.26 ? 1001 R1C A C30   1 
HETATM 256 C  C31   A R1C B 2 .  ? 0.132   -0.681  0.242   0.24 15.31 ? 1001 R1C A C31   1 
HETATM 257 C  C32   A R1C B 2 .  ? -1.190  -0.593  0.670   0.24 16.30 ? 1001 R1C A C32   1 
HETATM 258 C  C33   A R1C B 2 .  ? -2.285  -1.127  -0.212  0.24 15.77 ? 1001 R1C A C33   1 
HETATM 259 C  C34   A R1C B 2 .  ? -2.027  -1.352  -1.560  0.24 17.37 ? 1001 R1C A C34   1 
HETATM 260 C  C35   A R1C B 2 .  ? -3.013  -1.678  -2.474  0.24 16.46 ? 1001 R1C A C35   1 
HETATM 261 C  C36   A R1C B 2 .  ? -4.313  -1.842  -2.011  0.24 15.78 ? 1001 R1C A C36   1 
HETATM 262 C  C37   A R1C B 2 .  ? -4.607  -1.510  -0.688  0.24 15.65 ? 1001 R1C A C37   1 
HETATM 263 C  C38   A R1C B 2 .  ? -3.605  -1.240  0.257   0.24 15.91 ? 1001 R1C A C38   1 
HETATM 264 N  N1    A R1C B 2 .  ? -4.949  -1.754  4.667   0.24 11.48 ? 1001 R1C A N1    1 
HETATM 265 N  N2    A R1C B 2 .  ? -6.931  -0.474  4.017   0.24 11.51 ? 1001 R1C A N2    1 
HETATM 266 N  N3    A R1C B 2 .  ? -5.021  0.668   5.539   0.24 20.68 ? 1001 R1C A N3    1 
HETATM 267 N  N4    A R1C B 2 .  ? -5.604  1.560   3.276   0.24 16.76 ? 1001 R1C A N4    1 
HETATM 268 C  C1    A R1C B 2 .  ? -3.819  -2.357  5.095   0.24 10.94 ? 1001 R1C A C1    1 
HETATM 269 C  C2    A R1C B 2 .  ? -3.759  -3.682  5.560   0.24 12.51 ? 1001 R1C A C2    1 
HETATM 270 C  C3    A R1C B 2 .  ? -4.941  -4.407  5.557   0.24 11.09 ? 1001 R1C A C3    1 
HETATM 271 C  C4    A R1C B 2 .  ? -6.125  -3.831  5.112   0.24 10.58 ? 1001 R1C A C4    1 
HETATM 272 C  C5    A R1C B 2 .  ? -6.066  -2.491  4.675   0.24 10.75 ? 1001 R1C A C5    1 
HETATM 273 C  C6    A R1C B 2 .  ? -7.251  -1.771  4.147   0.24 13.19 ? 1001 R1C A C6    1 
HETATM 274 C  C7    A R1C B 2 .  ? -8.527  -2.290  3.919   0.24 14.87 ? 1001 R1C A C7    1 
HETATM 275 C  C8    A R1C B 2 .  ? -9.580  -1.430  3.600   0.24 13.16 ? 1001 R1C A C8    1 
HETATM 276 C  C9    A R1C B 2 .  ? -9.255  -0.077  3.527   0.24 10.97 ? 1001 R1C A C9    1 
HETATM 277 C  C10   A R1C B 2 .  ? -7.969  0.365   3.815   0.24 11.43 ? 1001 R1C A C10   1 
HETATM 278 C  C11   A R1C B 2 .  ? -4.635  0.115   6.702   0.24 23.75 ? 1001 R1C A C11   1 
HETATM 279 C  C12   A R1C B 2 .  ? -4.308  0.848   7.838   0.24 23.20 ? 1001 R1C A C12   1 
HETATM 280 C  C13   A R1C B 2 .  ? -4.357  2.242   7.814   0.24 20.96 ? 1001 R1C A C13   1 
HETATM 281 C  C14   A R1C B 2 .  ? -4.724  2.823   6.600   0.24 21.23 ? 1001 R1C A C14   1 
HETATM 282 C  C15   A R1C B 2 .  ? -5.059  2.013   5.526   0.24 19.64 ? 1001 R1C A C15   1 
HETATM 283 C  C16   A R1C B 2 .  ? -5.471  2.535   4.202   0.24 17.23 ? 1001 R1C A C16   1 
HETATM 284 C  C17   A R1C B 2 .  ? -5.622  3.893   3.960   0.24 15.52 ? 1001 R1C A C17   1 
HETATM 285 C  C18   A R1C B 2 .  ? -5.972  4.313   2.666   0.24 15.31 ? 1001 R1C A C18   1 
HETATM 286 C  C19   A R1C B 2 .  ? -6.172  3.309   1.733   0.24 14.54 ? 1001 R1C A C19   1 
HETATM 287 C  C20   A R1C B 2 .  ? -5.959  1.967   2.043   0.24 16.11 ? 1001 R1C A C20   1 
HETATM 288 RH RH    B R1C C 2 .  ? -4.882  -0.102  3.469   0.26 15.38 ? 2011 R1C A RH    1 
HETATM 289 N  N5    B R1C C 2 .  ? -3.082  0.137   3.349   0.26 12.21 ? 2011 R1C A N5    1 
HETATM 290 N  N6    B R1C C 2 .  ? -4.728  -0.786  1.805   0.26 12.30 ? 2011 R1C A N6    1 
HETATM 291 C  C21   B R1C C 2 .  ? -2.444  -0.307  2.213   0.26 11.76 ? 2011 R1C A C21   1 
HETATM 292 C  C22   B R1C C 2 .  ? -3.478  -0.825  1.273   0.26 12.04 ? 2011 R1C A C22   1 
HETATM 293 C  C23   B R1C C 2 .  ? -3.042  -1.287  -0.077  0.26 14.72 ? 2011 R1C A C23   1 
HETATM 294 C  C24   B R1C C 2 .  ? -3.989  -1.623  -1.050  0.26 12.13 ? 2011 R1C A C24   1 
HETATM 295 C  C25   B R1C C 2 .  ? -5.373  -1.610  -0.833  0.26 15.95 ? 2011 R1C A C25   1 
HETATM 296 C  C26   B R1C C 2 .  ? -6.306  -1.880  -1.818  0.26 16.23 ? 2011 R1C A C26   1 
HETATM 297 C  C27   B R1C C 2 .  ? -5.884  -2.146  -3.112  0.26 17.54 ? 2011 R1C A C27   1 
HETATM 298 C  C28   B R1C C 2 .  ? -4.516  -2.218  -3.333  0.26 16.94 ? 2011 R1C A C28   1 
HETATM 299 C  C29   B R1C C 2 .  ? -3.591  -1.927  -2.345  0.26 14.70 ? 2011 R1C A C29   1 
HETATM 300 C  C30   B R1C C 2 .  ? -2.238  -1.914  -2.653  0.26 15.49 ? 2011 R1C A C30   1 
HETATM 301 C  C31   B R1C C 2 .  ? -1.294  -1.553  -1.699  0.26 16.76 ? 2011 R1C A C31   1 
HETATM 302 C  C32   B R1C C 2 .  ? -1.679  -1.205  -0.393  0.26 14.41 ? 2011 R1C A C32   1 
HETATM 303 C  C33   B R1C C 2 .  ? -0.662  -0.693  0.599   0.26 13.03 ? 2011 R1C A C33   1 
HETATM 304 C  C34   B R1C C 2 .  ? 0.710   -0.793  0.349   0.26 15.02 ? 2011 R1C A C34   1 
HETATM 305 C  C35   B R1C C 2 .  ? 1.668   -0.519  1.330   0.26 16.79 ? 2011 R1C A C35   1 
HETATM 306 C  C36   B R1C C 2 .  ? 1.237   -0.164  2.603   0.26 16.65 ? 2011 R1C A C36   1 
HETATM 307 C  C37   B R1C C 2 .  ? -0.119  -0.020  2.843   0.26 14.53 ? 2011 R1C A C37   1 
HETATM 308 C  C38   B R1C C 2 .  ? -1.095  -0.280  1.879   0.26 12.42 ? 2011 R1C A C38   1 
HETATM 309 N  N1    B R1C C 2 .  ? -5.224  1.503   2.668   0.26 17.52 ? 2011 R1C A N1    1 
HETATM 310 N  N2    B R1C C 2 .  ? -4.560  0.905   4.948   0.26 21.31 ? 2011 R1C A N2    1 
HETATM 311 N  N3    B R1C C 2 .  ? -6.632  -0.648  3.537   0.26 13.04 ? 2011 R1C A N3    1 
HETATM 312 N  N4    B R1C C 2 .  ? -4.557  -1.732  4.229   0.26 13.38 ? 2011 R1C A N4    1 
HETATM 313 C  C1    B R1C C 2 .  ? -5.622  1.802   1.402   0.26 14.99 ? 2011 R1C A C1    1 
HETATM 314 C  C2    B R1C C 2 .  ? -5.906  3.109   1.009   0.26 14.85 ? 2011 R1C A C2    1 
HETATM 315 C  C3    B R1C C 2 .  ? -5.797  4.197   1.858   0.26 14.25 ? 2011 R1C A C3    1 
HETATM 316 C  C4    B R1C C 2 .  ? -5.366  3.920   3.157   0.26 15.51 ? 2011 R1C A C4    1 
HETATM 317 C  C5    B R1C C 2 .  ? -5.120  2.583   3.467   0.26 15.53 ? 2011 R1C A C5    1 
HETATM 318 C  C6    B R1C C 2 .  ? -4.760  2.230   4.849   0.26 18.90 ? 2011 R1C A C6    1 
HETATM 319 C  C7    B R1C C 2 .  ? -4.596  3.107   5.919   0.26 19.46 ? 2011 R1C A C7    1 
HETATM 320 C  C8    B R1C C 2 .  ? -4.254  2.618   7.183   0.26 20.32 ? 2011 R1C A C8    1 
HETATM 321 C  C9    B R1C C 2 .  ? -4.120  1.235   7.309   0.26 22.68 ? 2011 R1C A C9    1 
HETATM 322 C  C10   B R1C C 2 .  ? -4.277  0.443   6.176   0.26 22.42 ? 2011 R1C A C10   1 
HETATM 323 C  C11   B R1C C 2 .  ? -7.740  0.072   3.266   0.26 13.75 ? 2011 R1C A C11   1 
HETATM 324 C  C12   B R1C C 2 .  ? -9.013  -0.476  3.187   0.26 12.89 ? 2011 R1C A C12   1 
HETATM 325 C  C13   B R1C C 2 .  ? -9.217  -1.831  3.475   0.26 12.92 ? 2011 R1C A C13   1 
HETATM 326 C  C14   B R1C C 2 .  ? -8.068  -2.571  3.796   0.26 12.73 ? 2011 R1C A C14   1 
HETATM 327 C  C15   B R1C C 2 .  ? -6.867  -1.894  3.982   0.26 11.82 ? 2011 R1C A C15   1 
HETATM 328 C  C16   B R1C C 2 .  ? -5.604  -2.561  4.352   0.26 9.61  ? 2011 R1C A C16   1 
HETATM 329 C  C17   B R1C C 2 .  ? -5.586  -3.880  4.816   0.26 11.82 ? 2011 R1C A C17   1 
HETATM 330 C  C18   B R1C C 2 .  ? -4.356  -4.395  5.251   0.26 11.95 ? 2011 R1C A C18   1 
HETATM 331 C  C19   B R1C C 2 .  ? -3.284  -3.528  5.245   0.26 13.30 ? 2011 R1C A C19   1 
HETATM 332 C  C20   B R1C C 2 .  ? -3.400  -2.258  4.688   0.26 11.28 ? 2011 R1C A C20   1 
HETATM 333 RH RH    . R1C D 2 .  ? 0.437   8.291   -6.893  1.00 15.36 ? 1002 R1C A RH    1 
HETATM 334 N  N5    . R1C D 2 .  ? -1.120  8.378   -5.749  1.00 14.61 ? 1002 R1C A N5    1 
HETATM 335 N  N6    . R1C D 2 .  ? 1.298   8.665   -5.219  1.00 14.29 ? 1002 R1C A N6    1 
HETATM 336 C  C21   . R1C D 2 .  ? -0.951  8.654   -4.475  1.00 13.84 ? 1002 R1C A C21   1 
HETATM 337 C  C22   . R1C D 2 .  ? 0.517   8.789   -4.177  1.00 13.97 ? 1002 R1C A C22   1 
HETATM 338 C  C23   . R1C D 2 .  ? 0.924   9.144   -2.795  1.00 14.44 ? 1002 R1C A C23   1 
HETATM 339 C  C24   . R1C D 2 .  ? 2.305   9.326   -2.376  1.00 14.78 ? 1002 R1C A C24   1 
HETATM 340 C  C25   . R1C D 2 .  ? 3.342   9.259   -3.279  1.00 16.27 ? 1002 R1C A C25   1 
HETATM 341 C  C26   . R1C D 2 .  ? 4.673   9.452   -2.873  1.00 16.26 ? 1002 R1C A C26   1 
HETATM 342 C  C27   . R1C D 2 .  ? 4.949   9.757   -1.550  1.00 16.42 ? 1002 R1C A C27   1 
HETATM 343 C  C28   . R1C D 2 .  ? 3.938   9.851   -0.650  1.00 16.49 ? 1002 R1C A C28   1 
HETATM 344 C  C29   . R1C D 2 .  ? 2.611   9.614   -1.059  1.00 15.70 ? 1002 R1C A C29   1 
HETATM 345 C  C30   . R1C D 2 .  ? 1.616   9.704   -0.134  1.00 16.04 ? 1002 R1C A C30   1 
HETATM 346 C  C31   . R1C D 2 .  ? 0.287   9.550   -0.489  1.00 15.05 ? 1002 R1C A C31   1 
HETATM 347 C  C32   . R1C D 2 .  ? -0.071  9.316   -1.852  1.00 14.12 ? 1002 R1C A C32   1 
HETATM 348 C  C33   . R1C D 2 .  ? -1.548  9.216   -2.180  1.00 13.70 ? 1002 R1C A C33   1 
HETATM 349 C  C34   . R1C D 2 .  ? -2.522  9.453   -1.216  1.00 14.93 ? 1002 R1C A C34   1 
HETATM 350 C  C35   . R1C D 2 .  ? -3.883  9.338   -1.516  1.00 15.11 ? 1002 R1C A C35   1 
HETATM 351 C  C36   . R1C D 2 .  ? -4.262  8.978   -2.818  1.00 14.84 ? 1002 R1C A C36   1 
HETATM 352 C  C37   . R1C D 2 .  ? -3.324  8.730   -3.790  1.00 14.40 ? 1002 R1C A C37   1 
HETATM 353 C  C38   . R1C D 2 .  ? -1.955  8.870   -3.467  1.00 14.07 ? 1002 R1C A C38   1 
HETATM 354 N  N1    . R1C D 2 .  ? 0.204   10.150  -7.401  1.00 14.01 ? 1002 R1C A N1    1 
HETATM 355 N  N2    . R1C D 2 .  ? -0.573  8.150   -8.572  1.00 16.99 ? 1002 R1C A N2    1 
HETATM 356 N  N3    . R1C D 2 .  ? 2.160   8.072   -7.663  1.00 16.86 ? 1002 R1C A N3    1 
HETATM 357 N  N4    . R1C D 2 .  ? 0.713   6.408   -6.597  1.00 17.08 ? 1002 R1C A N4    1 
HETATM 358 C  C1    . R1C D 2 .  ? 0.648   11.219  -6.677  1.00 14.37 ? 1002 R1C A C1    1 
HETATM 359 C  C2    . R1C D 2 .  ? 0.487   12.552  -7.019  1.00 14.19 ? 1002 R1C A C2    1 
HETATM 360 C  C3    . R1C D 2 .  ? -0.169  12.864  -8.187  1.00 14.14 ? 1002 R1C A C3    1 
HETATM 361 C  C4    . R1C D 2 .  ? -0.647  11.805  -8.938  1.00 13.91 ? 1002 R1C A C4    1 
HETATM 362 C  C5    . R1C D 2 .  ? -0.436  10.504  -8.481  1.00 13.86 ? 1002 R1C A C5    1 
HETATM 363 C  C6    . R1C D 2 .  ? -0.958  9.306   -9.171  1.00 15.57 ? 1002 R1C A C6    1 
HETATM 364 C  C7    . R1C D 2 .  ? -1.736  9.416   -10.315 1.00 17.08 ? 1002 R1C A C7    1 
HETATM 365 C  C8    . R1C D 2 .  ? -2.192  8.230   -10.924 1.00 18.97 ? 1002 R1C A C8    1 
HETATM 366 C  C9    . R1C D 2 .  ? -1.843  7.016   -10.350 1.00 18.51 ? 1002 R1C A C9    1 
HETATM 367 C  C10   . R1C D 2 .  ? -1.009  7.061   -9.204  1.00 17.58 ? 1002 R1C A C10   1 
HETATM 368 C  C11   . R1C D 2 .  ? 2.978   8.952   -8.264  1.00 17.02 ? 1002 R1C A C11   1 
HETATM 369 C  C12   . R1C D 2 .  ? 4.275   8.781   -8.690  1.00 19.50 ? 1002 R1C A C12   1 
HETATM 370 C  C13   . R1C D 2 .  ? 4.832   7.525   -8.499  1.00 21.82 ? 1002 R1C A C13   1 
HETATM 371 C  C14   . R1C D 2 .  ? 4.076   6.559   -7.878  1.00 19.89 ? 1002 R1C A C14   1 
HETATM 372 C  C15   . R1C D 2 .  ? 2.758   6.860   -7.539  1.00 16.68 ? 1002 R1C A C15   1 
HETATM 373 C  C16   . R1C D 2 .  ? 1.898   5.874   -6.914  1.00 17.43 ? 1002 R1C A C16   1 
HETATM 374 C  C17   . R1C D 2 .  ? 2.228   4.530   -6.787  1.00 21.68 ? 1002 R1C A C17   1 
HETATM 375 C  C18   . R1C D 2 .  ? 1.282   3.605   -6.343  1.00 22.36 ? 1002 R1C A C18   1 
HETATM 376 C  C19   . R1C D 2 .  ? 0.022   4.153   -6.057  1.00 20.06 ? 1002 R1C A C19   1 
HETATM 377 C  C20   . R1C D 2 .  ? -0.174  5.502   -6.179  1.00 18.15 ? 1002 R1C A C20   1 
HETATM 378 O  O     . HOH E 3 .  ? 6.232   -18.543 9.047   1.00 16.03 ? 2012 HOH A O     1 
HETATM 379 O  O     . HOH E 3 .  ? -2.894  18.317  -5.978  0.50 21.85 ? 2013 HOH A O     1 
HETATM 380 O  O     . HOH E 3 .  ? -4.781  -12.961 12.263  1.00 21.05 ? 2014 HOH A O     1 
HETATM 381 O  O     . HOH E 3 .  ? -6.100  -8.516  7.617   1.00 23.44 ? 2015 HOH A O     1 
HETATM 382 O  O     . HOH E 3 .  ? -0.322  11.552  -12.845 1.00 24.09 ? 2016 HOH A O     1 
HETATM 383 O  O     . HOH E 3 .  ? -1.824  3.597   3.735   1.00 30.73 ? 2017 HOH A O     1 
HETATM 384 O  O     . HOH E 3 .  ? 1.613   10.133  -11.122 1.00 24.82 ? 2018 HOH A O     1 
HETATM 385 O  O     . HOH E 3 .  ? 4.892   -13.434 11.968  1.00 25.08 ? 2019 HOH A O     1 
HETATM 386 O  O     . HOH E 3 .  ? -1.856  -7.731  9.184   1.00 26.65 ? 2020 HOH A O     1 
HETATM 387 O  O     . HOH E 3 .  ? 0.214   20.990  -13.474 1.00 27.99 ? 2021 HOH A O     1 
HETATM 388 O  O     . HOH E 3 .  ? 4.947   -3.366  0.659   1.00 34.20 ? 2022 HOH A O     1 
HETATM 389 O  O     . HOH E 3 .  ? -6.599  -13.768 -1.750  1.00 31.49 ? 2023 HOH A O     1 
HETATM 390 O  O     . HOH E 3 .  ? -9.687  -17.654 0.003   1.00 42.66 ? 2024 HOH A O     1 
HETATM 391 O  O     . HOH E 3 .  ? -5.003  -7.978  5.323   1.00 25.62 ? 2025 HOH A O     1 
HETATM 392 O  O     . HOH E 3 .  ? 3.548   -6.519  4.156   1.00 23.06 ? 2026 HOH A O     1 
HETATM 393 O  O     . HOH E 3 .  ? -0.340  16.156  -7.963  1.00 22.91 ? 2027 HOH A O     1 
HETATM 394 O  O     . HOH E 3 .  ? 8.711   11.873  1.731   1.00 24.02 ? 2028 HOH A O     1 
HETATM 395 O  O     . HOH E 3 .  ? 1.546   -1.483  8.094   1.00 37.43 ? 2029 HOH A O     1 
HETATM 396 O  O     . HOH E 3 .  ? 2.276   7.994   3.156   1.00 31.96 ? 2030 HOH A O     1 
HETATM 397 O  O     . HOH E 3 .  ? -8.471  -9.537  6.780   1.00 29.94 ? 2031 HOH A O     1 
HETATM 398 O  O     . HOH E 3 .  ? 4.698   -10.553 11.753  1.00 27.23 ? 2032 HOH A O     1 
HETATM 399 O  O     . HOH E 3 .  ? -6.732  -13.808 11.434  1.00 26.64 ? 2033 HOH A O     1 
HETATM 400 O  O     . HOH E 3 .  ? -4.300  -19.319 -3.750  1.00 38.40 ? 2034 HOH A O     1 
HETATM 401 O  O     . HOH E 3 .  ? -8.815  -11.046 4.652   1.00 32.70 ? 2035 HOH A O     1 
HETATM 402 O  O     . HOH E 3 .  ? -6.268  -17.712 -3.424  1.00 29.88 ? 2036 HOH A O     1 
HETATM 403 O  O     . HOH E 3 .  ? 1.672   7.568   -11.554 1.00 35.48 ? 2037 HOH A O     1 
HETATM 404 O  O     . HOH E 3 .  ? -0.645  3.493   6.556   1.00 36.29 ? 2038 HOH A O     1 
HETATM 405 O  O     . HOH E 3 .  ? -8.221  -12.748 0.560   1.00 30.98 ? 2039 HOH A O     1 
HETATM 406 O  O     . HOH E 3 .  ? -5.526  -9.531  3.004   1.00 28.97 ? 2040 HOH A O     1 
HETATM 407 O  O     . HOH E 3 .  ? -1.721  -10.118 13.361  1.00 32.38 ? 2041 HOH A O     1 
HETATM 408 O  O     . HOH E 3 .  ? 3.661   20.728  -11.444 1.00 35.11 ? 2042 HOH A O     1 
HETATM 409 O  O     . HOH E 3 .  ? -7.409  -10.248 10.784  1.00 33.44 ? 2043 HOH A O     1 
HETATM 410 O  O     . HOH E 3 .  ? 5.989   9.384   -11.706 1.00 35.09 ? 2044 HOH A O     1 
HETATM 411 O  O     . HOH E 3 .  ? 3.781   -6.256  11.880  1.00 32.29 ? 2045 HOH A O     1 
HETATM 412 O  O     . HOH E 3 .  ? 5.753   19.916  -8.585  1.00 31.04 ? 2046 HOH A O     1 
HETATM 413 O  O     . HOH E 3 .  ? -9.954  -1.548  0.638   1.00 52.01 ? 2047 HOH A O     1 
HETATM 414 O  O     . HOH E 3 .  ? 2.846   -7.729  14.087  1.00 33.54 ? 2048 HOH A O     1 
HETATM 415 O  O     . HOH E 3 .  ? 3.044   -5.004  14.013  1.00 34.52 ? 2049 HOH A O     1 
HETATM 416 O  O     . HOH E 3 .  ? 7.586   9.188   -9.926  1.00 35.00 ? 2050 HOH A O     1 
HETATM 417 O  O     . HOH E 3 .  ? -5.949  -13.899 14.034  1.00 45.76 ? 2051 HOH A O     1 
HETATM 418 O  O     . HOH E 3 .  ? 3.418   11.076  -14.399 1.00 43.69 ? 2052 HOH A O     1 
HETATM 419 O  O     . HOH E 3 .  ? 2.023   22.815  -12.287 1.00 41.87 ? 2053 HOH A O     1 
HETATM 420 O  O     . HOH E 3 .  ? 12.342  8.384   -1.734  1.00 39.35 ? 2054 HOH A O     1 
HETATM 421 O  O     . HOH E 3 .  ? -2.406  6.473   3.722   1.00 47.38 ? 2055 HOH A O     1 
HETATM 422 O  O     . HOH E 3 .  ? 6.689   -8.524  11.534  1.00 37.29 ? 2056 HOH A O     1 
HETATM 423 O  O     . HOH E 3 .  ? -6.212  -11.271 -3.547  1.00 52.92 ? 2057 HOH A O     1 
HETATM 424 O  O     . HOH E 3 .  ? 4.255   -1.844  -1.857  1.00 51.10 ? 2058 HOH A O     1 
HETATM 425 O  O     . HOH E 3 .  ? -4.364  4.483   -9.987  1.00 46.69 ? 2059 HOH A O     1 
HETATM 426 O  O     . HOH E 3 .  ? 6.668   15.618  -10.810 1.00 30.07 ? 2060 HOH A O     1 
HETATM 427 O  O     . HOH E 3 .  ? 12.351  6.508   -3.912  1.00 47.47 ? 2061 HOH A O     1 
HETATM 428 O  O     . HOH E 3 .  ? 8.078   11.813  -11.236 1.00 43.38 ? 2062 HOH A O     1 
HETATM 429 O  O     . HOH E 3 .  ? 1.545   5.112   -10.269 1.00 42.35 ? 2063 HOH A O     1 
HETATM 430 O  O     . HOH E 3 .  ? -9.472  -11.233 8.770   1.00 44.93 ? 2064 HOH A O     1 
HETATM 431 O  O     . HOH E 3 .  ? -1.816  4.243   -9.209  1.00 51.33 ? 2065 HOH A O     1 
HETATM 432 O  O     . HOH E 3 .  ? -11.448 -21.408 -1.055  1.00 39.33 ? 2066 HOH A O     1 
HETATM 433 O  O     . HOH E 3 .  ? 6.061   22.178  -9.975  1.00 39.53 ? 2067 HOH A O     1 
HETATM 434 O  O     . HOH E 3 .  ? -0.283  -6.726  13.331  1.00 48.86 ? 2068 HOH A O     1 
HETATM 435 O  O     . HOH E 3 .  ? -4.314  5.373   -8.736  1.00 42.95 ? 2069 HOH A O     1 
HETATM 436 O  O     . HOH E 3 .  ? 7.117   -4.680  0.899   1.00 40.15 ? 2070 HOH A O     1 
HETATM 437 O  O     . HOH E 3 .  ? -5.412  -10.496 13.805  1.00 64.37 ? 2071 HOH A O     1 
HETATM 438 O  O     . HOH E 3 .  ? -10.083 -18.030 -2.548  1.00 54.78 ? 2072 HOH A O     1 
HETATM 439 O  O     . HOH E 3 .  ? -3.018  -19.089 -4.659  1.00 46.23 ? 2073 HOH A O     1 
HETATM 440 O  O     . HOH E 3 .  ? -6.269  -17.260 -5.417  1.00 35.29 ? 2074 HOH A O     1 
HETATM 441 O  O     . HOH E 3 .  ? 3.627   23.545  -10.653 1.00 49.33 ? 2075 HOH A O     1 
HETATM 442 O  O     . HOH E 3 .  ? 8.346   -1.786  9.515   1.00 43.65 ? 2076 HOH A O     1 
HETATM 443 O  O     . HOH E 3 .  ? 5.325   -2.797  13.123  1.00 60.28 ? 2077 HOH A O     1 
HETATM 444 O  O     . HOH E 3 .  ? 9.533   11.547  -7.820  1.00 35.98 ? 2078 HOH A O     1 
HETATM 445 O  O     . HOH E 3 .  ? 10.172  -4.236  2.030   1.00 59.89 ? 2079 HOH A O     1 
HETATM 446 O  O     . HOH E 3 .  ? 9.390   7.482   -9.937  1.00 48.98 ? 2080 HOH A O     1 
HETATM 447 O  O     . HOH E 3 .  ? 8.030   7.523   3.055   1.00 48.80 ? 2081 HOH A O     1 
HETATM 448 O  O     . HOH E 3 .  ? 6.250   4.253   3.625   1.00 43.18 ? 2082 HOH A O     1 
HETATM 449 O  O     . HOH E 3 .  ? 5.051   3.015   -8.023  1.00 34.02 ? 2083 HOH A O     1 
HETATM 450 O  O     . HOH E 3 .  ? 8.824   14.661  -14.124 1.00 58.12 ? 2084 HOH A O     1 
HETATM 451 O  O     . HOH E 3 .  ? 13.431  7.693   -5.314  1.00 64.52 ? 2085 HOH A O     1 
HETATM 452 O  O     . HOH E 3 .  ? -10.525 -15.414 0.775   1.00 51.61 ? 2086 HOH A O     1 
# 
loop_
_atom_site_anisotrop.id 
_atom_site_anisotrop.type_symbol 
_atom_site_anisotrop.pdbx_label_atom_id 
_atom_site_anisotrop.pdbx_label_alt_id 
_atom_site_anisotrop.pdbx_label_comp_id 
_atom_site_anisotrop.pdbx_label_asym_id 
_atom_site_anisotrop.pdbx_label_seq_id 
_atom_site_anisotrop.pdbx_PDB_ins_code 
_atom_site_anisotrop.U[1][1] 
_atom_site_anisotrop.U[2][2] 
_atom_site_anisotrop.U[3][3] 
_atom_site_anisotrop.U[1][2] 
_atom_site_anisotrop.U[1][3] 
_atom_site_anisotrop.U[2][3] 
_atom_site_anisotrop.pdbx_auth_seq_id 
_atom_site_anisotrop.pdbx_auth_comp_id 
_atom_site_anisotrop.pdbx_auth_asym_id 
_atom_site_anisotrop.pdbx_auth_atom_id 
1   O  "O5'" . DC  A 1  ? 0.6454 0.7174 0.3703 -0.1131 -0.0993 -0.1018 1    DC  A "O5'" 
2   C  "C5'" . DC  A 1  ? 0.4019 0.4370 0.3491 0.0042  -0.0599 0.1434  1    DC  A "C5'" 
3   C  "C4'" . DC  A 1  ? 0.3113 0.3476 0.3178 -0.0499 -0.1384 0.0949  1    DC  A "C4'" 
4   O  "O4'" . DC  A 1  ? 0.3749 0.3135 0.3087 -0.0293 -0.1662 0.0225  1    DC  A "O4'" 
5   C  "C3'" . DC  A 1  ? 0.2866 0.2981 0.3584 -0.0347 -0.1085 0.0739  1    DC  A "C3'" 
6   O  "O3'" . DC  A 1  ? 0.3133 0.3467 0.3602 -0.0003 -0.0838 0.0772  1    DC  A "O3'" 
7   C  "C2'" . DC  A 1  ? 0.2910 0.3137 0.4134 -0.0264 -0.1080 -0.0322 1    DC  A "C2'" 
8   C  "C1'" . DC  A 1  ? 0.3381 0.2998 0.3188 -0.0035 -0.1588 0.0088  1    DC  A "C1'" 
9   N  N1    . DC  A 1  ? 0.3676 0.2173 0.2648 -0.0034 -0.1452 0.0166  1    DC  A N1    
10  C  C2    . DC  A 1  ? 0.3308 0.2086 0.2164 -0.0411 -0.0969 0.0703  1    DC  A C2    
11  O  O2    . DC  A 1  ? 0.3005 0.2341 0.2186 -0.0508 -0.0828 0.0433  1    DC  A O2    
12  N  N3    . DC  A 1  ? 0.3523 0.2064 0.1960 -0.0741 -0.0709 0.0385  1    DC  A N3    
13  C  C4    . DC  A 1  ? 0.4066 0.2092 0.1747 -0.1377 -0.0894 0.0672  1    DC  A C4    
14  N  N4    . DC  A 1  ? 0.4295 0.2461 0.1538 -0.1084 -0.0660 0.0313  1    DC  A N4    
15  C  C5    . DC  A 1  ? 0.4458 0.2742 0.2215 -0.1174 -0.1277 0.0852  1    DC  A C5    
16  C  C6    . DC  A 1  ? 0.4241 0.2061 0.2656 -0.0705 -0.1514 0.0120  1    DC  A C6    
17  P  P     . DG  A 2  ? 0.3018 0.3854 0.4051 -0.0772 -0.1181 -0.0109 2    DG  A P     
18  O  OP1   . DG  A 2  ? 0.4339 0.4717 0.5547 -0.1294 0.0581  0.0719  2    DG  A OP1   
19  O  OP2   . DG  A 2  ? 0.2803 0.3818 0.4830 -0.0267 -0.1223 -0.0558 2    DG  A OP2   
20  O  "O5'" . DG  A 2  ? 0.2316 0.3597 0.3104 -0.0315 -0.0571 0.0218  2    DG  A "O5'" 
21  C  "C5'" . DG  A 2  ? 0.2361 0.3067 0.3117 -0.0553 -0.0615 0.0359  2    DG  A "C5'" 
22  C  "C4'" . DG  A 2  ? 0.2161 0.2664 0.2869 -0.0211 -0.0242 0.0386  2    DG  A "C4'" 
23  O  "O4'" . DG  A 2  ? 0.2126 0.2589 0.2407 -0.0071 -0.0622 0.0289  2    DG  A "O4'" 
24  C  "C3'" . DG  A 2  ? 0.1946 0.2874 0.2599 -0.0014 -0.0543 0.0234  2    DG  A "C3'" 
25  O  "O3'" . DG  A 2  ? 0.1905 0.2894 0.2599 0.0433  -0.0108 -0.0201 2    DG  A "O3'" 
26  C  "C2'" . DG  A 2  ? 0.2114 0.2741 0.2429 0.0116  -0.0746 0.0133  2    DG  A "C2'" 
27  C  "C1'" . DG  A 2  ? 0.1975 0.2311 0.2287 -0.0046 -0.0649 0.0280  2    DG  A "C1'" 
28  N  N9    . DG  A 2  ? 0.2191 0.2131 0.2317 -0.0045 -0.0726 0.0147  2    DG  A N9    
29  C  C8    . DG  A 2  ? 0.2325 0.2198 0.2457 0.0043  -0.0871 0.0057  2    DG  A C8    
30  N  N7    . DG  A 2  ? 0.2541 0.2390 0.2459 -0.0030 -0.0928 -0.0147 2    DG  A N7    
31  C  C5    . DG  A 2  ? 0.2334 0.1962 0.2172 -0.0171 -0.0811 0.0055  2    DG  A C5    
32  C  C6    . DG  A 2  ? 0.2628 0.1755 0.1915 0.0034  -0.0592 0.0345  2    DG  A C6    
33  O  O6    . DG  A 2  ? 0.3223 0.2113 0.1891 -0.0102 -0.0631 0.0155  2    DG  A O6    
34  N  N1    . DG  A 2  ? 0.2333 0.1924 0.1899 0.0084  -0.0397 0.0081  2    DG  A N1    
35  C  C2    . DG  A 2  ? 0.2083 0.1648 0.1872 -0.0030 -0.0372 0.0203  2    DG  A C2    
36  N  N2    . DG  A 2  ? 0.2012 0.1942 0.1971 0.0115  -0.0370 0.0265  2    DG  A N2    
37  N  N3    . DG  A 2  ? 0.1951 0.2017 0.1813 -0.0120 -0.0395 0.0110  2    DG  A N3    
38  C  C4    . DG  A 2  ? 0.2104 0.1903 0.2244 -0.0162 -0.0689 0.0046  2    DG  A C4    
39  P  P     . DG  A 3  ? 0.2069 0.3173 0.2662 0.0324  -0.0382 0.0314  3    DG  A P     
40  O  OP1   . DG  A 3  ? 0.2149 0.3584 0.3490 0.0397  -0.0686 -0.0226 3    DG  A OP1   
41  O  OP2   . DG  A 3  ? 0.2411 0.3444 0.3264 0.0780  -0.0934 -0.0457 3    DG  A OP2   
42  O  "O5'" . DG  A 3  ? 0.2294 0.2763 0.2172 0.0383  -0.0501 0.0116  3    DG  A "O5'" 
43  C  "C5'" . DG  A 3  ? 0.2066 0.3140 0.2246 0.0302  -0.0356 0.0407  3    DG  A "C5'" 
44  C  "C4'" . DG  A 3  ? 0.2041 0.2642 0.1997 0.0578  -0.0283 0.0351  3    DG  A "C4'" 
45  O  "O4'" . DG  A 3  ? 0.2282 0.2082 0.2097 0.0479  -0.0144 0.0412  3    DG  A "O4'" 
46  C  "C3'" . DG  A 3  ? 0.1919 0.2639 0.2127 0.0753  -0.0178 0.0235  3    DG  A "C3'" 
47  O  "O3'" . DG  A 3  ? 0.2301 0.2764 0.1608 0.0595  -0.0241 0.0157  3    DG  A "O3'" 
48  C  "C2'" . DG  A 3  ? 0.2360 0.2345 0.2054 0.0863  -0.0565 0.0057  3    DG  A "C2'" 
49  C  "C1'" . DG  A 3  ? 0.2009 0.1765 0.2036 0.0324  -0.0315 0.0206  3    DG  A "C1'" 
50  N  N9    . DG  A 3  ? 0.1809 0.2013 0.2042 0.0362  -0.0351 0.0231  3    DG  A N9    
51  C  C8    . DG  A 3  ? 0.1765 0.2677 0.2198 0.0108  -0.0356 0.0198  3    DG  A C8    
52  N  N7    . DG  A 3  ? 0.1897 0.2272 0.2230 0.0291  -0.0392 0.0142  3    DG  A N7    
53  C  C5    . DG  A 3  ? 0.1990 0.1867 0.2179 0.0319  -0.0566 0.0083  3    DG  A C5    
54  C  C6    . DG  A 3  ? 0.2126 0.1768 0.2086 0.0241  -0.0466 0.0087  3    DG  A C6    
55  O  O6    . DG  A 3  ? 0.2112 0.2330 0.2096 0.0085  -0.0588 0.0095  3    DG  A O6    
56  N  N1    . DG  A 3  ? 0.2158 0.1836 0.1721 0.0355  -0.0454 0.0204  3    DG  A N1    
57  C  C2    . DG  A 3  ? 0.1990 0.1695 0.1590 0.0118  -0.0228 0.0297  3    DG  A C2    
58  N  N2    . DG  A 3  ? 0.2001 0.1919 0.1619 0.0275  -0.0290 0.0058  3    DG  A N2    
59  N  N3    . DG  A 3  ? 0.1941 0.1906 0.1728 0.0333  -0.0321 0.0173  3    DG  A N3    
60  C  C4    . DG  A 3  ? 0.2049 0.1764 0.1959 0.0411  -0.0442 0.0186  3    DG  A C4    
61  P  P     . DA  A 4  ? 0.2201 0.2746 0.2300 0.0759  -0.0321 0.0139  4    DA  A P     
62  O  OP1   . DA  A 4  ? 0.2655 0.2868 0.2635 0.0737  -0.0555 0.0249  4    DA  A OP1   
63  O  OP2   . DA  A 4  ? 0.2746 0.2215 0.2971 0.1068  -0.0491 0.0039  4    DA  A OP2   
64  O  "O5'" . DA  A 4  ? 0.2463 0.2166 0.2971 0.0567  -0.0562 -0.0214 4    DA  A "O5'" 
65  C  "C5'" . DA  A 4  ? 0.2406 0.2069 0.2448 0.0588  -0.0369 -0.0165 4    DA  A "C5'" 
66  C  "C4'" . DA  A 4  ? 0.2272 0.1882 0.2066 0.0378  -0.0157 0.0098  4    DA  A "C4'" 
67  O  "O4'" . DA  A 4  ? 0.2308 0.1966 0.1711 0.0381  -0.0078 0.0351  4    DA  A "O4'" 
68  C  "C3'" . DA  A 4  ? 0.2610 0.1767 0.1622 0.0329  -0.0346 0.0179  4    DA  A "C3'" 
69  O  "O3'" . DA  A 4  ? 0.2471 0.1820 0.1882 0.0294  -0.0348 0.0035  4    DA  A "O3'" 
70  C  "C2'" . DA  A 4  ? 0.2556 0.1803 0.1603 0.0157  -0.0145 0.0173  4    DA  A "C2'" 
71  C  "C1'" . DA  A 4  ? 0.1980 0.1846 0.1785 0.0264  -0.0149 0.0279  4    DA  A "C1'" 
72  N  N9    . DA  A 4  ? 0.1862 0.1870 0.1668 0.0181  -0.0273 0.0270  4    DA  A N9    
73  C  C8    . DA  A 4  ? 0.1700 0.2070 0.2190 0.0269  -0.0493 0.0165  4    DA  A C8    
74  N  N7    . DA  A 4  ? 0.1624 0.2132 0.2037 0.0192  -0.0360 0.0034  4    DA  A N7    
75  C  C5    . DA  A 4  ? 0.1591 0.1978 0.1830 0.0339  -0.0202 0.0089  4    DA  A C5    
76  C  C6    . DA  A 4  ? 0.1787 0.1845 0.1925 0.0244  -0.0172 0.0316  4    DA  A C6    
77  N  N6    . DA  A 4  ? 0.1992 0.1819 0.2360 0.0156  -0.0201 0.0420  4    DA  A N6    
78  N  N1    . DA  A 4  ? 0.1550 0.2181 0.1733 0.0290  0.0005  0.0303  4    DA  A N1    
79  C  C2    . DA  A 4  ? 0.1941 0.2312 0.1532 0.0363  -0.0423 0.0257  4    DA  A C2    
80  N  N3    . DA  A 4  ? 0.1682 0.2156 0.1739 0.0222  -0.0189 0.0232  4    DA  A N3    
81  C  C4    . DA  A 4  ? 0.1746 0.1924 0.1528 0.0260  -0.0267 0.0185  4    DA  A C4    
82  P  P     . DA  A 5  ? 0.2561 0.2089 0.2085 0.0239  -0.0408 0.0048  5    DA  A P     
83  O  OP1   . DA  A 5  ? 0.2893 0.2423 0.2472 -0.0197 -0.0304 0.0131  5    DA  A OP1   
84  O  OP2   . DA  A 5  ? 0.2679 0.2278 0.2380 0.0458  -0.0042 -0.0231 5    DA  A OP2   
85  O  "O5'" . DA  A 5  ? 0.2654 0.1850 0.2500 0.0346  -0.0154 0.0192  5    DA  A "O5'" 
86  C  "C5'" . DA  A 5  ? 0.2520 0.2107 0.2070 0.0140  -0.0291 0.0185  5    DA  A "C5'" 
87  C  "C4'" . DA  A 5  ? 0.2798 0.2021 0.1992 0.0214  -0.0300 0.0061  5    DA  A "C4'" 
88  O  "O4'" . DA  A 5  ? 0.2737 0.1833 0.2212 0.0388  -0.0473 -0.0007 5    DA  A "O4'" 
89  C  "C3'" . DA  A 5  ? 0.3010 0.1900 0.2490 0.0076  -0.0255 -0.0114 5    DA  A "C3'" 
90  O  "O3'" . DA  A 5  ? 0.3654 0.2128 0.2883 -0.0254 -0.0385 0.0099  5    DA  A "O3'" 
91  C  "C2'" . DA  A 5  ? 0.3229 0.1787 0.2493 0.0335  -0.0314 -0.0077 5    DA  A "C2'" 
92  C  "C1'" . DA  A 5  ? 0.3508 0.1887 0.2075 0.0552  -0.0426 0.0244  5    DA  A "C1'" 
93  N  N9    . DA  A 5  ? 0.3119 0.1837 0.2021 0.0730  -0.0269 0.0341  5    DA  A N9    
94  C  C8    . DA  A 5  ? 0.3390 0.2048 0.1950 0.0641  0.0028  0.0473  5    DA  A C8    
95  N  N7    . DA  A 5  ? 0.2920 0.1993 0.2161 0.0860  0.0122  0.0370  5    DA  A N7    
96  C  C5    . DA  A 5  ? 0.2614 0.1612 0.2016 0.0645  -0.0007 0.0215  5    DA  A C5    
97  C  C6    . DA  A 5  ? 0.2424 0.1898 0.1967 0.0482  -0.0188 0.0638  5    DA  A C6    
98  N  N6    . DA  A 5  ? 0.2403 0.2263 0.2462 0.0510  -0.0358 0.0624  5    DA  A N6    
99  N  N1    . DA  A 5  ? 0.2590 0.1774 0.1915 0.0384  -0.0025 0.0408  5    DA  A N1    
100 C  C2    . DA  A 5  ? 0.2550 0.1788 0.2124 0.0319  0.0019  0.0476  5    DA  A C2    
101 N  N3    . DA  A 5  ? 0.2660 0.1709 0.2193 0.0421  -0.0117 0.0456  5    DA  A N3    
102 C  C4    . DA  A 5  ? 0.2700 0.1663 0.1993 0.0562  -0.0183 0.0372  5    DA  A C4    
103 P  P     . DA  A 6  ? 0.4251 0.2473 0.2766 -0.0526 -0.1004 0.0081  6    DA  A P     
104 O  OP1   . DA  A 6  ? 0.5897 0.2864 0.4168 0.0681  -0.2203 0.0558  6    DA  A OP1   
105 O  OP2   . DA  A 6  ? 0.5469 0.2641 0.3333 -0.1157 -0.0575 -0.0381 6    DA  A OP2   
106 O  "O5'" . DA  A 6  ? 0.3414 0.2909 0.2866 -0.0595 0.0022  0.0155  6    DA  A "O5'" 
107 C  "C5'" . DA  A 6  ? 0.3164 0.3315 0.3414 0.0374  -0.0642 0.0246  6    DA  A "C5'" 
108 C  "C4'" . DA  A 6  ? 0.3407 0.2703 0.3069 -0.0090 -0.0030 -0.0139 6    DA  A "C4'" 
109 O  "O4'" . DA  A 6  ? 0.4003 0.2283 0.3215 -0.0189 -0.0730 0.0669  6    DA  A "O4'" 
110 C  "C3'" . DA  A 6  ? 0.3940 0.2792 0.3705 -0.0325 -0.0073 -0.0050 6    DA  A "C3'" 
111 O  "O3'" . DA  A 6  ? 0.3379 0.2882 0.3608 -0.0194 -0.0454 0.0358  6    DA  A "O3'" 
112 C  "C2'" . DA  A 6  ? 0.3961 0.2429 0.3796 -0.0065 0.0184  -0.0253 6    DA  A "C2'" 
113 C  "C1'" . DA  A 6  ? 0.4013 0.2018 0.2958 0.0079  -0.0117 0.0304  6    DA  A "C1'" 
114 N  N9    . DA  A 6  ? 0.4040 0.2041 0.2335 0.0076  -0.0034 0.0590  6    DA  A N9    
115 C  C8    . DA  A 6  ? 0.4237 0.1859 0.2365 0.0166  0.0018  0.0313  6    DA  A C8    
116 N  N7    . DA  A 6  ? 0.4168 0.1897 0.2184 0.0176  0.0162  0.0439  6    DA  A N7    
117 C  C5    . DA  A 6  ? 0.3824 0.1723 0.2012 0.0503  0.0171  0.0605  6    DA  A C5    
118 C  C6    . DA  A 6  ? 0.3496 0.1837 0.2118 0.0892  0.0248  0.0413  6    DA  A C6    
119 N  N6    . DA  A 6  ? 0.3542 0.1796 0.2397 0.0802  0.0389  0.0464  6    DA  A N6    
120 N  N1    . DA  A 6  ? 0.3503 0.1687 0.2108 0.0736  0.0213  0.0371  6    DA  A N1    
121 C  C2    . DA  A 6  ? 0.3564 0.2319 0.2086 0.0374  0.0389  0.0466  6    DA  A C2    
122 N  N3    . DA  A 6  ? 0.3615 0.1971 0.2367 0.0524  0.0126  0.0521  6    DA  A N3    
123 C  C4    . DA  A 6  ? 0.3728 0.2009 0.2107 0.0631  -0.0061 0.0720  6    DA  A C4    
124 P  P     . DT  A 7  ? 0.5936 0.3780 0.4238 -0.1871 0.0023  0.0304  7    DT  A P     
125 O  OP1   . DT  A 7  ? 0.4977 0.9377 0.5579 -0.2061 -0.0086 0.3284  7    DT  A OP1   
126 O  OP2   . DT  A 7  ? 0.7519 0.5198 0.6749 -0.3575 -0.2538 0.2072  7    DT  A OP2   
127 O  "O5'" . DT  A 7  ? 0.5037 0.3805 0.5332 0.0549  -0.0163 0.1902  7    DT  A "O5'" 
128 C  "C5'" . DT  A 7  ? 0.3858 0.3436 0.5421 0.0915  0.0656  0.2080  7    DT  A "C5'" 
129 C  "C4'" . DT  A 7  ? 0.2603 0.3163 0.5089 0.0665  0.0858  0.1818  7    DT  A "C4'" 
130 O  "O4'" . DT  A 7  ? 0.2690 0.2716 0.5305 0.0693  0.0992  0.1253  7    DT  A "O4'" 
131 C  "C3'" . DT  A 7  ? 0.2519 0.3083 0.5249 0.0663  0.0234  0.1731  7    DT  A "C3'" 
132 O  "O3'" . DT  A 7  ? 0.2878 0.3801 0.6915 0.0746  0.1956  0.2019  7    DT  A "O3'" 
133 C  "C2'" . DT  A 7  ? 0.2166 0.3133 0.4085 0.0585  -0.0039 0.1647  7    DT  A "C2'" 
134 C  "C1'" . DT  A 7  ? 0.2361 0.2882 0.4408 0.0415  0.0381  0.1256  7    DT  A "C1'" 
135 N  N1    . DT  A 7  ? 0.2274 0.2645 0.3925 0.0427  0.0156  0.1026  7    DT  A N1    
136 C  C2    . DT  A 7  ? 0.2384 0.1616 0.3544 0.0257  0.0223  0.0870  7    DT  A C2    
137 O  O2    . DT  A 7  ? 0.3272 0.2744 0.3335 0.0906  0.0380  0.0955  7    DT  A O2    
138 N  N3    . DT  A 7  ? 0.2409 0.2105 0.3353 0.0503  0.0083  0.0804  7    DT  A N3    
139 C  C4    . DT  A 7  ? 0.2667 0.1945 0.3424 0.1026  -0.0269 0.0643  7    DT  A C4    
140 O  O4    . DT  A 7  ? 0.2621 0.2177 0.2983 0.0644  -0.0010 0.0909  7    DT  A O4    
141 C  C5    . DT  A 7  ? 0.2617 0.2161 0.3326 0.0479  -0.0155 0.1149  7    DT  A C5    
142 C  C7    . DT  A 7  ? 0.2833 0.3146 0.3170 0.0631  -0.0345 0.1118  7    DT  A C7    
143 C  C6    . DT  A 7  ? 0.2452 0.2108 0.3915 0.0506  -0.0301 0.0902  7    DT  A C6    
144 P  P     . DT  A 8  ? 0.3031 0.4655 0.5675 0.1627  0.1147  0.2649  8    DT  A P     
145 O  OP1   . DT  A 8  ? 0.4528 0.5241 0.9719 0.2181  0.2753  0.3881  8    DT  A OP1   
146 O  OP2   . DT  A 8  ? 0.3503 0.7617 0.5975 -0.0671 -0.1169 0.3775  8    DT  A OP2   
147 O  "O5'" . DT  A 8  ? 0.3152 0.3655 0.4987 0.1168  0.0341  0.2005  8    DT  A "O5'" 
148 C  "C5'" . DT  A 8  ? 0.2827 0.3093 0.5031 0.0699  0.1002  0.1653  8    DT  A "C5'" 
149 C  "C4'" . DT  A 8  ? 0.2462 0.2463 0.4506 0.0401  0.0381  0.0573  8    DT  A "C4'" 
150 O  "O4'" . DT  A 8  ? 0.2597 0.2420 0.3472 0.0370  -0.0023 0.0675  8    DT  A "O4'" 
151 C  "C3'" . DT  A 8  ? 0.2932 0.2429 0.3709 0.0395  0.0488  0.0481  8    DT  A "C3'" 
152 O  "O3'" . DT  A 8  ? 0.4018 0.2953 0.3682 -0.0361 0.0894  0.0013  8    DT  A "O3'" 
153 C  "C2'" . DT  A 8  ? 0.2600 0.2317 0.3868 0.0135  0.0346  0.0365  8    DT  A "C2'" 
154 C  "C1'" . DT  A 8  ? 0.2621 0.2068 0.3139 0.0244  0.0029  0.0430  8    DT  A "C1'" 
155 N  N1    . DT  A 8  ? 0.2420 0.2355 0.2759 0.0349  -0.0254 0.0749  8    DT  A N1    
156 C  C2    . DT  A 8  ? 0.2405 0.1732 0.2830 -0.0080 -0.0174 0.0397  8    DT  A C2    
157 O  O2    . DT  A 8  ? 0.2614 0.2082 0.2624 0.0276  -0.0356 0.0564  8    DT  A O2    
158 N  N3    . DT  A 8  ? 0.2215 0.1749 0.2574 0.0079  -0.0469 0.0679  8    DT  A N3    
159 C  C4    . DT  A 8  ? 0.2413 0.2120 0.2651 0.0109  -0.0637 0.0581  8    DT  A C4    
160 O  O4    . DT  A 8  ? 0.2684 0.2045 0.2556 0.0330  -0.0486 0.0793  8    DT  A O4    
161 C  C5    . DT  A 8  ? 0.2380 0.1756 0.2875 0.0066  -0.0622 0.0631  8    DT  A C5    
162 C  C7    . DT  A 8  ? 0.2668 0.4228 0.2900 -0.0231 -0.0897 0.0734  8    DT  A C7    
163 C  C6    . DT  A 8  ? 0.2626 0.2119 0.3112 -0.0034 -0.0378 0.0483  8    DT  A C6    
164 P  P     . DC  A 9  ? 0.4597 0.3082 0.4833 0.0573  0.2126  0.0659  9    DC  A P     
165 O  OP1   . DC  A 9  ? 0.6819 0.3475 0.7175 -0.1606 0.3909  -0.0193 9    DC  A OP1   
166 O  OP2   . DC  A 9  ? 0.4085 0.4035 0.8360 0.1978  0.2194  0.2473  9    DC  A OP2   
167 O  "O5'" . DC  A 9  ? 0.3094 0.3302 0.4830 0.1372  0.1390  0.1341  9    DC  A "O5'" 
168 C  "C5'" . DC  A 9  ? 0.2911 0.2817 0.2992 0.0532  -0.0026 0.0578  9    DC  A "C5'" 
169 C  "C4'" . DC  A 9  ? 0.2511 0.3566 0.3952 0.1056  -0.0241 -0.0301 9    DC  A "C4'" 
170 O  "O4'" . DC  A 9  ? 0.2457 0.4186 0.3626 0.1011  -0.0612 -0.0625 9    DC  A "O4'" 
171 C  "C3'" . DC  A 9  ? 0.2660 0.3276 0.4567 0.0876  -0.0657 -0.0059 9    DC  A "C3'" 
172 O  "O3'" . DC  A 9  ? 0.4337 0.3291 0.4711 0.0595  -0.1596 0.0336  9    DC  A "O3'" 
173 C  "C2'" . DC  A 9  ? 0.2622 0.3380 0.5030 0.0380  -0.0708 0.0737  9    DC  A "C2'" 
174 C  "C1'" . DC  A 9  ? 0.2347 0.4720 0.4484 0.0733  -0.1188 0.0570  9    DC  A "C1'" 
175 N  N1    . DC  A 9  ? 0.2120 0.5388 0.4571 0.0442  -0.0963 0.0837  9    DC  A N1    
176 C  C2    . DC  A 9  ? 0.2856 0.5380 0.4450 -0.0598 -0.1667 0.0593  9    DC  A C2    
177 O  O2    . DC  A 9  ? 0.3245 0.5421 0.5896 -0.0731 -0.1133 0.0030  9    DC  A O2    
178 N  N3    . DC  A 9  ? 0.3369 0.6370 0.4716 -0.0490 -0.0760 0.1142  9    DC  A N3    
179 C  C4    . DC  A 9  ? 0.2044 0.6069 0.4172 -0.0554 -0.1443 0.1693  9    DC  A C4    
180 N  N4    . DC  A 9  ? 0.3129 0.7127 0.4973 0.0081  -0.0084 0.2579  9    DC  A N4    
181 C  C5    . DC  A 9  ? 0.2842 0.5816 0.4358 -0.0243 -0.1237 0.1587  9    DC  A C5    
182 C  C6    . DC  A 9  ? 0.2882 0.5179 0.4201 0.0068  -0.0474 0.1160  9    DC  A C6    
183 P  P     . DC  A 10 ? 0.2416 0.2991 0.5666 0.0068  -0.0223 0.0034  10   DC  A P     
184 O  OP1   . DC  A 10 ? 0.2068 0.5453 0.7102 -0.0836 0.1072  0.0652  10   DC  A OP1   
185 O  OP2   . DC  A 10 ? 0.7873 0.3285 0.8892 -0.2126 0.2912  -0.2491 10   DC  A OP2   
186 O  "O5'" . DC  A 10 ? 0.2287 0.3603 0.5906 0.0247  -0.0753 0.1441  10   DC  A "O5'" 
187 C  "C5'" . DC  A 10 ? 0.1838 0.3202 0.4080 -0.0096 -0.0078 0.1043  10   DC  A "C5'" 
188 C  "C4'" . DC  A 10 ? 0.2036 0.2399 0.2285 0.0239  0.0027  0.0414  10   DC  A "C4'" 
189 O  "O4'" . DC  A 10 ? 0.1889 0.2273 0.2556 0.0339  0.0157  0.0501  10   DC  A "O4'" 
190 C  "C3'" . DC  A 10 ? 0.2033 0.2148 0.2155 0.0148  -0.0079 0.0255  10   DC  A "C3'" 
191 O  "O3'" . DC  A 10 ? 0.2341 0.2237 0.2292 0.0464  -0.0302 0.0070  10   DC  A "O3'" 
192 C  "C2'" . DC  A 10 ? 0.1966 0.2176 0.2038 0.0254  -0.0173 0.0471  10   DC  A "C2'" 
193 C  "C1'" . DC  A 10 ? 0.1811 0.1998 0.2325 0.0264  -0.0018 0.0370  10   DC  A "C1'" 
194 N  N1    . DC  A 10 ? 0.1697 0.1850 0.2214 0.0188  -0.0243 0.0534  10   DC  A N1    
195 C  C2    . DC  A 10 ? 0.1699 0.1869 0.2161 0.0142  -0.0315 0.0251  10   DC  A C2    
196 O  O2    . DC  A 10 ? 0.1625 0.1932 0.1996 0.0062  -0.0188 0.0235  10   DC  A O2    
197 N  N3    . DC  A 10 ? 0.1745 0.1754 0.2111 0.0082  -0.0333 0.0415  10   DC  A N3    
198 C  C4    . DC  A 10 ? 0.1897 0.2042 0.2240 0.0173  -0.0427 0.0412  10   DC  A C4    
199 N  N4    . DC  A 10 ? 0.2058 0.2022 0.2335 0.0122  -0.0560 0.0284  10   DC  A N4    
200 C  C5    . DC  A 10 ? 0.1665 0.2393 0.2584 0.0039  -0.0407 0.0299  10   DC  A C5    
201 C  C6    . DC  A 10 ? 0.1747 0.2209 0.2485 0.0312  -0.0219 0.0523  10   DC  A C6    
202 P  P     . DC  A 11 ? 0.2296 0.2968 0.2286 0.0564  0.0102  0.0332  11   DC  A P     
203 O  OP1   . DC  A 11 ? 0.3305 0.2836 0.2331 0.0462  0.0067  -0.0046 11   DC  A OP1   
204 O  OP2   . DC  A 11 ? 0.2467 0.3564 0.2945 0.0521  0.0899  0.0467  11   DC  A OP2   
205 O  "O5'" . DC  A 11 ? 0.2348 0.2707 0.2222 0.0652  0.0176  0.0558  11   DC  A "O5'" 
206 C  "C5'" . DC  A 11 ? 0.2176 0.2523 0.2150 0.0414  -0.0260 0.0297  11   DC  A "C5'" 
207 C  "C4'" . DC  A 11 ? 0.2036 0.2410 0.1945 0.0357  -0.0032 0.0523  11   DC  A "C4'" 
208 O  "O4'" . DC  A 11 ? 0.1989 0.2235 0.1991 0.0213  -0.0057 0.0506  11   DC  A "O4'" 
209 C  "C3'" . DC  A 11 ? 0.2028 0.2631 0.2196 0.0514  0.0151  0.0814  11   DC  A "C3'" 
210 O  "O3'" . DC  A 11 ? 0.2041 0.2560 0.2251 0.0553  0.0218  0.0680  11   DC  A "O3'" 
211 C  "C2'" . DC  A 11 ? 0.1838 0.2823 0.2419 0.0263  0.0323  0.0845  11   DC  A "C2'" 
212 C  "C1'" . DC  A 11 ? 0.2023 0.1962 0.2273 0.0343  0.0081  0.0569  11   DC  A "C1'" 
213 N  N1    . DC  A 11 ? 0.1897 0.1872 0.2455 0.0242  -0.0114 0.0578  11   DC  A N1    
214 C  C2    . DC  A 11 ? 0.1816 0.1850 0.2420 -0.0182 -0.0259 0.0613  11   DC  A C2    
215 O  O2    . DC  A 11 ? 0.1863 0.2085 0.1992 -0.0026 -0.0242 0.0369  11   DC  A O2    
216 N  N3    . DC  A 11 ? 0.1803 0.1809 0.2428 0.0228  -0.0363 0.0218  11   DC  A N3    
217 C  C4    . DC  A 11 ? 0.1828 0.1796 0.3136 0.0120  -0.0320 0.0399  11   DC  A C4    
218 N  N4    . DC  A 11 ? 0.1666 0.2203 0.3461 0.0240  -0.0451 0.0144  11   DC  A N4    
219 C  C5    . DC  A 11 ? 0.1651 0.2504 0.3336 0.0023  -0.0067 0.0744  11   DC  A C5    
220 C  C6    . DC  A 11 ? 0.2011 0.2906 0.3034 0.0681  0.0008  0.0727  11   DC  A C6    
221 P  P     . DG  A 12 ? 0.2586 0.3804 0.2079 0.0682  0.0018  0.0612  12   DG  A P     
222 O  OP1   . DG  A 12 ? 0.2217 0.4299 0.2392 0.0910  -0.0347 -0.0623 12   DG  A OP1   
223 O  OP2   . DG  A 12 ? 0.3169 0.5449 0.3064 0.1795  0.0915  0.2550  12   DG  A OP2   
224 O  "O5'" . DG  A 12 ? 0.1966 0.3047 0.2249 0.0936  0.0291  0.0672  12   DG  A "O5'" 
225 C  "C5'" . DG  A 12 ? 0.2122 0.2748 0.2347 0.0587  0.0096  0.0287  12   DG  A "C5'" 
226 C  "C4'" . DG  A 12 ? 0.1828 0.2304 0.1839 0.0141  -0.0081 0.0312  12   DG  A "C4'" 
227 O  "O4'" . DG  A 12 ? 0.1889 0.2668 0.2124 0.0054  -0.0491 0.0542  12   DG  A "O4'" 
228 C  "C3'" . DG  A 12 ? 0.1910 0.2178 0.1668 0.0142  -0.0194 0.0249  12   DG  A "C3'" 
229 O  "O3'" . DG  A 12 ? 0.1913 0.2103 0.1691 0.0064  -0.0147 0.0221  12   DG  A "O3'" 
230 C  "C2'" . DG  A 12 ? 0.1899 0.2442 0.2032 -0.0034 -0.0229 0.0459  12   DG  A "C2'" 
231 C  "C1'" . DG  A 12 ? 0.1924 0.2437 0.2225 0.0041  -0.0412 0.0309  12   DG  A "C1'" 
232 N  N9    . DG  A 12 ? 0.1863 0.2568 0.2316 0.0075  -0.0333 0.0411  12   DG  A N9    
233 C  C8    . DG  A 12 ? 0.2083 0.2815 0.2487 0.0201  -0.0185 0.0211  12   DG  A C8    
234 N  N7    . DG  A 12 ? 0.1960 0.2693 0.2839 0.0046  -0.0027 0.0017  12   DG  A N7    
235 C  C5    . DG  A 12 ? 0.1635 0.1961 0.2724 0.0011  -0.0292 -0.0025 12   DG  A C5    
236 C  C6    . DG  A 12 ? 0.1601 0.2093 0.2998 -0.0096 -0.0332 0.0527  12   DG  A C6    
237 O  O6    . DG  A 12 ? 0.1556 0.2874 0.3351 0.0063  -0.0412 0.0167  12   DG  A O6    
238 N  N1    . DG  A 12 ? 0.1546 0.1876 0.2790 0.0055  -0.0591 0.0110  12   DG  A N1    
239 C  C2    . DG  A 12 ? 0.1602 0.1635 0.2469 -0.0006 -0.0454 0.0129  12   DG  A C2    
240 N  N2    . DG  A 12 ? 0.2025 0.1937 0.2387 0.0327  -0.0472 -0.0048 12   DG  A N2    
241 N  N3    . DG  A 12 ? 0.1607 0.2159 0.2396 0.0103  -0.0467 0.0072  12   DG  A N3    
242 C  C4    . DG  A 12 ? 0.1671 0.1824 0.2458 -0.0067 -0.0337 0.0099  12   DG  A C4    
243 RH RH    A R1C B .  ? 0.1851 0.1693 0.1591 0.0277  0.0423  0.0255  1001 R1C A RH    
244 N  N5    A R1C B .  ? 0.2270 0.1526 0.1908 -0.0712 0.0237  0.0021  1001 R1C A N5    
245 N  N6    A R1C B .  ? 0.1838 0.2091 0.2377 0.0646  -0.0041 -0.0428 1001 R1C A N6    
246 C  C21   A R1C B .  ? 0.2116 0.1129 0.1860 -0.0122 0.0117  0.0470  1001 R1C A C21   
247 C  C22   A R1C B .  ? 0.1927 0.1123 0.2039 0.0270  -0.0129 0.0554  1001 R1C A C22   
248 C  C23   A R1C B .  ? 0.2071 0.1027 0.2262 0.0000  0.0085  0.0358  1001 R1C A C23   
249 C  C24   A R1C B .  ? 0.1960 0.1403 0.2542 0.0069  0.0061  0.0136  1001 R1C A C24   
250 C  C25   A R1C B .  ? 0.2081 0.1816 0.2479 -0.0440 0.0060  0.0114  1001 R1C A C25   
251 C  C26   A R1C B .  ? 0.1987 0.2001 0.2410 0.0316  -0.0018 0.0407  1001 R1C A C26   
252 C  C27   A R1C B .  ? 0.2023 0.2314 0.2897 0.0309  0.0058  -0.0096 1001 R1C A C27   
253 C  C28   A R1C B .  ? 0.1872 0.2329 0.2854 -0.0017 0.0252  0.0108  1001 R1C A C28   
254 C  C29   A R1C B .  ? 0.2015 0.1184 0.2842 0.0284  0.0109  0.0090  1001 R1C A C29   
255 C  C30   A R1C B .  ? 0.2120 0.1651 0.2787 0.0487  0.0150  0.0162  1001 R1C A C30   
256 C  C31   A R1C B .  ? 0.2163 0.1012 0.2642 0.0411  0.0162  0.0309  1001 R1C A C31   
257 C  C32   A R1C B .  ? 0.2177 0.1556 0.2459 0.0185  0.0155  0.0075  1001 R1C A C32   
258 C  C33   A R1C B .  ? 0.2119 0.1575 0.2300 0.0503  0.0172  -0.0133 1001 R1C A C33   
259 C  C34   A R1C B .  ? 0.2597 0.1756 0.2247 0.0395  0.0314  0.0064  1001 R1C A C34   
260 C  C35   A R1C B .  ? 0.2766 0.1455 0.2032 0.0378  0.0353  0.0018  1001 R1C A C35   
261 C  C36   A R1C B .  ? 0.2623 0.1301 0.2073 0.0533  0.0221  0.0044  1001 R1C A C36   
262 C  C37   A R1C B .  ? 0.2153 0.1551 0.2241 0.0460  0.0160  -0.0410 1001 R1C A C37   
263 C  C38   A R1C B .  ? 0.2049 0.1726 0.2270 0.0471  0.0097  -0.0093 1001 R1C A C38   
264 N  N1    A R1C B .  ? 0.1811 0.1147 0.1402 0.0545  0.0938  -0.0124 1001 R1C A N1    
265 N  N2    A R1C B .  ? 0.1735 0.1539 0.1101 0.0511  0.1057  0.0490  1001 R1C A N2    
266 N  N3    A R1C B .  ? 0.2378 0.3481 0.1999 0.0733  0.1180  0.1305  1001 R1C A N3    
267 N  N4    A R1C B .  ? 0.1791 0.2328 0.2248 0.0503  0.0041  0.0739  1001 R1C A N4    
268 C  C1    A R1C B .  ? 0.1569 0.1151 0.1436 0.0481  0.1553  0.0477  1001 R1C A C1    
269 C  C2    A R1C B .  ? 0.1868 0.1205 0.1679 0.0389  0.1303  0.0545  1001 R1C A C2    
270 C  C3    A R1C B .  ? 0.1990 0.1176 0.1048 0.0316  0.1166  0.0489  1001 R1C A C3    
271 C  C4    A R1C B .  ? 0.2097 0.1183 0.0738 0.0430  0.0865  -0.0092 1001 R1C A C4    
272 C  C5    A R1C B .  ? 0.1933 0.1390 0.0761 0.0380  0.0764  0.0298  1001 R1C A C5    
273 C  C6    A R1C B .  ? 0.1820 0.1389 0.1804 0.0613  0.0783  0.0009  1001 R1C A C6    
274 C  C7    A R1C B .  ? 0.2135 0.1564 0.1953 0.0358  0.0313  0.0161  1001 R1C A C7    
275 C  C8    A R1C B .  ? 0.1912 0.1564 0.1524 0.0150  0.0291  0.0197  1001 R1C A C8    
276 C  C9    A R1C B .  ? 0.1975 0.1423 0.0770 0.0339  0.0277  -0.0282 1001 R1C A C9    
277 C  C10   A R1C B .  ? 0.1775 0.1313 0.1253 0.0327  0.0533  0.0288  1001 R1C A C10   
278 C  C11   A R1C B .  ? 0.3225 0.3659 0.2141 -0.0085 0.0708  0.1494  1001 R1C A C11   
279 C  C12   A R1C B .  ? 0.2719 0.3986 0.2111 0.0215  0.0980  0.1226  1001 R1C A C12   
280 C  C13   A R1C B .  ? 0.2329 0.4012 0.1622 0.0585  0.0811  0.1147  1001 R1C A C13   
281 C  C14   A R1C B .  ? 0.2303 0.4123 0.1641 0.0489  0.0329  0.0927  1001 R1C A C14   
282 C  C15   A R1C B .  ? 0.2295 0.3458 0.1711 0.0329  0.0755  0.1010  1001 R1C A C15   
283 C  C16   A R1C B .  ? 0.1649 0.2785 0.2114 0.0436  -0.0236 0.0603  1001 R1C A C16   
284 C  C17   A R1C B .  ? 0.1573 0.2747 0.1575 0.0791  0.0007  0.0097  1001 R1C A C17   
285 C  C18   A R1C B .  ? 0.1347 0.2663 0.1805 0.0514  0.0136  0.0523  1001 R1C A C18   
286 C  C19   A R1C B .  ? 0.1803 0.2858 0.0864 0.0435  0.0746  0.0717  1001 R1C A C19   
287 C  C20   A R1C B .  ? 0.1704 0.2745 0.1671 0.0715  0.0785  0.0446  1001 R1C A C20   
288 RH RH    B R1C C .  ? 0.2316 0.1743 0.1785 0.0438  0.0601  0.0268  2011 R1C A RH    
289 N  N5    B R1C C .  ? 0.2008 0.0851 0.1781 0.0402  0.0457  0.0017  2011 R1C A N5    
290 N  N6    B R1C C .  ? 0.1714 0.1580 0.1379 -0.0082 0.0449  0.0333  2011 R1C A N6    
291 C  C21   B R1C C .  ? 0.1530 0.1251 0.1688 0.0624  0.0250  0.0210  2011 R1C A C21   
292 C  C22   B R1C C .  ? 0.1696 0.1355 0.1525 0.0235  0.0422  0.0191  2011 R1C A C22   
293 C  C23   B R1C C .  ? 0.1830 0.1929 0.1835 0.0388  0.0420  -0.0228 2011 R1C A C23   
294 C  C24   B R1C C .  ? 0.2141 0.0774 0.1692 0.0506  0.0277  0.0079  2011 R1C A C24   
295 C  C25   B R1C C .  ? 0.2016 0.1927 0.2119 0.0545  0.0031  -0.0342 2011 R1C A C25   
296 C  C26   B R1C C .  ? 0.2505 0.1275 0.2387 0.0230  -0.0204 -0.0368 2011 R1C A C26   
297 C  C27   B R1C C .  ? 0.3199 0.1296 0.2170 -0.0079 -0.0187 -0.0133 2011 R1C A C27   
298 C  C28   B R1C C .  ? 0.3305 0.1495 0.1635 0.0341  0.0046  0.0299  2011 R1C A C28   
299 C  C29   B R1C C .  ? 0.2728 0.1156 0.1701 0.0736  0.0312  -0.0008 2011 R1C A C29   
300 C  C30   B R1C C .  ? 0.2855 0.1355 0.1677 0.0793  0.0649  0.0088  2011 R1C A C30   
301 C  C31   B R1C C .  ? 0.2436 0.1942 0.1992 0.0760  0.0754  -0.0072 2011 R1C A C31   
302 C  C32   B R1C C .  ? 0.1884 0.1684 0.1908 0.0574  0.0581  -0.0095 2011 R1C A C32   
303 C  C33   B R1C C .  ? 0.1682 0.1112 0.2157 0.0450  0.0561  0.0205  2011 R1C A C33   
304 C  C34   B R1C C .  ? 0.1744 0.1400 0.2563 0.0653  0.0528  0.0318  2011 R1C A C34   
305 C  C35   B R1C C .  ? 0.1682 0.1647 0.3050 0.0898  0.0283  0.0080  2011 R1C A C35   
306 C  C36   B R1C C .  ? 0.1656 0.1768 0.2903 0.0246  0.0213  -0.0016 2011 R1C A C36   
307 C  C37   B R1C C .  ? 0.1643 0.1371 0.2506 0.0231  0.0165  -0.0001 2011 R1C A C37   
308 C  C38   B R1C C .  ? 0.1653 0.1016 0.2050 0.0332  0.0333  0.0133  2011 R1C A C38   
309 N  N1    B R1C C .  ? 0.2715 0.2347 0.1596 0.0367  0.0570  0.0945  2011 R1C A N1    
310 N  N2    B R1C C .  ? 0.3069 0.2848 0.2179 0.0370  0.0572  0.1531  2011 R1C A N2    
311 N  N3    B R1C C .  ? 0.2291 0.1287 0.1376 0.0441  0.0051  0.0187  2011 R1C A N3    
312 N  N4    B R1C C .  ? 0.1451 0.1457 0.2176 0.0574  0.1561  0.0041  2011 R1C A N4    
313 C  C1    B R1C C .  ? 0.1888 0.2194 0.1612 0.0471  0.0610  0.0796  2011 R1C A C1    
314 C  C2    B R1C C .  ? 0.1926 0.2259 0.1458 0.0418  0.0964  0.0888  2011 R1C A C2    
315 C  C3    B R1C C .  ? 0.1732 0.2181 0.1501 0.0844  0.0835  0.0872  2011 R1C A C3    
316 C  C4    B R1C C .  ? 0.1693 0.2410 0.1790 0.0588  0.0376  0.0790  2011 R1C A C4    
317 C  C5    B R1C C .  ? 0.1637 0.2444 0.1820 0.0742  0.0016  0.0794  2011 R1C A C5    
318 C  C6    B R1C C .  ? 0.2604 0.2769 0.1809 0.0098  0.0036  0.1077  2011 R1C A C6    
319 C  C7    B R1C C .  ? 0.2280 0.3638 0.1476 0.0795  0.0505  0.0776  2011 R1C A C7    
320 C  C8    B R1C C .  ? 0.2278 0.3707 0.1737 0.0689  0.0229  0.1005  2011 R1C A C8    
321 C  C9    B R1C C .  ? 0.2706 0.3642 0.2270 0.0236  0.0540  0.1260  2011 R1C A C9    
322 C  C10   B R1C C .  ? 0.3334 0.3137 0.2047 0.0230  0.0759  0.1557  2011 R1C A C10   
323 C  C11   B R1C C .  ? 0.2157 0.1346 0.1722 0.0600  0.0704  0.0077  2011 R1C A C11   
324 C  C12   B R1C C .  ? 0.2153 0.1350 0.1393 0.0674  0.0477  -0.0008 2011 R1C A C12   
325 C  C13   B R1C C .  ? 0.1780 0.1367 0.1761 0.0678  0.0445  0.0033  2011 R1C A C13   
326 C  C14   B R1C C .  ? 0.1764 0.1314 0.1758 0.0601  0.0330  -0.0073 2011 R1C A C14   
327 C  C15   B R1C C .  ? 0.1533 0.1480 0.1478 0.0566  0.1029  0.0255  2011 R1C A C15   
328 C  C16   B R1C C .  ? 0.1712 0.1180 0.0758 0.0368  0.0481  0.0092  2011 R1C A C16   
329 C  C17   B R1C C .  ? 0.2026 0.1104 0.1361 0.0526  0.0759  -0.0031 2011 R1C A C17   
330 C  C18   B R1C C .  ? 0.2099 0.1031 0.1409 0.0608  0.0995  0.0400  2011 R1C A C18   
331 C  C19   B R1C C .  ? 0.1570 0.1633 0.1850 0.0693  0.1672  0.0148  2011 R1C A C19   
332 C  C20   B R1C C .  ? 0.1462 0.1314 0.1508 0.0258  0.1313  -0.0154 2011 R1C A C20   
333 RH RH    . R1C D .  ? 0.2004 0.1841 0.1991 0.0185  -0.0186 0.0183  1002 R1C A RH    
334 N  N5    . R1C D .  ? 0.1561 0.2232 0.1759 0.0027  0.0115  0.0303  1002 R1C A N5    
335 N  N6    . R1C D .  ? 0.1655 0.1795 0.1979 0.0201  -0.0273 0.0276  1002 R1C A N6    
336 C  C21   . R1C D .  ? 0.1957 0.1490 0.1812 0.0123  -0.0027 0.0306  1002 R1C A C21   
337 C  C22   . R1C D .  ? 0.1937 0.1451 0.1921 0.0207  -0.0199 0.0351  1002 R1C A C22   
338 C  C23   . R1C D .  ? 0.1843 0.1827 0.1819 0.0189  -0.0218 0.0635  1002 R1C A C23   
339 C  C24   . R1C D .  ? 0.1816 0.1706 0.2095 0.0046  -0.0271 0.0568  1002 R1C A C24   
340 C  C25   . R1C D .  ? 0.1827 0.1992 0.2364 0.0042  -0.0207 0.0447  1002 R1C A C25   
341 C  C26   . R1C D .  ? 0.1803 0.2135 0.2242 0.0127  -0.0302 0.0674  1002 R1C A C26   
342 C  C27   . R1C D .  ? 0.2035 0.1716 0.2489 0.0151  -0.0431 0.0453  1002 R1C A C27   
343 C  C28   . R1C D .  ? 0.2184 0.1911 0.2169 0.0084  -0.0512 0.0353  1002 R1C A C28   
344 C  C29   . R1C D .  ? 0.1928 0.1844 0.2193 0.0334  -0.0429 0.0484  1002 R1C A C29   
345 C  C30   . R1C D .  ? 0.2137 0.2020 0.1935 0.0253  -0.0462 0.0480  1002 R1C A C30   
346 C  C31   . R1C D .  ? 0.2037 0.1854 0.1826 0.0105  -0.0263 0.0497  1002 R1C A C31   
347 C  C32   . R1C D .  ? 0.1897 0.1617 0.1850 0.0013  -0.0186 0.0359  1002 R1C A C32   
348 C  C33   . R1C D .  ? 0.1934 0.1544 0.1727 0.0269  -0.0161 0.0290  1002 R1C A C33   
349 C  C34   . R1C D .  ? 0.1935 0.2010 0.1726 0.0202  -0.0109 0.0424  1002 R1C A C34   
350 C  C35   . R1C D .  ? 0.1913 0.1962 0.1864 0.0127  -0.0217 0.0689  1002 R1C A C35   
351 C  C36   . R1C D .  ? 0.1889 0.1696 0.2053 0.0151  -0.0179 0.0357  1002 R1C A C36   
352 C  C37   . R1C D .  ? 0.1845 0.1658 0.1967 0.0030  -0.0174 0.0379  1002 R1C A C37   
353 C  C38   . R1C D .  ? 0.1896 0.1821 0.1629 0.0000  -0.0140 0.0379  1002 R1C A C38   
354 N  N1    . R1C D .  ? 0.1686 0.1859 0.1776 0.0041  -0.0128 0.0342  1002 R1C A N1    
355 N  N2    . R1C D .  ? 0.2338 0.1831 0.2284 0.0214  -0.0245 0.0204  1002 R1C A N2    
356 N  N3    . R1C D .  ? 0.2360 0.1805 0.2241 0.0347  0.0062  0.0337  1002 R1C A N3    
357 N  N4    . R1C D .  ? 0.2285 0.1544 0.2662 0.0160  0.0058  0.0066  1002 R1C A N4    
358 C  C1    . R1C D .  ? 0.1872 0.1849 0.1738 0.0081  -0.0054 0.0381  1002 R1C A C1    
359 C  C2    . R1C D .  ? 0.1829 0.1885 0.1679 0.0331  -0.0153 0.0074  1002 R1C A C2    
360 C  C3    . R1C D .  ? 0.1698 0.1969 0.1708 0.0243  -0.0141 0.0221  1002 R1C A C3    
361 C  C4    . R1C D .  ? 0.1698 0.1922 0.1664 0.0304  -0.0138 0.0173  1002 R1C A C4    
362 C  C5    . R1C D .  ? 0.1506 0.1883 0.1879 0.0138  -0.0062 0.0260  1002 R1C A C5    
363 C  C6    . R1C D .  ? 0.1863 0.2080 0.1974 0.0035  -0.0223 0.0180  1002 R1C A C6    
364 C  C7    . R1C D .  ? 0.2031 0.2270 0.2190 0.0397  -0.0393 -0.0156 1002 R1C A C7    
365 C  C8    . R1C D .  ? 0.2391 0.2455 0.2362 0.0169  -0.0626 -0.0153 1002 R1C A C8    
366 C  C9    . R1C D .  ? 0.2651 0.2291 0.2090 0.0476  -0.0063 -0.0326 1002 R1C A C9    
367 C  C10   . R1C D .  ? 0.2178 0.2128 0.2376 0.0259  -0.0205 0.0076  1002 R1C A C10   
368 C  C11   . R1C D .  ? 0.1957 0.2208 0.2302 0.0320  0.0060  0.0157  1002 R1C A C11   
369 C  C12   . R1C D .  ? 0.1913 0.2403 0.3094 0.0478  0.0017  0.0192  1002 R1C A C12   
370 C  C13   . R1C D .  ? 0.2308 0.2351 0.3631 0.0577  0.0413  0.0179  1002 R1C A C13   
371 C  C14   . R1C D .  ? 0.2523 0.2358 0.2676 0.0636  0.0246  0.0090  1002 R1C A C14   
372 C  C15   . R1C D .  ? 0.2251 0.2053 0.2035 0.0526  0.0007  0.0062  1002 R1C A C15   
373 C  C16   . R1C D .  ? 0.2458 0.1831 0.2334 0.0380  -0.0262 0.0129  1002 R1C A C16   
374 C  C17   . R1C D .  ? 0.3270 0.2094 0.2872 0.0765  0.0630  0.0488  1002 R1C A C17   
375 C  C18   . R1C D .  ? 0.3401 0.1955 0.3141 0.0513  0.0324  0.0372  1002 R1C A C18   
376 C  C19   . R1C D .  ? 0.3064 0.1724 0.2833 0.0179  0.0027  0.0400  1002 R1C A C19   
377 C  C20   . R1C D .  ? 0.2839 0.1590 0.2469 0.0089  0.0050  0.0265  1002 R1C A C20   
378 O  O     . HOH E .  ? 0.1813 0.2219 0.2058 0.0269  -0.0315 0.0381  2012 HOH A O     
379 O  O     . HOH E .  ? 0.3436 0.2557 0.2309 -0.0829 0.0440  -0.0298 2013 HOH A O     
380 O  O     . HOH E .  ? 0.3587 0.2372 0.2038 -0.0529 -0.0331 0.0612  2014 HOH A O     
381 O  O     . HOH E .  ? 0.3405 0.2629 0.2874 0.1274  -0.0240 0.0194  2015 HOH A O     
382 O  O     . HOH E .  ? 0.2868 0.3055 0.3229 -0.0034 0.0140  0.0182  2016 HOH A O     
383 O  O     . HOH E .  ? 0.2567 0.5154 0.3956 0.1223  0.0010  0.0161  2017 HOH A O     
384 O  O     . HOH E .  ? 0.3597 0.2997 0.2835 0.0666  -0.0071 -0.0327 2018 HOH A O     
385 O  O     . HOH E .  ? 0.2613 0.3187 0.3730 0.0352  -0.0814 -0.0800 2019 HOH A O     
386 O  O     . HOH E .  ? 0.3032 0.2311 0.4783 0.0689  0.0030  0.0923  2020 HOH A O     
387 O  O     . HOH E .  ? 0.3334 0.3389 0.3909 0.0708  0.0479  0.0297  2021 HOH A O     
388 O  O     . HOH E .  ? 0.3972 0.5131 0.3892 -0.1203 0.0242  -0.0762 2022 HOH A O     
389 O  O     . HOH E .  ? 0.2995 0.4686 0.4284 0.0494  -0.1885 0.0039  2023 HOH A O     
390 O  O     . HOH E .  ? 0.5004 0.5598 0.5608 -0.0380 -0.3129 -0.0672 2024 HOH A O     
391 O  O     . HOH E .  ? 0.3009 0.3098 0.3629 0.0544  0.0091  -0.0280 2025 HOH A O     
392 O  O     . HOH E .  ? 0.3143 0.2541 0.3077 0.0203  -0.0360 0.0021  2026 HOH A O     
393 O  O     . HOH E .  ? 0.2984 0.3145 0.2575 0.0214  -0.0580 0.0455  2027 HOH A O     
394 O  O     . HOH E .  ? 0.2273 0.3389 0.3463 0.0098  -0.0529 0.0609  2028 HOH A O     
395 O  O     . HOH E .  ? 0.6349 0.4455 0.3417 0.1719  -0.0980 -0.0587 2029 HOH A O     
396 O  O     . HOH E .  ? 0.4979 0.4482 0.2682 0.0403  -0.0254 0.0636  2030 HOH A O     
397 O  O     . HOH E .  ? 0.3703 0.3667 0.4005 0.1405  0.0073  -0.0633 2031 HOH A O     
398 O  O     . HOH E .  ? 0.2671 0.3456 0.4221 0.0670  -0.0577 -0.0304 2032 HOH A O     
399 O  O     . HOH E .  ? 0.4690 0.2109 0.3320 0.1154  0.1145  0.0282  2033 HOH A O     
400 O  O     . HOH E .  ? 0.4355 0.6982 0.3256 -0.1230 -0.0523 0.0261  2034 HOH A O     
401 O  O     . HOH E .  ? 0.3698 0.3926 0.4800 0.1209  -0.1507 -0.0687 2035 HOH A O     
402 O  O     . HOH E .  ? 0.3785 0.4937 0.2629 0.0215  -0.1249 -0.0319 2036 HOH A O     
403 O  O     . HOH E .  ? 0.5783 0.3814 0.3882 -0.0123 0.0489  -0.1065 2037 HOH A O     
404 O  O     . HOH E .  ? 0.3075 0.6094 0.4619 0.0490  0.0400  0.1290  2038 HOH A O     
405 O  O     . HOH E .  ? 0.3272 0.5188 0.3312 0.0282  -0.0669 0.0715  2039 HOH A O     
406 O  O     . HOH E .  ? 0.3887 0.3242 0.3878 0.0243  -0.0316 0.0101  2040 HOH A O     
407 O  O     . HOH E .  ? 0.4124 0.5092 0.3089 0.1437  0.0291  -0.0590 2041 HOH A O     
408 O  O     . HOH E .  ? 0.3533 0.4811 0.4994 -0.0631 0.1618  0.1132  2042 HOH A O     
409 O  O     . HOH E .  ? 0.3181 0.2345 0.7178 0.0686  0.1160  0.0765  2043 HOH A O     
410 O  O     . HOH E .  ? 0.4280 0.4022 0.5032 0.1341  0.0768  0.0364  2044 HOH A O     
411 O  O     . HOH E .  ? 0.5224 0.3583 0.3463 -0.0972 -0.0548 -0.0458 2045 HOH A O     
412 O  O     . HOH E .  ? 0.3276 0.4303 0.4215 -0.0470 -0.0185 0.0314  2046 HOH A O     
413 O  O     . HOH E .  ? 0.9066 0.4124 0.6569 0.1946  -0.0035 0.0774  2047 HOH A O     
414 O  O     . HOH E .  ? 0.5448 0.3914 0.3382 0.0151  -0.1429 -0.0769 2048 HOH A O     
415 O  O     . HOH E .  ? 0.7280 0.2164 0.3673 0.0044  -0.0746 -0.0725 2049 HOH A O     
416 O  O     . HOH E .  ? 0.3514 0.5252 0.4530 0.1452  0.1177  0.1470  2050 HOH A O     
417 O  O     . HOH E .  ? 0.5208 0.7408 0.4771 0.2710  0.0889  0.2056  2051 HOH A O     
418 O  O     . HOH E .  ? 0.6719 0.7593 0.2290 0.0526  0.0412  0.0092  2052 HOH A O     
419 O  O     . HOH E .  ? 0.4086 0.5163 0.6658 0.0201  -0.0766 0.2319  2053 HOH A O     
420 O  O     . HOH E .  ? 0.4893 0.4987 0.5070 -0.1067 -0.0575 -0.0443 2054 HOH A O     
421 O  O     . HOH E .  ? 0.6029 0.7092 0.4881 -0.0443 -0.0949 -0.0841 2055 HOH A O     
422 O  O     . HOH E .  ? 0.4575 0.4432 0.5163 0.1586  -0.0654 0.0960  2056 HOH A O     
423 O  O     . HOH E .  ? 0.3782 0.7678 0.8647 -0.0923 0.0122  -0.0999 2057 HOH A O     
424 O  O     . HOH E .  ? 0.8287 0.5619 0.5510 -0.0339 0.0067  0.2809  2058 HOH A O     
425 O  O     . HOH E .  ? 0.9161 0.4418 0.4160 -0.1101 -0.0737 0.0081  2059 HOH A O     
426 O  O     . HOH E .  ? 0.3335 0.4230 0.3858 0.0570  0.0717  0.0264  2060 HOH A O     
427 O  O     . HOH E .  ? 0.5365 0.5898 0.6774 0.1712  0.0549  0.0143  2061 HOH A O     
428 O  O     . HOH E .  ? 0.5293 0.6422 0.4769 0.2478  0.2083  0.1967  2062 HOH A O     
429 O  O     . HOH E .  ? 0.5905 0.3535 0.6650 0.1304  0.0907  -0.0944 2063 HOH A O     
430 O  O     . HOH E .  ? 0.7503 0.4541 0.5030 -0.0025 0.1182  -0.1166 2064 HOH A O     
431 O  O     . HOH E .  ? 0.8669 0.5588 0.5247 -0.1149 -0.1745 0.0776  2065 HOH A O     
432 O  O     . HOH E .  ? 0.5614 0.5641 0.3688 0.0716  -0.1525 0.0250  2066 HOH A O     
433 O  O     . HOH E .  ? 0.4481 0.3256 0.7282 0.0078  -0.1302 0.0206  2067 HOH A O     
434 O  O     . HOH E .  ? 0.6600 0.4354 0.7609 -0.1467 -0.1150 -0.0091 2068 HOH A O     
435 O  O     . HOH E .  ? 0.8866 0.2734 0.4718 0.0728  0.0880  0.0029  2069 HOH A O     
436 O  O     . HOH E .  ? 0.3621 0.4142 0.7493 -0.0766 -0.0997 0.1254  2070 HOH A O     
437 O  O     . HOH E .  ? 0.8468 0.5991 0.9996 0.3754  0.1633  0.2248  2071 HOH A O     
438 O  O     . HOH E .  ? 0.7563 0.8359 0.4891 -0.0511 -0.2577 0.0804  2072 HOH A O     
439 O  O     . HOH E .  ? 0.3005 0.8216 0.6343 0.0583  -0.0923 -0.0429 2073 HOH A O     
440 O  O     . HOH E .  ? 0.5314 0.4616 0.3481 -0.1649 -0.1419 -0.0139 2074 HOH A O     
441 O  O     . HOH E .  ? 0.7879 0.4020 0.6844 -0.0734 -0.1380 -0.0442 2075 HOH A O     
442 O  O     . HOH E .  ? 0.5498 0.3391 0.7698 0.0274  -0.1540 0.0703  2076 HOH A O     
443 O  O     . HOH E .  ? 0.5570 1.0407 0.6929 0.1074  -0.1683 -0.0813 2077 HOH A O     
444 O  O     . HOH E .  ? 0.3556 0.5197 0.4917 -0.0175 0.0183  0.0050  2078 HOH A O     
445 O  O     . HOH E .  ? 0.9899 0.5268 0.7589 -0.1231 0.0718  -0.1143 2079 HOH A O     
446 O  O     . HOH E .  ? 0.6793 0.6985 0.4833 0.2596  0.0911  -0.0276 2080 HOH A O     
447 O  O     . HOH E .  ? 0.6111 0.6869 0.5560 -0.0841 0.0036  -0.0747 2081 HOH A O     
448 O  O     . HOH E .  ? 0.4815 0.7034 0.4556 0.1974  -0.0747 0.1498  2082 HOH A O     
449 O  O     . HOH E .  ? 0.2620 0.4647 0.5659 0.0890  0.0337  -0.1287 2083 HOH A O     
450 O  O     . HOH E .  ? 0.7731 0.8217 0.6134 -0.2155 0.0782  -0.0778 2084 HOH A O     
451 O  O     . HOH E .  ? 0.6438 1.1197 0.6881 -0.0373 0.0186  -0.1028 2085 HOH A O     
452 O  O     . HOH E .  ? 0.6383 0.6642 0.6584 0.1310  0.0479  -0.2652 2086 HOH A O     
# 
